data_9D30
#
_entry.id   9D30
#
_cell.length_a   1.00
_cell.length_b   1.00
_cell.length_c   1.00
_cell.angle_alpha   90.00
_cell.angle_beta   90.00
_cell.angle_gamma   90.00
#
_symmetry.space_group_name_H-M   'P 1'
#
loop_
_entity.id
_entity.type
_entity.pdbx_description
1 polymer 'Mycocerosic acid synthase'
2 non-polymer N-[2-(hexadecanoylamino)ethyl]-N~3~-[(2R)-2-hydroxy-3,3-dimethyl-4-(phosphonooxy)butanoyl]-beta-alaninamide
#
_entity_poly.entity_id   1
_entity_poly.type   'polypeptide(L)'
_entity_poly.pdbx_seq_one_letter_code
;MESRVTPVAVIGMGCRLPGGINSPDKLWESLLRGDDLVTEIPPDRWDADDYYDPEPGVPGRSVSRWGGFLDDVAGFDAEF
FGISEREATSIDPQQRLLLETSWEAIEHAGLDPASLAGSSTAVFTGLTHEDYLVLTTTAGGLASPYVVTGLNNSVASGRI
AHTLGLHGPAMTFDTACSSGLMAVHLACRSLHDGEADLALAGGCAVLLEPHASVAASAQGMLSSTGRCHSFDADADGFVR
SEGCAMVLLKRLPDALRDGNRIFAVVRGTATNQDGRTETLTMPSEDAQVAVYRAALAAAGVQPETVGVVEAHGTGTPIGD
PIEYRSLARVYGAGTPCALGSAKSNMGHSTASAGTVGLIKAILSLRHGVVPPLLHFNRLPDELSDVETGLFVPQAVTPWP
NGNDHTPKRVAVSSFGMSGTNVHAIVEEAPAEASAPESSPGDAEVGPRLFMLSSTSSDALRQTARQLATWVEEHQDCVAA
SDLAYTLARGRAHRPVRTAVVAANLPELVEGLREVADGDALYDAAVGHGDRGPVWVFSGQGSQWAAMGTQLLASEPVFAA
TIAKLEPVIAAESGFSVTEAITAQQTVTGIDKVQPAVFAVQVALAATMEQTYGVRPGAVVGHSMGESAAAVVAGALSLED
AARVICRRSKLMTRIAGAGAMGSVELPAKQVNSELMARGIDDVVVSVVASPQSTVIGGTSDTVRDLIARWEQRDVMAREV
AVDVASHSPQVDPILDDLAAALADIAPMTPKVPYYSATLFDPREQPVCDGAYWVDNLRNTVQFAAAVQAAMEDGYRVFAE
LSPHPLLTHAVEQTGRSLDMSVAALAGMRREQPLPHGLRGLLTELHRAGAALDYSALYPAGRLVDAPLPAWTHARLFIDD
DGQEQRAQGACTITVHPLLGSHVRLTEEPERHVWQGDVGTSVLSWLSDHQVHNVAALPGAAYCEMALAAAAEVFGEAAEV
RDITFEQMLLLDEQTPIDAVASIDAPGVVNFTVETNRDGETTRHATAALRAAEDDCPPPGYDITALLQAHPHAVNGTAMR
ESFAERGVTLGAAFGGLTTAHTAEAGAATVLAEVALPASIRFQQGAYRIHPALLDACFQSVGAGVQAGTATGGLLLPLGV
RSLRAYGPTRNARYCYTRLTKAFNDGTRGGEADLDVLDEHGTVLLAVRGLRMGTGTSERDERDRLVSERLLTLGWQQRAL
PEVGDGEAGSWLLIDTSNAVDTPDMLASTLTDALKSHGPQGTECASLSWSVQDTPPNDQAGLEKLGSQLRGRDGVVIVYG
PRVGDPDEHSLLAGREQVRHLVRITRELAEFEGELPRLFVVTRQAQIVKPHDSGERANLEQAGLRGLLRVISSEHPMLRT
TLIDVDEHTDVERVAQQLLSGSEEDETAWRNGDWYVARLTPSPLGHEERRTAVLDPDHDGMRVQVRRPGDLQTLEFVASD
RVPPGPGQIEVAVSMSSINFADVLIAFGRFPIIDDREPQLGMDFVGVVTAVGEGVTGHQVGDRVGGFSEGGCWRTFLTCD
ANLAVTLPPGLTDEQAITAATAHATAWYGLNDLAQIKAGDKVLIHSATGGVGQAAISIARAKGAEIFATAGNPAKRAMLR
DMGVEHVYDSRSVEFAEQIRRDTDGYGVDIVLNSLTGAAQRAGLELLAFGGRFVEIGKADVYGNTRLGLFPFRRGLTFYY
LDLALMSVTQPDRVRELLATVFKLTADGVLTAPQCTHYPLAEAADAIRAMSNAEHTGKLVLDVPRSGRRSVAVTPEQAPL
YRRDGSYIITGGLGGLGLFFASKLAAAGCGRIVLTARSQPNPKARQTIEGLRAAGADIVVECGNIAEPDTADRLVSAATA
TGLPLRGVLHSAAVVEDATLTNITDELIDRDWSPKVFGSWNLHRATLGQPLDWFCLFSSGAALLGSPGQGAYAAANSWVD
VFAHWRRAQGLPVSAIAWGAWGEVGRATFLAEGGEIMITPEEGAYAFETLVRHDRAYSGYIPILGAPWLADLVRRSPWGE
MFASTGQRSRGPSKFRMELLSLPQDEWAGRLRRLLVEQASVILRRTIDADRSFIEYGLDSLGMLEMRTHVETETGIRLTP
KVIATNNTARALAQYLADTLAEEQAAAPAASKLAAALEHHHHHH
;
_entity_poly.pdbx_strand_id   A,B
#
# COMPACT_ATOMS: atom_id res chain seq x y z
N THR A 892 9.18 13.02 -28.13
CA THR A 892 8.27 11.97 -27.61
C THR A 892 8.68 11.56 -26.20
N ILE A 893 9.79 10.84 -26.09
CA ILE A 893 10.28 10.36 -24.80
C ILE A 893 11.01 11.48 -24.08
N THR A 894 10.71 11.65 -22.79
CA THR A 894 11.36 12.66 -21.98
C THR A 894 11.73 12.13 -20.60
N VAL A 895 11.76 10.81 -20.42
CA VAL A 895 11.99 10.24 -19.10
C VAL A 895 13.38 10.61 -18.62
N HIS A 896 13.53 10.66 -17.30
CA HIS A 896 14.85 10.88 -16.72
C HIS A 896 15.70 9.62 -16.89
N PRO A 897 17.00 9.75 -17.16
CA PRO A 897 17.79 8.55 -17.47
C PRO A 897 17.92 7.58 -16.30
N LEU A 898 18.32 8.06 -15.11
CA LEU A 898 18.48 7.17 -13.98
C LEU A 898 17.13 6.64 -13.50
N LEU A 899 16.25 7.54 -13.09
CA LEU A 899 14.95 7.11 -12.57
C LEU A 899 14.16 6.34 -13.62
N GLY A 900 14.13 6.85 -14.84
CA GLY A 900 13.34 6.23 -15.89
C GLY A 900 11.91 6.73 -15.85
N SER A 901 10.97 5.79 -15.88
CA SER A 901 9.56 6.16 -15.91
C SER A 901 9.16 6.87 -14.62
N HIS A 902 8.18 7.76 -14.74
CA HIS A 902 7.54 8.40 -13.60
C HIS A 902 6.04 8.16 -13.71
N VAL A 903 5.47 7.53 -12.69
CA VAL A 903 4.05 7.21 -12.66
C VAL A 903 3.46 7.77 -11.38
N ARG A 904 2.30 8.40 -11.51
CA ARG A 904 1.64 9.07 -10.39
C ARG A 904 0.50 8.20 -9.88
N LEU A 905 0.51 7.92 -8.58
CA LEU A 905 -0.56 7.21 -7.92
C LEU A 905 -1.44 8.20 -7.19
N THR A 906 -2.76 8.02 -7.30
CA THR A 906 -3.71 8.87 -6.61
C THR A 906 -4.14 8.30 -5.26
N GLU A 907 -3.75 7.07 -4.95
CA GLU A 907 -4.11 6.48 -3.67
C GLU A 907 -3.41 7.21 -2.53
N GLU A 908 -4.12 7.38 -1.43
CA GLU A 908 -3.51 8.00 -0.27
C GLU A 908 -2.89 6.95 0.63
N PRO A 909 -1.70 7.18 1.19
CA PRO A 909 -0.86 8.39 1.05
C PRO A 909 -0.35 8.51 -0.37
N GLU A 910 -0.26 9.72 -0.91
CA GLU A 910 0.09 9.88 -2.31
C GLU A 910 1.53 9.43 -2.54
N ARG A 911 1.72 8.58 -3.55
CA ARG A 911 3.01 7.99 -3.84
C ARG A 911 3.42 8.28 -5.27
N HIS A 912 4.67 8.69 -5.45
CA HIS A 912 5.31 8.77 -6.75
C HIS A 912 6.22 7.56 -6.90
N VAL A 913 5.97 6.75 -7.91
CA VAL A 913 6.72 5.52 -8.14
C VAL A 913 7.60 5.73 -9.37
N TRP A 914 8.90 5.55 -9.20
CA TRP A 914 9.85 5.64 -10.29
C TRP A 914 10.46 4.27 -10.55
N GLN A 915 10.43 3.85 -11.81
CA GLN A 915 11.03 2.60 -12.22
C GLN A 915 11.91 2.84 -13.44
N GLY A 916 12.96 2.04 -13.56
CA GLY A 916 13.86 2.16 -14.69
C GLY A 916 14.99 1.16 -14.57
N ASP A 917 15.83 1.15 -15.60
CA ASP A 917 17.01 0.30 -15.66
C ASP A 917 18.26 1.15 -15.50
N VAL A 918 19.13 0.74 -14.59
CA VAL A 918 20.39 1.44 -14.34
C VAL A 918 21.59 0.59 -14.76
N GLY A 919 21.37 -0.39 -15.62
CA GLY A 919 22.45 -1.27 -16.04
C GLY A 919 23.49 -0.57 -16.89
N THR A 920 24.67 -1.18 -16.95
CA THR A 920 25.76 -0.60 -17.73
C THR A 920 25.39 -0.55 -19.21
N SER A 921 24.74 -1.59 -19.72
CA SER A 921 24.43 -1.64 -21.14
C SER A 921 23.66 -0.42 -21.61
N VAL A 922 22.82 0.15 -20.74
CA VAL A 922 22.08 1.35 -21.11
C VAL A 922 22.95 2.58 -20.95
N LEU A 923 23.47 2.80 -19.76
CA LEU A 923 24.38 3.91 -19.48
C LEU A 923 25.80 3.38 -19.51
N SER A 924 26.50 3.62 -20.62
CA SER A 924 27.85 3.11 -20.76
C SER A 924 28.79 3.73 -19.72
N TRP A 925 28.67 5.04 -19.50
CA TRP A 925 29.62 5.72 -18.62
C TRP A 925 29.55 5.19 -17.19
N LEU A 926 28.42 4.62 -16.81
CA LEU A 926 28.26 4.12 -15.43
C LEU A 926 29.49 3.25 -15.20
N SER A 927 29.88 2.47 -16.18
CA SER A 927 31.05 1.57 -16.03
C SER A 927 32.33 2.38 -15.91
N ASP A 928 32.83 2.55 -14.71
CA ASP A 928 34.06 3.32 -14.41
C ASP A 928 34.26 3.36 -12.89
N HIS A 929 33.21 3.17 -12.07
CA HIS A 929 33.35 3.05 -10.60
C HIS A 929 33.67 1.58 -10.29
N GLN A 930 34.54 0.96 -11.07
CA GLN A 930 34.98 -0.44 -10.81
C GLN A 930 35.61 -0.52 -9.41
N VAL A 931 34.88 -0.68 -8.31
CA VAL A 931 35.51 -0.85 -6.97
C VAL A 931 36.16 -2.23 -6.96
N HIS A 932 37.48 -2.32 -6.92
CA HIS A 932 38.15 -3.61 -7.05
C HIS A 932 37.77 -4.28 -8.36
N ASN A 933 37.63 -3.47 -9.42
CA ASN A 933 37.39 -3.96 -10.77
C ASN A 933 36.02 -4.64 -10.88
N VAL A 934 34.99 -3.92 -10.47
CA VAL A 934 33.61 -4.33 -10.73
C VAL A 934 32.73 -3.09 -10.64
N ALA A 935 31.82 -2.95 -11.60
CA ALA A 935 31.00 -1.75 -11.69
C ALA A 935 30.18 -1.57 -10.43
N ALA A 936 30.00 -0.30 -10.03
CA ALA A 936 29.22 0.01 -8.84
C ALA A 936 28.63 1.40 -8.99
N LEU A 937 27.39 1.55 -8.58
CA LEU A 937 26.69 2.83 -8.72
C LEU A 937 27.17 3.81 -7.66
N PRO A 938 27.76 4.95 -8.02
CA PRO A 938 28.27 5.87 -7.01
C PRO A 938 27.15 6.50 -6.20
N GLY A 939 27.48 6.88 -4.97
CA GLY A 939 26.52 7.59 -4.14
C GLY A 939 26.05 8.89 -4.75
N ALA A 940 26.92 9.53 -5.53
CA ALA A 940 26.50 10.70 -6.28
C ALA A 940 25.27 10.41 -7.13
N ALA A 941 25.18 9.19 -7.65
CA ALA A 941 23.98 8.81 -8.38
C ALA A 941 22.74 8.89 -7.50
N TYR A 942 22.84 8.40 -6.27
CA TYR A 942 21.72 8.49 -5.34
C TYR A 942 21.37 9.94 -5.06
N CYS A 943 22.38 10.79 -4.86
CA CYS A 943 22.10 12.21 -4.62
C CYS A 943 21.35 12.83 -5.79
N GLU A 944 21.84 12.59 -7.01
CA GLU A 944 21.19 13.18 -8.18
C GLU A 944 19.77 12.64 -8.34
N MET A 945 19.58 11.35 -8.12
CA MET A 945 18.26 10.76 -8.26
C MET A 945 17.29 11.34 -7.24
N ALA A 946 17.75 11.49 -5.99
CA ALA A 946 16.90 12.11 -4.98
C ALA A 946 16.56 13.54 -5.36
N LEU A 947 17.53 14.28 -5.91
CA LEU A 947 17.25 15.65 -6.31
C LEU A 947 16.21 15.69 -7.42
N ALA A 948 16.32 14.79 -8.39
CA ALA A 948 15.33 14.75 -9.46
C ALA A 948 13.94 14.42 -8.90
N ALA A 949 13.87 13.47 -7.98
CA ALA A 949 12.59 13.14 -7.37
C ALA A 949 12.01 14.33 -6.62
N ALA A 950 12.85 15.05 -5.89
CA ALA A 950 12.38 16.22 -5.16
C ALA A 950 11.86 17.27 -6.12
N ALA A 951 12.59 17.52 -7.20
CA ALA A 951 12.14 18.49 -8.19
C ALA A 951 10.79 18.08 -8.75
N GLU A 952 10.64 16.81 -9.12
CA GLU A 952 9.38 16.35 -9.70
C GLU A 952 8.22 16.52 -8.72
N VAL A 953 8.42 16.08 -7.47
CA VAL A 953 7.31 16.07 -6.52
C VAL A 953 6.94 17.48 -6.10
N PHE A 954 7.94 18.34 -5.86
CA PHE A 954 7.69 19.68 -5.34
C PHE A 954 8.07 20.77 -6.34
N GLY A 955 8.27 20.42 -7.61
CA GLY A 955 8.68 21.43 -8.56
C GLY A 955 10.08 21.93 -8.26
N GLU A 956 10.43 23.03 -8.91
CA GLU A 956 11.76 23.61 -8.76
C GLU A 956 11.91 24.24 -7.37
N ALA A 957 13.17 24.34 -6.94
CA ALA A 957 13.55 25.02 -5.70
C ALA A 957 13.16 24.24 -4.46
N ALA A 958 12.94 22.94 -4.57
CA ALA A 958 12.67 22.07 -3.43
C ALA A 958 13.81 21.06 -3.29
N GLU A 959 14.26 20.85 -2.07
CA GLU A 959 15.48 20.10 -1.81
C GLU A 959 15.22 19.04 -0.74
N VAL A 960 16.25 18.23 -0.49
CA VAL A 960 16.13 17.03 0.33
C VAL A 960 17.00 17.19 1.57
N ARG A 961 16.76 16.32 2.55
CA ARG A 961 17.47 16.37 3.82
C ARG A 961 17.87 14.96 4.24
N ASP A 962 18.92 14.90 5.07
CA ASP A 962 19.39 13.68 5.72
C ASP A 962 19.35 12.47 4.79
N ILE A 963 20.12 12.56 3.71
CA ILE A 963 20.31 11.42 2.82
C ILE A 963 21.07 10.33 3.57
N THR A 964 20.87 9.05 3.15
CA THR A 964 21.63 7.89 3.68
C THR A 964 21.94 6.88 2.57
N PHE A 965 23.12 6.27 2.54
CA PHE A 965 23.50 5.18 1.62
C PHE A 965 23.50 3.94 2.51
N GLU A 966 23.05 2.78 2.07
CA GLU A 966 22.83 1.59 2.93
C GLU A 966 23.46 0.32 2.42
N GLN A 967 23.45 0.09 1.15
CA GLN A 967 24.13 -1.08 0.56
C GLN A 967 24.70 -0.59 -0.75
N MET A 968 25.73 -1.24 -1.26
CA MET A 968 26.33 -0.86 -2.54
C MET A 968 25.55 -1.62 -3.61
N LEU A 969 25.96 -1.54 -4.88
CA LEU A 969 25.31 -2.32 -5.94
C LEU A 969 26.37 -3.11 -6.71
N LEU A 970 25.95 -3.83 -7.75
CA LEU A 970 26.86 -4.64 -8.60
C LEU A 970 26.68 -4.31 -10.08
N LEU A 971 25.49 -3.95 -10.56
CA LEU A 971 25.36 -3.53 -11.96
C LEU A 971 26.02 -4.53 -12.91
N ASP A 972 25.50 -5.76 -12.92
CA ASP A 972 26.10 -6.76 -13.78
C ASP A 972 25.99 -6.38 -15.25
N GLU A 973 24.78 -6.48 -15.83
CA GLU A 973 24.51 -5.92 -17.14
C GLU A 973 23.29 -5.02 -17.08
N GLN A 974 22.21 -5.56 -16.50
CA GLN A 974 20.95 -4.85 -16.31
C GLN A 974 20.60 -4.90 -14.83
N THR A 975 20.01 -3.83 -14.34
CA THR A 975 19.70 -3.69 -12.91
C THR A 975 18.43 -2.87 -12.77
N PRO A 976 17.27 -3.52 -12.66
CA PRO A 976 16.04 -2.76 -12.40
C PRO A 976 16.16 -2.01 -11.09
N ILE A 977 15.64 -0.79 -11.08
CA ILE A 977 15.65 0.07 -9.91
C ILE A 977 14.25 0.61 -9.69
N ASP A 978 13.81 0.66 -8.44
CA ASP A 978 12.41 0.89 -8.13
C ASP A 978 12.22 2.07 -7.18
N ALA A 979 12.87 3.18 -7.47
CA ALA A 979 12.76 4.35 -6.60
C ALA A 979 11.30 4.73 -6.39
N VAL A 980 10.92 4.96 -5.14
CA VAL A 980 9.55 5.29 -4.78
C VAL A 980 9.57 6.39 -3.73
N ALA A 981 8.68 7.37 -3.89
CA ALA A 981 8.51 8.47 -2.94
C ALA A 981 7.06 8.51 -2.50
N SER A 982 6.86 8.74 -1.20
CA SER A 982 5.53 8.68 -0.62
C SER A 982 5.24 9.97 0.14
N ILE A 983 4.01 10.46 0.00
CA ILE A 983 3.53 11.62 0.77
C ILE A 983 2.86 11.04 2.01
N ASP A 984 3.67 10.83 3.05
CA ASP A 984 3.11 10.25 4.28
C ASP A 984 2.15 11.20 4.96
N ALA A 985 2.56 12.44 5.14
CA ALA A 985 1.73 13.47 5.75
C ALA A 985 1.95 14.78 5.02
N PRO A 986 0.99 15.70 5.07
CA PRO A 986 1.18 16.99 4.40
C PRO A 986 2.43 17.69 4.90
N GLY A 987 3.18 18.26 3.96
CA GLY A 987 4.38 19.00 4.29
C GLY A 987 5.60 18.15 4.58
N VAL A 988 5.48 16.82 4.52
CA VAL A 988 6.61 15.92 4.78
C VAL A 988 6.43 14.69 3.92
N VAL A 989 7.53 14.24 3.30
CA VAL A 989 7.52 13.08 2.43
C VAL A 989 8.78 12.26 2.68
N ASN A 990 8.75 11.02 2.22
CA ASN A 990 9.88 10.11 2.33
C ASN A 990 10.17 9.51 0.96
N PHE A 991 11.46 9.28 0.71
CA PHE A 991 11.92 8.75 -0.56
C PHE A 991 12.90 7.61 -0.29
N THR A 992 12.70 6.49 -0.98
CA THR A 992 13.51 5.30 -0.80
C THR A 992 13.76 4.63 -2.14
N VAL A 993 14.99 4.19 -2.35
CA VAL A 993 15.39 3.50 -3.58
C VAL A 993 15.81 2.10 -3.20
N GLU A 994 15.27 1.11 -3.90
CA GLU A 994 15.53 -0.28 -3.57
C GLU A 994 15.48 -1.13 -4.83
N THR A 995 16.17 -2.25 -4.78
CA THR A 995 16.17 -3.24 -5.85
C THR A 995 15.49 -4.51 -5.35
N ASN A 996 14.49 -4.97 -6.09
CA ASN A 996 13.71 -6.14 -5.70
C ASN A 996 14.05 -7.36 -6.53
N ARG A 997 15.22 -7.36 -7.17
CA ARG A 997 15.64 -8.52 -7.95
C ARG A 997 16.06 -9.65 -7.01
N ASP A 998 16.11 -10.85 -7.57
CA ASP A 998 16.52 -12.08 -6.90
C ASP A 998 15.52 -12.53 -5.85
N GLY A 999 14.39 -11.86 -5.70
CA GLY A 999 13.37 -12.26 -4.75
C GLY A 999 13.39 -11.56 -3.41
N GLU A 1000 14.23 -10.54 -3.24
CA GLU A 1000 14.28 -9.81 -1.98
C GLU A 1000 14.62 -8.36 -2.27
N THR A 1001 14.29 -7.50 -1.32
CA THR A 1001 14.53 -6.07 -1.45
C THR A 1001 15.84 -5.68 -0.78
N THR A 1002 16.30 -4.47 -1.10
CA THR A 1002 17.54 -3.94 -0.52
C THR A 1002 17.43 -2.41 -0.54
N ARG A 1003 17.14 -1.83 0.62
CA ARG A 1003 16.94 -0.39 0.70
C ARG A 1003 18.27 0.33 0.59
N HIS A 1004 18.71 0.58 -0.65
CA HIS A 1004 20.05 1.13 -0.86
C HIS A 1004 20.21 2.50 -0.23
N ALA A 1005 19.19 3.35 -0.35
CA ALA A 1005 19.29 4.69 0.20
C ALA A 1005 17.92 5.17 0.64
N THR A 1006 17.89 5.89 1.76
CA THR A 1006 16.68 6.50 2.30
C THR A 1006 16.85 8.01 2.30
N ALA A 1007 15.74 8.73 2.14
CA ALA A 1007 15.81 10.17 1.95
C ALA A 1007 14.53 10.83 2.44
N ALA A 1008 14.62 12.13 2.68
CA ALA A 1008 13.48 12.98 2.97
C ALA A 1008 13.52 14.16 2.01
N LEU A 1009 12.39 14.44 1.35
CA LEU A 1009 12.34 15.44 0.29
C LEU A 1009 11.45 16.63 0.65
N ARG A 1010 11.28 16.91 1.96
CA ARG A 1010 10.54 18.10 2.34
C ARG A 1010 11.20 19.33 1.74
N ALA A 1011 10.41 20.14 1.02
CA ALA A 1011 10.97 21.30 0.34
C ALA A 1011 11.75 22.18 1.30
N ALA A 1012 11.04 22.79 2.26
CA ALA A 1012 11.66 23.57 3.32
C ALA A 1012 12.64 24.62 2.77
N GLU A 1013 12.33 25.18 1.61
CA GLU A 1013 13.15 26.22 1.02
C GLU A 1013 12.30 27.43 0.68
N ASP A 1014 12.93 28.60 0.71
CA ASP A 1014 12.29 29.88 0.44
C ASP A 1014 13.07 30.61 -0.65
N ASP A 1015 12.51 31.75 -1.08
CA ASP A 1015 13.13 32.57 -2.12
C ASP A 1015 14.24 33.42 -1.49
N CYS A 1016 15.27 32.73 -1.01
CA CYS A 1016 16.43 33.35 -0.40
C CYS A 1016 17.68 32.85 -1.12
N PRO A 1017 18.15 33.55 -2.15
CA PRO A 1017 19.27 33.03 -2.93
C PRO A 1017 20.51 32.88 -2.07
N PRO A 1018 21.32 31.86 -2.30
CA PRO A 1018 22.53 31.68 -1.51
C PRO A 1018 23.59 32.68 -1.92
N PRO A 1019 24.44 33.10 -0.99
CA PRO A 1019 25.55 34.00 -1.36
C PRO A 1019 26.66 33.25 -2.07
N GLY A 1020 27.43 34.00 -2.85
CA GLY A 1020 28.54 33.44 -3.60
C GLY A 1020 29.84 33.45 -2.80
N TYR A 1021 30.92 33.14 -3.50
CA TYR A 1021 32.26 33.17 -2.94
C TYR A 1021 33.18 33.98 -3.83
N ASP A 1022 34.17 34.61 -3.22
CA ASP A 1022 35.09 35.48 -3.94
C ASP A 1022 36.21 34.65 -4.56
N ILE A 1023 36.25 34.60 -5.89
CA ILE A 1023 37.29 33.85 -6.59
C ILE A 1023 38.66 34.41 -6.25
N THR A 1024 38.80 35.73 -6.33
CA THR A 1024 40.10 36.36 -6.11
C THR A 1024 40.59 36.17 -4.68
N ALA A 1025 39.72 35.80 -3.75
CA ALA A 1025 40.12 35.57 -2.38
C ALA A 1025 40.46 34.10 -2.14
N LEU A 1026 39.55 33.19 -2.48
CA LEU A 1026 39.80 31.77 -2.25
C LEU A 1026 40.98 31.28 -3.08
N LEU A 1027 41.08 31.71 -4.33
CA LEU A 1027 42.19 31.29 -5.18
C LEU A 1027 43.52 31.74 -4.58
N GLN A 1028 43.59 32.99 -4.13
CA GLN A 1028 44.84 33.52 -3.58
C GLN A 1028 45.12 32.96 -2.19
N ALA A 1029 44.12 32.46 -1.49
CA ALA A 1029 44.33 31.97 -0.13
C ALA A 1029 45.18 30.71 -0.12
N HIS A 1030 44.87 29.77 -1.02
CA HIS A 1030 45.51 28.45 -1.02
C HIS A 1030 45.99 28.10 -2.42
N PRO A 1031 46.93 28.87 -2.96
CA PRO A 1031 47.44 28.57 -4.31
C PRO A 1031 48.52 27.50 -4.34
N HIS A 1032 49.06 27.09 -3.20
CA HIS A 1032 50.11 26.08 -3.18
C HIS A 1032 49.61 24.81 -3.84
N ALA A 1033 50.20 24.48 -4.99
CA ALA A 1033 49.68 23.43 -5.84
C ALA A 1033 49.96 22.04 -5.27
N VAL A 1034 49.21 21.06 -5.77
CA VAL A 1034 49.42 19.67 -5.43
C VAL A 1034 48.99 18.83 -6.62
N ASN A 1035 49.63 17.66 -6.78
CA ASN A 1035 49.41 16.79 -7.93
C ASN A 1035 48.06 16.09 -7.77
N GLY A 1036 47.00 16.80 -8.15
CA GLY A 1036 45.67 16.25 -8.03
C GLY A 1036 45.44 15.03 -8.90
N THR A 1037 45.94 15.06 -10.13
CA THR A 1037 45.79 13.89 -11.01
C THR A 1037 46.51 12.68 -10.44
N ALA A 1038 47.73 12.88 -9.93
CA ALA A 1038 48.43 11.77 -9.29
C ALA A 1038 47.70 11.32 -8.03
N MET A 1039 47.07 12.26 -7.31
CA MET A 1039 46.26 11.87 -6.16
C MET A 1039 45.11 10.95 -6.60
N ARG A 1040 44.45 11.31 -7.70
CA ARG A 1040 43.38 10.45 -8.21
C ARG A 1040 43.93 9.09 -8.61
N GLU A 1041 45.10 9.07 -9.25
CA GLU A 1041 45.69 7.80 -9.69
C GLU A 1041 45.99 6.91 -8.48
N SER A 1042 46.61 7.49 -7.45
CA SER A 1042 46.92 6.70 -6.25
C SER A 1042 45.65 6.24 -5.55
N PHE A 1043 44.65 7.11 -5.46
CA PHE A 1043 43.38 6.73 -4.85
C PHE A 1043 42.73 5.59 -5.64
N ALA A 1044 42.85 5.63 -6.97
CA ALA A 1044 42.34 4.53 -7.79
C ALA A 1044 43.10 3.24 -7.49
N GLU A 1045 44.44 3.31 -7.47
CA GLU A 1045 45.22 2.14 -7.10
C GLU A 1045 44.82 1.60 -5.74
N ARG A 1046 44.34 2.47 -4.85
CA ARG A 1046 44.00 2.05 -3.51
C ARG A 1046 42.89 1.00 -3.49
N GLY A 1047 42.15 0.84 -4.58
CA GLY A 1047 41.16 -0.20 -4.65
C GLY A 1047 39.88 0.16 -5.39
N VAL A 1048 39.56 1.44 -5.46
CA VAL A 1048 38.36 1.91 -6.16
C VAL A 1048 38.81 2.83 -7.28
N THR A 1049 38.66 2.36 -8.51
CA THR A 1049 39.09 3.12 -9.67
C THR A 1049 38.01 4.09 -10.13
N LEU A 1050 38.43 5.07 -10.92
CA LEU A 1050 37.52 6.07 -11.46
C LEU A 1050 37.31 5.97 -12.96
N GLY A 1051 38.15 5.23 -13.67
CA GLY A 1051 37.95 5.13 -15.10
C GLY A 1051 38.11 6.48 -15.77
N ALA A 1052 37.33 6.69 -16.84
CA ALA A 1052 37.41 7.90 -17.64
C ALA A 1052 36.25 8.85 -17.37
N ALA A 1053 35.02 8.35 -17.40
CA ALA A 1053 33.85 9.21 -17.29
C ALA A 1053 33.89 10.03 -16.01
N PHE A 1054 34.44 9.48 -14.93
CA PHE A 1054 34.46 10.16 -13.65
C PHE A 1054 35.66 11.07 -13.47
N GLY A 1055 36.24 11.56 -14.56
CA GLY A 1055 37.32 12.51 -14.46
C GLY A 1055 36.80 13.87 -14.03
N GLY A 1056 37.36 14.92 -14.59
CA GLY A 1056 36.93 16.27 -14.24
C GLY A 1056 37.69 16.86 -13.09
N LEU A 1057 37.83 16.10 -12.00
CA LEU A 1057 38.65 16.55 -10.88
C LEU A 1057 40.04 16.88 -11.40
N THR A 1058 40.42 18.15 -11.34
CA THR A 1058 41.66 18.63 -11.92
C THR A 1058 42.73 18.77 -10.85
N THR A 1059 43.99 18.79 -11.30
CA THR A 1059 45.11 19.04 -10.41
C THR A 1059 44.77 20.16 -9.43
N ALA A 1060 44.96 19.88 -8.14
CA ALA A 1060 44.43 20.73 -7.08
C ALA A 1060 45.56 21.52 -6.42
N HIS A 1061 45.15 22.41 -5.52
CA HIS A 1061 46.07 23.26 -4.76
C HIS A 1061 45.50 23.45 -3.36
N THR A 1062 46.40 23.49 -2.37
CA THR A 1062 45.98 23.57 -0.98
C THR A 1062 47.02 24.36 -0.20
N ALA A 1063 46.60 24.89 0.95
CA ALA A 1063 47.56 25.52 1.85
C ALA A 1063 48.59 24.51 2.32
N GLU A 1064 48.14 23.30 2.66
CA GLU A 1064 49.03 22.21 3.02
C GLU A 1064 48.30 20.89 2.76
N ALA A 1065 49.04 19.79 2.90
CA ALA A 1065 48.44 18.48 2.67
C ALA A 1065 47.31 18.18 3.64
N GLY A 1066 47.47 18.55 4.92
CA GLY A 1066 46.52 18.20 5.95
C GLY A 1066 45.50 19.27 6.31
N ALA A 1067 45.27 20.26 5.46
CA ALA A 1067 44.31 21.33 5.74
C ALA A 1067 43.17 21.28 4.75
N ALA A 1068 42.00 21.77 5.20
CA ALA A 1068 40.79 21.80 4.38
C ALA A 1068 40.86 23.00 3.44
N THR A 1069 41.80 22.92 2.48
CA THR A 1069 42.05 24.03 1.57
C THR A 1069 42.29 23.57 0.14
N VAL A 1070 41.90 22.35 -0.22
CA VAL A 1070 42.18 21.84 -1.56
C VAL A 1070 41.45 22.71 -2.58
N LEU A 1071 42.17 23.13 -3.62
CA LEU A 1071 41.63 23.97 -4.68
C LEU A 1071 41.82 23.22 -6.00
N ALA A 1072 40.85 22.36 -6.31
CA ALA A 1072 40.85 21.61 -7.56
C ALA A 1072 39.99 22.35 -8.58
N GLU A 1073 39.81 21.75 -9.75
CA GLU A 1073 38.90 22.26 -10.76
C GLU A 1073 38.16 21.08 -11.38
N VAL A 1074 36.90 21.31 -11.75
CA VAL A 1074 36.01 20.26 -12.19
C VAL A 1074 35.41 20.65 -13.53
N ALA A 1075 35.43 19.71 -14.48
CA ALA A 1075 34.77 19.89 -15.76
C ALA A 1075 34.34 18.52 -16.26
N LEU A 1076 33.20 18.49 -16.93
CA LEU A 1076 32.68 17.22 -17.43
C LEU A 1076 33.58 16.69 -18.55
N PRO A 1077 34.01 15.44 -18.49
CA PRO A 1077 34.80 14.89 -19.61
C PRO A 1077 34.00 14.90 -20.90
N ALA A 1078 34.74 14.92 -22.02
CA ALA A 1078 34.12 15.10 -23.32
C ALA A 1078 32.97 14.13 -23.53
N SER A 1079 33.16 12.86 -23.16
CA SER A 1079 32.11 11.87 -23.34
C SER A 1079 30.90 12.17 -22.49
N ILE A 1080 31.03 13.02 -21.47
CA ILE A 1080 29.93 13.32 -20.56
C ILE A 1080 29.27 14.66 -20.84
N ARG A 1081 29.84 15.49 -21.71
CA ARG A 1081 29.29 16.82 -21.95
C ARG A 1081 27.93 16.79 -22.61
N PHE A 1082 27.62 15.73 -23.36
CA PHE A 1082 26.49 15.79 -24.29
C PHE A 1082 25.16 15.83 -23.57
N GLN A 1083 24.85 14.79 -22.79
CA GLN A 1083 23.52 14.59 -22.23
C GLN A 1083 23.33 15.27 -20.89
N GLN A 1084 24.13 16.30 -20.59
CA GLN A 1084 24.04 16.95 -19.28
C GLN A 1084 22.69 17.62 -19.06
N GLY A 1085 21.92 17.86 -20.12
CA GLY A 1085 20.66 18.57 -19.97
C GLY A 1085 19.66 17.83 -19.12
N ALA A 1086 19.50 16.52 -19.35
CA ALA A 1086 18.46 15.77 -18.65
C ALA A 1086 18.71 15.77 -17.15
N TYR A 1087 19.94 15.57 -16.74
CA TYR A 1087 20.26 15.50 -15.32
C TYR A 1087 20.16 16.86 -14.65
N ARG A 1088 19.87 16.84 -13.36
CA ARG A 1088 20.08 18.01 -12.51
C ARG A 1088 21.48 17.88 -11.94
N ILE A 1089 22.45 18.31 -12.75
CA ILE A 1089 23.86 18.14 -12.43
C ILE A 1089 24.22 16.68 -12.62
N HIS A 1090 25.24 16.41 -13.44
CA HIS A 1090 25.58 15.04 -13.79
C HIS A 1090 26.03 14.26 -12.56
N PRO A 1091 25.60 13.01 -12.41
CA PRO A 1091 26.17 12.19 -11.32
C PRO A 1091 27.67 12.07 -11.41
N ALA A 1092 28.25 12.08 -12.61
CA ALA A 1092 29.70 12.07 -12.72
C ALA A 1092 30.30 13.32 -12.09
N LEU A 1093 29.70 14.48 -12.37
CA LEU A 1093 30.23 15.72 -11.80
C LEU A 1093 30.09 15.71 -10.28
N LEU A 1094 28.95 15.27 -9.76
CA LEU A 1094 28.79 15.19 -8.31
C LEU A 1094 29.78 14.21 -7.71
N ASP A 1095 30.02 13.10 -8.39
CA ASP A 1095 30.95 12.10 -7.87
C ASP A 1095 32.36 12.67 -7.81
N ALA A 1096 32.77 13.43 -8.83
CA ALA A 1096 34.07 14.08 -8.76
C ALA A 1096 34.10 15.13 -7.65
N CYS A 1097 33.02 15.89 -7.51
CA CYS A 1097 32.94 16.89 -6.46
C CYS A 1097 33.17 16.25 -5.10
N PHE A 1098 32.46 15.14 -4.83
CA PHE A 1098 32.77 14.34 -3.66
C PHE A 1098 34.24 13.96 -3.66
N GLN A 1099 34.67 13.23 -4.69
CA GLN A 1099 36.04 12.72 -4.78
C GLN A 1099 37.05 13.75 -4.30
N SER A 1100 36.72 15.03 -4.45
CA SER A 1100 37.59 16.07 -3.89
C SER A 1100 37.91 15.80 -2.43
N VAL A 1101 36.99 15.16 -1.69
CA VAL A 1101 37.26 14.90 -0.27
C VAL A 1101 38.44 13.96 -0.13
N GLY A 1102 38.62 13.06 -1.11
CA GLY A 1102 39.73 12.13 -1.02
C GLY A 1102 41.07 12.84 -0.91
N ALA A 1103 41.28 13.87 -1.71
CA ALA A 1103 42.49 14.68 -1.58
C ALA A 1103 42.42 15.62 -0.40
N GLY A 1104 41.23 16.11 -0.06
CA GLY A 1104 41.11 17.04 1.05
C GLY A 1104 41.47 16.44 2.39
N VAL A 1105 41.13 15.16 2.60
CA VAL A 1105 41.36 14.54 3.90
C VAL A 1105 42.84 14.51 4.23
N GLN A 1106 43.64 13.84 3.40
CA GLN A 1106 45.07 13.74 3.64
C GLN A 1106 45.74 13.39 2.31
N ALA A 1107 46.52 14.33 1.77
CA ALA A 1107 47.21 14.07 0.51
C ALA A 1107 48.17 12.90 0.64
N GLY A 1108 48.90 12.83 1.75
CA GLY A 1108 49.76 11.70 2.02
C GLY A 1108 49.02 10.57 2.68
N THR A 1109 48.04 10.00 1.98
CA THR A 1109 47.21 8.95 2.56
C THR A 1109 48.04 7.74 2.93
N ALA A 1110 47.71 7.13 4.06
CA ALA A 1110 48.42 5.95 4.53
C ALA A 1110 47.92 4.71 3.81
N THR A 1111 48.85 3.79 3.56
CA THR A 1111 48.50 2.54 2.89
C THR A 1111 47.64 1.67 3.79
N GLY A 1112 46.80 0.84 3.17
CA GLY A 1112 45.93 -0.05 3.88
C GLY A 1112 44.61 0.55 4.33
N GLY A 1113 44.40 1.84 4.08
CA GLY A 1113 43.16 2.52 4.47
C GLY A 1113 42.26 2.72 3.26
N LEU A 1114 40.97 2.50 3.48
CA LEU A 1114 39.95 2.67 2.44
C LEU A 1114 38.79 3.47 3.00
N LEU A 1115 38.22 4.32 2.15
CA LEU A 1115 37.08 5.15 2.53
C LEU A 1115 36.06 5.14 1.41
N LEU A 1116 34.83 5.48 1.77
CA LEU A 1116 33.72 5.42 0.83
C LEU A 1116 32.58 6.31 1.34
N PRO A 1117 32.07 7.24 0.52
CA PRO A 1117 31.10 8.21 1.03
C PRO A 1117 29.84 7.54 1.54
N LEU A 1118 29.24 8.16 2.56
CA LEU A 1118 28.05 7.60 3.20
C LEU A 1118 27.14 8.75 3.62
N GLY A 1119 26.15 9.03 2.79
CA GLY A 1119 25.08 9.94 3.15
C GLY A 1119 25.49 11.39 3.30
N VAL A 1120 24.52 12.29 3.23
CA VAL A 1120 24.74 13.71 3.48
C VAL A 1120 23.55 14.25 4.25
N ARG A 1121 23.82 15.17 5.19
CA ARG A 1121 22.78 15.66 6.08
C ARG A 1121 21.75 16.49 5.34
N SER A 1122 22.14 17.22 4.30
CA SER A 1122 21.22 18.06 3.57
C SER A 1122 21.76 18.28 2.17
N LEU A 1123 20.88 18.77 1.29
CA LEU A 1123 21.26 19.05 -0.08
C LEU A 1123 20.38 20.15 -0.63
N ARG A 1124 20.89 20.86 -1.64
CA ARG A 1124 20.10 21.85 -2.35
C ARG A 1124 20.74 22.11 -3.71
N ALA A 1125 19.90 22.15 -4.74
CA ALA A 1125 20.33 22.46 -6.10
C ALA A 1125 19.76 23.80 -6.50
N TYR A 1126 20.63 24.71 -6.92
CA TYR A 1126 20.24 26.09 -7.21
C TYR A 1126 20.11 26.38 -8.69
N GLY A 1127 21.09 25.98 -9.51
CA GLY A 1127 21.02 26.21 -10.93
C GLY A 1127 21.68 25.10 -11.72
N PRO A 1128 21.26 24.91 -12.98
CA PRO A 1128 21.86 23.85 -13.79
C PRO A 1128 23.35 24.03 -13.94
N THR A 1129 24.09 22.93 -13.87
CA THR A 1129 25.53 22.96 -14.00
C THR A 1129 25.99 22.68 -15.43
N ARG A 1130 25.47 23.47 -16.37
CA ARG A 1130 26.01 23.43 -17.72
C ARG A 1130 27.49 23.79 -17.71
N ASN A 1131 27.87 24.73 -16.87
CA ASN A 1131 29.26 25.12 -16.71
C ASN A 1131 29.56 25.25 -15.21
N ALA A 1132 30.67 24.68 -14.78
CA ALA A 1132 31.13 24.81 -13.41
C ALA A 1132 32.64 24.70 -13.38
N ARG A 1133 33.24 25.25 -12.33
CA ARG A 1133 34.69 25.30 -12.19
C ARG A 1133 35.19 24.54 -10.98
N TYR A 1134 34.61 24.77 -9.82
CA TYR A 1134 35.17 24.26 -8.58
C TYR A 1134 34.04 24.09 -7.57
N CYS A 1135 34.28 23.23 -6.58
CA CYS A 1135 33.40 23.05 -5.44
C CYS A 1135 34.15 23.46 -4.18
N TYR A 1136 33.50 24.25 -3.34
CA TYR A 1136 34.15 24.75 -2.13
C TYR A 1136 34.63 23.60 -1.28
N THR A 1137 35.82 23.74 -0.70
CA THR A 1137 36.48 22.67 0.05
C THR A 1137 36.25 22.79 1.54
N ARG A 1138 35.10 23.29 1.96
CA ARG A 1138 34.79 23.44 3.38
C ARG A 1138 34.67 22.07 4.01
N LEU A 1139 35.69 21.67 4.77
CA LEU A 1139 35.68 20.42 5.52
C LEU A 1139 35.73 20.72 7.01
N THR A 1140 35.12 19.84 7.80
CA THR A 1140 35.05 19.98 9.24
C THR A 1140 35.39 18.66 9.91
N LYS A 1141 36.34 17.93 9.32
CA LYS A 1141 36.60 16.56 9.75
C LYS A 1141 37.13 16.52 11.18
N ALA A 1142 36.62 15.58 11.96
CA ALA A 1142 37.25 15.19 13.23
C ALA A 1142 38.20 14.02 12.98
N PHE A 1143 39.11 14.21 12.02
CA PHE A 1143 39.98 13.15 11.54
C PHE A 1143 41.16 12.94 12.49
N ASN A 1144 42.17 12.22 12.03
CA ASN A 1144 43.33 11.77 12.78
C ASN A 1144 43.04 10.47 13.52
N ASP A 1145 41.85 9.90 13.36
CA ASP A 1145 41.57 8.54 13.80
C ASP A 1145 41.68 7.53 12.68
N GLY A 1146 41.99 7.97 11.45
CA GLY A 1146 42.17 7.11 10.31
C GLY A 1146 40.91 6.91 9.47
N THR A 1147 39.75 6.94 10.10
CA THR A 1147 38.48 6.68 9.43
C THR A 1147 37.40 7.50 10.15
N ARG A 1148 36.14 7.11 9.96
CA ARG A 1148 34.99 7.60 10.72
C ARG A 1148 34.13 8.54 9.90
N GLY A 1149 34.69 9.65 9.42
CA GLY A 1149 33.88 10.65 8.76
C GLY A 1149 34.67 11.77 8.13
N GLY A 1150 34.24 13.00 8.39
CA GLY A 1150 34.80 14.17 7.74
C GLY A 1150 33.78 15.27 7.56
N GLU A 1151 32.51 14.94 7.73
CA GLU A 1151 31.42 15.91 7.85
C GLU A 1151 31.64 17.12 6.92
N ALA A 1152 31.85 16.81 5.65
CA ALA A 1152 32.14 17.85 4.66
C ALA A 1152 30.86 18.56 4.24
N ASP A 1153 31.02 19.82 3.84
CA ASP A 1153 29.93 20.63 3.30
C ASP A 1153 30.40 21.19 1.97
N LEU A 1154 30.24 20.40 0.92
CA LEU A 1154 30.67 20.81 -0.42
C LEU A 1154 29.66 21.81 -0.99
N ASP A 1155 30.18 22.83 -1.66
CA ASP A 1155 29.36 23.83 -2.32
C ASP A 1155 29.86 24.01 -3.74
N VAL A 1156 28.98 23.77 -4.72
CA VAL A 1156 29.36 23.85 -6.13
C VAL A 1156 29.10 25.27 -6.62
N LEU A 1157 30.12 25.87 -7.22
CA LEU A 1157 30.03 27.24 -7.71
C LEU A 1157 30.73 27.33 -9.06
N ASP A 1158 30.30 28.31 -9.86
CA ASP A 1158 30.79 28.48 -11.21
C ASP A 1158 32.03 29.39 -11.21
N GLU A 1159 32.50 29.71 -12.41
CA GLU A 1159 33.64 30.61 -12.55
C GLU A 1159 33.37 31.97 -11.91
N HIS A 1160 32.11 32.40 -11.91
CA HIS A 1160 31.75 33.73 -11.45
C HIS A 1160 31.58 33.82 -9.94
N GLY A 1161 31.72 32.71 -9.23
CA GLY A 1161 31.56 32.70 -7.79
C GLY A 1161 30.17 32.35 -7.30
N THR A 1162 29.18 32.36 -8.18
CA THR A 1162 27.84 31.96 -7.79
C THR A 1162 27.78 30.45 -7.58
N VAL A 1163 26.99 30.03 -6.60
CA VAL A 1163 26.88 28.62 -6.22
C VAL A 1163 25.73 27.98 -6.99
N LEU A 1164 25.94 26.73 -7.41
CA LEU A 1164 24.93 25.97 -8.14
C LEU A 1164 24.24 24.92 -7.27
N LEU A 1165 25.00 24.16 -6.48
CA LEU A 1165 24.45 23.12 -5.64
C LEU A 1165 25.19 23.12 -4.30
N ALA A 1166 24.44 22.90 -3.23
CA ALA A 1166 24.98 22.90 -1.88
C ALA A 1166 24.67 21.58 -1.20
N VAL A 1167 25.69 20.99 -0.58
CA VAL A 1167 25.56 19.77 0.21
C VAL A 1167 26.17 20.04 1.57
N ARG A 1168 25.45 19.68 2.64
CA ARG A 1168 25.90 19.93 3.99
C ARG A 1168 25.86 18.63 4.78
N GLY A 1169 26.96 18.32 5.47
CA GLY A 1169 26.99 17.19 6.36
C GLY A 1169 27.30 15.86 5.68
N LEU A 1170 28.44 15.79 4.99
CA LEU A 1170 28.82 14.61 4.24
C LEU A 1170 29.78 13.76 5.07
N ARG A 1171 29.48 12.47 5.20
CA ARG A 1171 30.26 11.55 6.01
C ARG A 1171 30.74 10.37 5.16
N MET A 1172 31.99 9.97 5.38
CA MET A 1172 32.59 8.84 4.68
C MET A 1172 32.97 7.75 5.67
N GLY A 1173 32.72 6.50 5.29
CA GLY A 1173 33.18 5.35 6.05
C GLY A 1173 32.92 5.42 7.54
N THR A 1174 31.65 5.37 7.93
CA THR A 1174 31.30 5.48 9.35
C THR A 1174 31.92 4.34 10.15
N GLY A 1175 31.82 3.11 9.65
CA GLY A 1175 32.30 1.96 10.39
C GLY A 1175 31.26 1.44 11.36
N THR A 1176 31.69 1.12 12.59
CA THR A 1176 30.78 0.62 13.61
C THR A 1176 30.95 1.41 14.91
N SER A 1177 30.27 0.96 15.97
CA SER A 1177 30.30 1.67 17.24
C SER A 1177 31.66 1.50 17.92
N GLU A 1178 31.85 2.27 18.99
CA GLU A 1178 33.11 2.23 19.72
C GLU A 1178 33.39 0.84 20.29
N ARG A 1179 32.35 0.17 20.78
CA ARG A 1179 32.53 -1.18 21.31
C ARG A 1179 33.13 -2.09 20.26
N ASP A 1180 32.61 -2.04 19.03
CA ASP A 1180 33.18 -2.83 17.95
C ASP A 1180 34.62 -2.40 17.66
N GLU A 1181 34.93 -1.12 17.85
CA GLU A 1181 36.31 -0.69 17.65
C GLU A 1181 37.25 -1.36 18.63
N ARG A 1182 36.88 -1.39 19.91
CA ARG A 1182 37.69 -2.07 20.91
C ARG A 1182 37.77 -3.56 20.62
N ASP A 1183 36.65 -4.16 20.20
CA ASP A 1183 36.65 -5.58 19.87
C ASP A 1183 37.63 -5.87 18.74
N ARG A 1184 37.61 -5.05 17.70
CA ARG A 1184 38.56 -5.21 16.60
C ARG A 1184 39.99 -5.07 17.11
N LEU A 1185 40.24 -4.03 17.91
CA LEU A 1185 41.58 -3.81 18.43
C LEU A 1185 42.07 -5.04 19.17
N VAL A 1186 41.20 -5.89 19.74
CA VAL A 1186 41.67 -7.16 20.42
C VAL A 1186 42.00 -8.24 19.40
N SER A 1187 41.26 -8.34 18.33
CA SER A 1187 41.51 -9.32 17.27
C SER A 1187 42.88 -9.10 16.72
N GLU A 1188 43.18 -7.86 16.36
CA GLU A 1188 44.44 -7.52 15.65
C GLU A 1188 45.59 -7.30 16.62
N ARG A 1189 45.74 -8.19 17.58
CA ARG A 1189 46.88 -8.10 18.52
C ARG A 1189 47.12 -9.47 19.17
N LEU A 1190 46.10 -10.24 19.52
CA LEU A 1190 46.34 -11.47 20.26
C LEU A 1190 47.21 -12.41 19.43
N LEU A 1191 48.28 -12.92 20.06
CA LEU A 1191 49.24 -13.80 19.41
C LEU A 1191 49.41 -15.06 20.23
N THR A 1192 49.86 -16.12 19.55
CA THR A 1192 50.13 -17.39 20.21
C THR A 1192 51.12 -18.17 19.36
N LEU A 1193 51.71 -19.20 19.97
CA LEU A 1193 52.68 -20.04 19.30
C LEU A 1193 51.94 -21.16 18.58
N GLY A 1194 51.66 -20.93 17.29
CA GLY A 1194 51.00 -21.94 16.49
C GLY A 1194 52.00 -22.95 15.97
N TRP A 1195 51.64 -24.24 16.12
CA TRP A 1195 52.49 -25.34 15.70
C TRP A 1195 51.82 -26.09 14.55
N GLN A 1196 52.63 -26.51 13.59
CA GLN A 1196 52.15 -27.26 12.45
C GLN A 1196 53.05 -28.45 12.19
N GLN A 1197 52.48 -29.47 11.56
CA GLN A 1197 53.21 -30.66 11.17
C GLN A 1197 53.58 -30.57 9.69
N ARG A 1198 54.77 -31.05 9.35
CA ARG A 1198 55.25 -30.98 7.98
C ARG A 1198 56.27 -32.08 7.77
N ALA A 1199 56.63 -32.30 6.51
CA ALA A 1199 57.70 -33.20 6.13
C ALA A 1199 58.99 -32.43 5.90
N LEU A 1200 60.11 -33.14 5.96
CA LEU A 1200 61.41 -32.49 5.80
C LEU A 1200 61.73 -32.36 4.32
N PRO A 1201 61.83 -31.14 3.77
CA PRO A 1201 62.27 -30.99 2.38
C PRO A 1201 63.75 -31.21 2.20
N GLU A 1202 64.51 -31.34 3.29
CA GLU A 1202 65.96 -31.47 3.19
C GLU A 1202 66.35 -32.74 2.42
N VAL A 1203 65.70 -33.85 2.73
CA VAL A 1203 65.99 -35.18 2.18
C VAL A 1203 67.48 -35.50 2.31
N GLY A 1204 68.34 -34.59 1.87
CA GLY A 1204 69.78 -34.72 2.06
C GLY A 1204 70.55 -34.01 0.97
N ASP A 1205 71.57 -33.25 1.36
CA ASP A 1205 72.35 -32.44 0.44
C ASP A 1205 73.46 -31.77 1.24
N GLY A 1206 74.30 -31.02 0.54
CA GLY A 1206 75.40 -30.31 1.20
C GLY A 1206 76.57 -31.18 1.58
N GLU A 1207 76.32 -32.26 2.32
CA GLU A 1207 77.38 -33.19 2.71
C GLU A 1207 78.46 -32.47 3.52
N ALA A 1208 79.51 -33.19 3.89
CA ALA A 1208 80.62 -32.62 4.65
C ALA A 1208 80.13 -31.98 5.94
N GLY A 1209 79.36 -32.75 6.72
CA GLY A 1209 78.82 -32.26 7.96
C GLY A 1209 79.75 -32.47 9.14
N SER A 1210 80.86 -31.74 9.17
CA SER A 1210 81.82 -31.83 10.28
C SER A 1210 81.48 -30.79 11.35
N TRP A 1211 80.37 -31.04 12.03
CA TRP A 1211 79.90 -30.11 13.05
C TRP A 1211 80.71 -30.27 14.33
N LEU A 1212 80.43 -29.39 15.29
CA LEU A 1212 80.96 -29.48 16.64
C LEU A 1212 79.81 -29.71 17.59
N LEU A 1213 80.08 -30.43 18.68
CA LEU A 1213 79.06 -30.73 19.67
C LEU A 1213 79.61 -30.44 21.06
N ILE A 1214 78.71 -30.11 21.98
CA ILE A 1214 79.05 -29.95 23.38
C ILE A 1214 77.98 -30.66 24.21
N ASP A 1215 78.41 -31.56 25.09
CA ASP A 1215 77.51 -32.28 25.99
C ASP A 1215 77.51 -31.49 27.30
N THR A 1216 76.55 -30.59 27.43
CA THR A 1216 76.56 -29.60 28.50
C THR A 1216 75.55 -29.94 29.59
N SER A 1217 75.87 -29.50 30.80
CA SER A 1217 74.96 -29.59 31.95
C SER A 1217 74.34 -30.97 32.08
N ASN A 1218 75.08 -32.00 31.67
CA ASN A 1218 74.61 -33.37 31.73
C ASN A 1218 75.16 -34.04 32.98
N ALA A 1219 74.65 -33.59 34.11
CA ALA A 1219 75.02 -34.14 35.42
C ALA A 1219 74.31 -35.46 35.71
N VAL A 1220 73.39 -35.88 34.85
CA VAL A 1220 72.68 -37.14 35.08
C VAL A 1220 73.68 -38.29 35.08
N ASP A 1221 73.25 -39.41 35.66
CA ASP A 1221 74.11 -40.59 35.72
C ASP A 1221 74.42 -41.12 34.32
N THR A 1222 73.41 -41.21 33.46
CA THR A 1222 73.54 -41.79 32.13
C THR A 1222 72.85 -40.90 31.10
N PRO A 1223 73.38 -39.70 30.85
CA PRO A 1223 72.85 -38.86 29.78
C PRO A 1223 73.57 -39.09 28.46
N ASP A 1224 74.35 -40.18 28.40
CA ASP A 1224 75.24 -40.38 27.27
C ASP A 1224 74.49 -40.73 25.99
N MET A 1225 73.42 -41.54 26.09
CA MET A 1225 72.85 -42.14 24.88
C MET A 1225 72.53 -41.08 23.83
N LEU A 1226 71.94 -39.96 24.24
CA LEU A 1226 71.53 -38.96 23.27
C LEU A 1226 72.73 -38.40 22.51
N ALA A 1227 73.74 -37.93 23.23
CA ALA A 1227 74.92 -37.39 22.57
C ALA A 1227 75.63 -38.46 21.76
N SER A 1228 75.82 -39.64 22.35
CA SER A 1228 76.50 -40.73 21.65
C SER A 1228 75.75 -41.16 20.41
N THR A 1229 74.43 -41.32 20.53
CA THR A 1229 73.63 -41.73 19.38
C THR A 1229 73.66 -40.67 18.28
N LEU A 1230 73.58 -39.39 18.68
CA LEU A 1230 73.65 -38.33 17.69
C LEU A 1230 74.98 -38.33 16.97
N THR A 1231 76.08 -38.51 17.70
CA THR A 1231 77.39 -38.55 17.07
C THR A 1231 77.50 -39.74 16.13
N ASP A 1232 76.99 -40.91 16.54
CA ASP A 1232 77.06 -42.10 15.71
C ASP A 1232 76.26 -41.89 14.43
N ALA A 1233 75.05 -41.34 14.54
CA ALA A 1233 74.24 -41.09 13.37
C ALA A 1233 74.89 -40.07 12.45
N LEU A 1234 75.50 -39.03 13.03
CA LEU A 1234 76.23 -38.06 12.22
C LEU A 1234 77.35 -38.73 11.45
N LYS A 1235 78.12 -39.59 12.12
CA LYS A 1235 79.23 -40.26 11.46
C LYS A 1235 78.73 -41.17 10.34
N SER A 1236 77.66 -41.92 10.58
CA SER A 1236 77.21 -42.93 9.64
C SER A 1236 76.40 -42.31 8.50
N HIS A 1237 75.25 -41.72 8.84
CA HIS A 1237 74.36 -41.19 7.83
C HIS A 1237 74.87 -39.89 7.22
N GLY A 1238 75.75 -39.18 7.91
CA GLY A 1238 76.29 -37.93 7.41
C GLY A 1238 77.17 -38.15 6.20
N PRO A 1239 76.74 -37.68 5.03
CA PRO A 1239 77.55 -37.88 3.82
C PRO A 1239 78.93 -37.25 3.96
N GLN A 1240 79.93 -37.90 3.37
CA GLN A 1240 81.28 -37.37 3.35
C GLN A 1240 81.86 -37.30 4.77
N GLY A 1241 82.93 -36.54 4.94
CA GLY A 1241 83.54 -36.41 6.25
C GLY A 1241 82.63 -35.64 7.21
N THR A 1242 82.45 -36.19 8.40
CA THR A 1242 81.59 -35.59 9.41
C THR A 1242 82.25 -35.64 10.78
N GLU A 1243 83.53 -35.30 10.84
CA GLU A 1243 84.24 -35.31 12.12
C GLU A 1243 83.61 -34.31 13.07
N CYS A 1244 83.53 -34.69 14.35
CA CYS A 1244 82.94 -33.84 15.37
C CYS A 1244 83.59 -34.16 16.70
N ALA A 1245 83.45 -33.23 17.64
CA ALA A 1245 84.06 -33.36 18.95
C ALA A 1245 83.07 -32.89 20.01
N SER A 1246 83.31 -33.32 21.24
CA SER A 1246 82.43 -33.03 22.37
C SER A 1246 83.17 -32.18 23.40
N LEU A 1247 82.64 -30.99 23.67
CA LEU A 1247 83.13 -30.15 24.77
C LEU A 1247 82.17 -30.32 25.93
N SER A 1248 82.37 -31.40 26.69
CA SER A 1248 81.43 -31.79 27.73
C SER A 1248 81.57 -30.85 28.91
N TRP A 1249 81.01 -29.65 28.77
CA TRP A 1249 81.03 -28.64 29.82
C TRP A 1249 79.81 -28.82 30.70
N SER A 1250 79.96 -29.55 31.79
CA SER A 1250 78.86 -29.80 32.70
C SER A 1250 78.46 -28.52 33.43
N VAL A 1251 77.35 -28.61 34.18
CA VAL A 1251 76.84 -27.46 34.91
C VAL A 1251 77.81 -27.14 36.05
N GLN A 1252 78.35 -25.92 36.03
CA GLN A 1252 79.32 -25.47 37.03
C GLN A 1252 80.43 -26.52 37.19
N ASP A 1253 81.00 -26.92 36.05
CA ASP A 1253 82.02 -27.96 36.06
C ASP A 1253 83.21 -27.54 36.92
N THR A 1254 83.88 -26.46 36.52
CA THR A 1254 85.04 -25.97 37.25
C THR A 1254 85.36 -24.56 36.76
N PRO A 1255 85.98 -23.72 37.58
CA PRO A 1255 86.22 -22.32 37.17
C PRO A 1255 86.95 -22.23 35.84
N PRO A 1256 88.08 -22.91 35.67
CA PRO A 1256 88.84 -22.73 34.42
C PRO A 1256 88.09 -23.14 33.18
N ASN A 1257 87.02 -23.94 33.31
CA ASN A 1257 86.24 -24.33 32.15
C ASN A 1257 85.58 -23.13 31.48
N ASP A 1258 85.46 -22.00 32.18
CA ASP A 1258 84.84 -20.82 31.59
C ASP A 1258 85.52 -20.44 30.27
N GLN A 1259 86.84 -20.30 30.30
CA GLN A 1259 87.62 -20.01 29.11
C GLN A 1259 88.58 -21.13 28.75
N ALA A 1260 89.41 -21.56 29.68
CA ALA A 1260 90.45 -22.54 29.37
C ALA A 1260 89.84 -23.84 28.87
N GLY A 1261 88.78 -24.32 29.52
CA GLY A 1261 88.14 -25.55 29.09
C GLY A 1261 87.61 -25.45 27.66
N LEU A 1262 87.08 -24.29 27.29
CA LEU A 1262 86.56 -24.11 25.94
C LEU A 1262 87.68 -23.99 24.92
N GLU A 1263 88.78 -23.30 25.26
CA GLU A 1263 89.81 -23.03 24.28
C GLU A 1263 90.48 -24.30 23.77
N LYS A 1264 90.29 -25.43 24.44
CA LYS A 1264 90.87 -26.67 23.97
C LYS A 1264 90.46 -26.97 22.53
N LEU A 1265 89.25 -26.58 22.14
CA LEU A 1265 88.77 -26.69 20.78
C LEU A 1265 88.36 -25.37 20.16
N GLY A 1266 87.90 -24.42 20.95
CA GLY A 1266 87.49 -23.12 20.44
C GLY A 1266 88.63 -22.14 20.34
N SER A 1267 89.84 -22.65 20.13
CA SER A 1267 91.03 -21.82 19.96
C SER A 1267 91.66 -21.98 18.58
N GLN A 1268 91.91 -23.22 18.16
CA GLN A 1268 92.55 -23.49 16.88
C GLN A 1268 91.56 -23.92 15.80
N LEU A 1269 90.42 -24.48 16.18
CA LEU A 1269 89.42 -24.97 15.23
C LEU A 1269 88.03 -24.54 15.68
N ARG A 1270 87.93 -23.33 16.21
CA ARG A 1270 86.65 -22.82 16.68
C ARG A 1270 85.68 -22.63 15.52
N GLY A 1271 84.39 -22.81 15.82
CA GLY A 1271 83.35 -22.55 14.84
C GLY A 1271 83.48 -23.39 13.59
N ARG A 1272 83.67 -24.69 13.76
CA ARG A 1272 84.04 -25.56 12.64
C ARG A 1272 82.77 -26.12 12.00
N ASP A 1273 82.23 -25.36 11.04
CA ASP A 1273 81.24 -25.84 10.09
C ASP A 1273 79.84 -25.99 10.68
N GLY A 1274 79.67 -25.78 11.97
CA GLY A 1274 78.38 -25.95 12.60
C GLY A 1274 78.52 -26.51 14.00
N VAL A 1275 77.62 -26.11 14.88
CA VAL A 1275 77.67 -26.50 16.28
C VAL A 1275 76.26 -26.83 16.75
N VAL A 1276 76.16 -27.82 17.64
CA VAL A 1276 74.89 -28.25 18.22
C VAL A 1276 75.07 -28.38 19.73
N ILE A 1277 74.12 -27.84 20.48
CA ILE A 1277 74.10 -27.96 21.93
C ILE A 1277 73.06 -29.00 22.31
N VAL A 1278 73.42 -29.91 23.21
CA VAL A 1278 72.53 -30.96 23.68
C VAL A 1278 72.37 -30.83 25.19
N TYR A 1279 71.12 -30.83 25.64
CA TYR A 1279 70.79 -30.61 27.05
C TYR A 1279 70.26 -31.85 27.74
N GLY A 1280 69.83 -32.86 26.99
CA GLY A 1280 69.47 -34.13 27.56
C GLY A 1280 68.15 -34.10 28.30
N PRO A 1281 67.81 -35.20 28.95
CA PRO A 1281 66.54 -35.29 29.66
C PRO A 1281 66.62 -34.66 31.05
N ARG A 1282 65.49 -34.71 31.74
CA ARG A 1282 65.39 -34.25 33.12
C ARG A 1282 64.13 -34.83 33.73
N VAL A 1283 64.01 -34.70 35.05
CA VAL A 1283 62.82 -35.21 35.72
C VAL A 1283 61.57 -34.55 35.16
N GLY A 1284 60.44 -35.20 35.34
CA GLY A 1284 59.20 -34.79 34.71
C GLY A 1284 58.42 -33.70 35.45
N ASP A 1285 58.67 -33.53 36.73
CA ASP A 1285 57.92 -32.59 37.54
C ASP A 1285 58.86 -31.68 38.33
N PRO A 1286 58.43 -30.45 38.63
CA PRO A 1286 59.32 -29.50 39.30
C PRO A 1286 59.23 -29.54 40.81
N ASP A 1287 60.38 -29.48 41.47
CA ASP A 1287 60.44 -29.34 42.92
C ASP A 1287 60.52 -27.86 43.28
N GLU A 1288 60.12 -27.55 44.51
CA GLU A 1288 60.18 -26.16 44.97
C GLU A 1288 61.59 -25.60 44.82
N HIS A 1289 62.60 -26.43 45.08
CA HIS A 1289 63.99 -26.01 44.92
C HIS A 1289 64.48 -26.12 43.49
N SER A 1290 63.65 -26.64 42.58
CA SER A 1290 64.07 -26.78 41.19
C SER A 1290 64.36 -25.45 40.53
N LEU A 1291 63.89 -24.34 41.11
CA LEU A 1291 64.08 -23.04 40.49
C LEU A 1291 65.56 -22.71 40.35
N LEU A 1292 66.35 -23.00 41.39
CA LEU A 1292 67.78 -22.73 41.32
C LEU A 1292 68.41 -23.37 40.10
N ALA A 1293 68.02 -24.62 39.80
CA ALA A 1293 68.59 -25.31 38.66
C ALA A 1293 68.31 -24.56 37.36
N GLY A 1294 67.11 -24.02 37.20
CA GLY A 1294 66.81 -23.23 36.01
C GLY A 1294 67.70 -22.01 35.90
N ARG A 1295 67.93 -21.32 37.03
CA ARG A 1295 68.84 -20.19 37.03
C ARG A 1295 70.23 -20.61 36.58
N GLU A 1296 70.72 -21.73 37.10
CA GLU A 1296 72.04 -22.20 36.70
C GLU A 1296 72.07 -22.55 35.22
N GLN A 1297 71.02 -23.16 34.70
CA GLN A 1297 70.96 -23.49 33.28
C GLN A 1297 71.02 -22.23 32.42
N VAL A 1298 70.26 -21.20 32.80
CA VAL A 1298 70.29 -19.99 32.00
C VAL A 1298 71.65 -19.32 32.07
N ARG A 1299 72.28 -19.35 33.25
CA ARG A 1299 73.64 -18.82 33.36
C ARG A 1299 74.59 -19.58 32.44
N HIS A 1300 74.48 -20.90 32.44
CA HIS A 1300 75.33 -21.72 31.58
C HIS A 1300 75.13 -21.35 30.11
N LEU A 1301 73.87 -21.22 29.70
CA LEU A 1301 73.60 -20.92 28.30
C LEU A 1301 74.15 -19.54 27.93
N VAL A 1302 73.92 -18.55 28.78
CA VAL A 1302 74.38 -17.21 28.42
C VAL A 1302 75.90 -17.20 28.31
N ARG A 1303 76.60 -17.83 29.25
CA ARG A 1303 78.06 -17.86 29.18
C ARG A 1303 78.53 -18.57 27.91
N ILE A 1304 78.03 -19.78 27.67
CA ILE A 1304 78.52 -20.56 26.54
C ILE A 1304 78.21 -19.86 25.23
N THR A 1305 77.01 -19.26 25.11
CA THR A 1305 76.65 -18.62 23.86
C THR A 1305 77.45 -17.34 23.65
N ARG A 1306 77.73 -16.59 24.72
CA ARG A 1306 78.58 -15.42 24.55
C ARG A 1306 79.97 -15.83 24.09
N GLU A 1307 80.50 -16.92 24.64
CA GLU A 1307 81.79 -17.42 24.17
C GLU A 1307 81.71 -17.84 22.70
N LEU A 1308 80.64 -18.53 22.32
CA LEU A 1308 80.52 -19.02 20.95
C LEU A 1308 80.41 -17.86 19.96
N ALA A 1309 79.62 -16.84 20.30
CA ALA A 1309 79.47 -15.71 19.40
C ALA A 1309 80.75 -14.89 19.27
N GLU A 1310 81.71 -15.09 20.16
CA GLU A 1310 82.98 -14.36 20.11
C GLU A 1310 83.99 -15.15 19.29
N PHE A 1311 83.71 -15.22 17.99
CA PHE A 1311 84.61 -15.80 17.01
C PHE A 1311 84.72 -14.84 15.83
N GLU A 1312 85.96 -14.52 15.46
CA GLU A 1312 86.18 -13.50 14.44
C GLU A 1312 85.59 -13.93 13.10
N GLY A 1313 85.79 -15.18 12.72
CA GLY A 1313 85.30 -15.68 11.45
C GLY A 1313 83.80 -15.89 11.48
N GLU A 1314 83.27 -16.26 10.31
CA GLU A 1314 81.84 -16.48 10.19
C GLU A 1314 81.37 -17.53 11.19
N LEU A 1315 80.29 -17.21 11.90
CA LEU A 1315 79.82 -18.09 12.97
C LEU A 1315 79.11 -19.31 12.40
N PRO A 1316 79.21 -20.45 13.08
CA PRO A 1316 78.38 -21.60 12.69
C PRO A 1316 76.94 -21.42 13.13
N ARG A 1317 76.04 -22.10 12.42
CA ARG A 1317 74.65 -22.14 12.87
C ARG A 1317 74.58 -22.90 14.19
N LEU A 1318 73.82 -22.35 15.13
CA LEU A 1318 73.78 -22.87 16.50
C LEU A 1318 72.56 -23.77 16.65
N PHE A 1319 72.78 -25.07 16.48
CA PHE A 1319 71.77 -26.06 16.82
C PHE A 1319 71.63 -26.17 18.33
N VAL A 1320 70.40 -26.43 18.79
CA VAL A 1320 70.13 -26.68 20.20
C VAL A 1320 69.00 -27.70 20.27
N VAL A 1321 69.27 -28.83 20.90
CA VAL A 1321 68.27 -29.88 21.11
C VAL A 1321 67.91 -29.91 22.58
N THR A 1322 66.62 -29.83 22.88
CA THR A 1322 66.12 -29.86 24.24
C THR A 1322 64.99 -30.87 24.33
N ARG A 1323 64.88 -31.55 25.47
CA ARG A 1323 63.95 -32.64 25.64
C ARG A 1323 62.69 -32.14 26.35
N GLN A 1324 61.56 -32.24 25.66
CA GLN A 1324 60.25 -31.85 26.20
C GLN A 1324 60.35 -30.58 27.05
N ALA A 1325 60.92 -29.54 26.46
CA ALA A 1325 60.98 -28.23 27.09
C ALA A 1325 60.04 -27.22 26.46
N GLN A 1326 59.43 -27.56 25.32
CA GLN A 1326 58.45 -26.71 24.66
C GLN A 1326 57.12 -27.44 24.57
N ILE A 1327 56.05 -26.73 24.92
CA ILE A 1327 54.70 -27.27 24.84
C ILE A 1327 54.18 -27.01 23.44
N VAL A 1328 53.69 -28.06 22.79
CA VAL A 1328 53.44 -27.97 21.35
C VAL A 1328 51.95 -27.81 21.03
N LYS A 1329 51.15 -28.84 21.32
CA LYS A 1329 49.76 -28.82 20.90
C LYS A 1329 49.02 -30.04 21.41
N PRO A 1330 47.68 -30.05 21.37
CA PRO A 1330 46.93 -31.16 21.98
C PRO A 1330 47.51 -32.54 21.70
N HIS A 1331 48.17 -32.71 20.56
CA HIS A 1331 48.87 -33.95 20.26
C HIS A 1331 50.11 -34.02 21.13
N ASP A 1332 50.06 -34.85 22.18
CA ASP A 1332 51.18 -35.06 23.07
C ASP A 1332 51.71 -33.72 23.62
N SER A 1333 50.83 -33.02 24.33
CA SER A 1333 51.21 -31.79 25.00
C SER A 1333 50.31 -31.60 26.21
N GLY A 1334 50.90 -31.15 27.31
CA GLY A 1334 50.18 -30.96 28.55
C GLY A 1334 51.12 -30.80 29.72
N GLU A 1335 50.87 -31.55 30.79
CA GLU A 1335 51.75 -31.53 31.96
C GLU A 1335 53.13 -32.06 31.58
N ARG A 1336 54.02 -32.09 32.59
CA ARG A 1336 55.36 -32.68 32.44
C ARG A 1336 56.18 -31.93 31.40
N ALA A 1337 56.42 -30.66 31.68
CA ALA A 1337 57.34 -29.84 30.89
C ALA A 1337 58.55 -29.51 31.75
N ASN A 1338 59.74 -29.71 31.21
CA ASN A 1338 60.98 -29.50 31.96
C ASN A 1338 61.16 -28.00 32.17
N LEU A 1339 60.77 -27.52 33.34
CA LEU A 1339 60.78 -26.08 33.59
C LEU A 1339 62.20 -25.52 33.50
N GLU A 1340 63.18 -26.21 34.07
CA GLU A 1340 64.53 -25.68 34.12
C GLU A 1340 65.02 -25.30 32.72
N GLN A 1341 64.78 -26.17 31.74
CA GLN A 1341 65.16 -25.87 30.37
C GLN A 1341 64.22 -24.88 29.70
N ALA A 1342 63.03 -24.66 30.28
CA ALA A 1342 62.03 -23.85 29.59
C ALA A 1342 62.52 -22.42 29.38
N GLY A 1343 63.19 -21.84 30.38
CA GLY A 1343 63.65 -20.47 30.25
C GLY A 1343 64.61 -20.27 29.11
N LEU A 1344 65.16 -21.34 28.56
CA LEU A 1344 66.13 -21.23 27.48
C LEU A 1344 65.52 -20.62 26.24
N ARG A 1345 64.28 -20.99 25.92
CA ARG A 1345 63.68 -20.61 24.65
C ARG A 1345 63.76 -19.10 24.44
N GLY A 1346 63.41 -18.32 25.46
CA GLY A 1346 63.46 -16.87 25.32
C GLY A 1346 64.86 -16.37 25.03
N LEU A 1347 65.85 -16.91 25.73
CA LEU A 1347 67.23 -16.46 25.52
C LEU A 1347 67.69 -16.76 24.10
N LEU A 1348 67.45 -17.98 23.64
CA LEU A 1348 67.87 -18.33 22.28
C LEU A 1348 67.15 -17.46 21.26
N ARG A 1349 65.86 -17.19 21.48
CA ARG A 1349 65.13 -16.37 20.53
C ARG A 1349 65.69 -14.95 20.48
N VAL A 1350 65.99 -14.36 21.64
CA VAL A 1350 66.57 -13.03 21.61
C VAL A 1350 67.94 -13.05 20.96
N ILE A 1351 68.70 -14.13 21.16
CA ILE A 1351 70.00 -14.25 20.51
C ILE A 1351 69.82 -14.24 19.00
N SER A 1352 68.82 -14.97 18.51
CA SER A 1352 68.62 -15.07 17.06
C SER A 1352 68.38 -13.72 16.42
N SER A 1353 67.95 -12.72 17.19
CA SER A 1353 67.85 -11.36 16.69
C SER A 1353 69.10 -10.54 16.98
N GLU A 1354 69.75 -10.78 18.12
CA GLU A 1354 70.95 -10.03 18.46
C GLU A 1354 72.08 -10.32 17.47
N HIS A 1355 72.31 -11.59 17.17
CA HIS A 1355 73.39 -12.02 16.29
C HIS A 1355 72.78 -12.87 15.19
N PRO A 1356 72.09 -12.25 14.24
CA PRO A 1356 71.42 -13.04 13.19
C PRO A 1356 72.36 -13.86 12.35
N MET A 1357 73.65 -13.53 12.32
CA MET A 1357 74.59 -14.28 11.49
C MET A 1357 74.57 -15.75 11.87
N LEU A 1358 74.73 -16.04 13.16
CA LEU A 1358 74.67 -17.42 13.62
C LEU A 1358 73.20 -17.81 13.66
N ARG A 1359 72.75 -18.46 12.59
CA ARG A 1359 71.39 -18.96 12.54
C ARG A 1359 71.11 -19.83 13.77
N THR A 1360 70.06 -19.47 14.50
CA THR A 1360 69.84 -19.95 15.86
C THR A 1360 68.72 -20.96 15.94
N THR A 1361 68.64 -21.86 14.96
CA THR A 1361 67.64 -22.91 15.01
C THR A 1361 67.78 -23.73 16.29
N LEU A 1362 66.66 -23.98 16.96
CA LEU A 1362 66.62 -24.81 18.15
C LEU A 1362 65.47 -25.80 18.01
N ILE A 1363 65.75 -27.06 18.34
CA ILE A 1363 64.83 -28.16 18.08
C ILE A 1363 64.47 -28.81 19.40
N ASP A 1364 63.16 -29.01 19.63
CA ASP A 1364 62.72 -29.77 20.78
C ASP A 1364 62.52 -31.22 20.38
N VAL A 1365 62.79 -32.12 21.32
CA VAL A 1365 62.77 -33.55 21.05
C VAL A 1365 62.00 -34.26 22.16
N ASP A 1366 61.57 -35.49 21.85
CA ASP A 1366 60.73 -36.28 22.73
C ASP A 1366 61.29 -37.70 22.82
N GLU A 1367 60.90 -38.39 23.90
CA GLU A 1367 61.40 -39.74 24.12
C GLU A 1367 61.00 -40.68 22.98
N HIS A 1368 59.76 -40.58 22.51
CA HIS A 1368 59.20 -41.53 21.56
C HIS A 1368 59.34 -41.08 20.12
N THR A 1369 60.40 -40.33 19.80
CA THR A 1369 60.61 -39.84 18.44
C THR A 1369 61.74 -40.54 17.70
N ASP A 1370 62.68 -41.17 18.41
CA ASP A 1370 63.80 -41.84 17.76
C ASP A 1370 64.74 -40.82 17.15
N VAL A 1371 66.04 -41.14 17.10
CA VAL A 1371 67.05 -40.16 16.74
C VAL A 1371 67.39 -40.14 15.25
N GLU A 1372 66.68 -40.92 14.43
CA GLU A 1372 67.02 -40.99 13.01
C GLU A 1372 66.66 -39.70 12.29
N ARG A 1373 65.38 -39.33 12.31
CA ARG A 1373 64.99 -38.06 11.70
C ARG A 1373 65.62 -36.89 12.43
N VAL A 1374 65.92 -37.05 13.72
CA VAL A 1374 66.63 -36.00 14.44
C VAL A 1374 68.01 -35.78 13.82
N ALA A 1375 68.73 -36.87 13.57
CA ALA A 1375 70.02 -36.76 12.90
C ALA A 1375 69.87 -36.19 11.51
N GLN A 1376 68.80 -36.57 10.81
CA GLN A 1376 68.56 -36.01 9.49
C GLN A 1376 68.44 -34.49 9.55
N GLN A 1377 67.66 -33.99 10.52
CA GLN A 1377 67.55 -32.56 10.73
C GLN A 1377 68.91 -31.96 11.05
N LEU A 1378 69.69 -32.64 11.90
CA LEU A 1378 71.03 -32.17 12.22
C LEU A 1378 71.87 -32.00 10.97
N LEU A 1379 71.73 -32.93 10.01
CA LEU A 1379 72.66 -32.99 8.89
C LEU A 1379 72.33 -31.95 7.83
N SER A 1380 71.11 -32.00 7.29
CA SER A 1380 70.72 -31.13 6.19
C SER A 1380 69.51 -30.28 6.58
N GLY A 1381 69.36 -29.98 7.86
CA GLY A 1381 68.21 -29.22 8.33
C GLY A 1381 68.01 -27.94 7.54
N SER A 1382 66.78 -27.73 7.05
CA SER A 1382 66.47 -26.56 6.27
C SER A 1382 66.40 -25.33 7.17
N GLU A 1383 66.10 -24.19 6.56
CA GLU A 1383 66.03 -22.92 7.29
C GLU A 1383 64.73 -22.90 8.09
N GLU A 1384 64.80 -23.49 9.28
CA GLU A 1384 63.69 -23.50 10.22
C GLU A 1384 64.24 -23.21 11.61
N ASP A 1385 63.57 -22.31 12.34
CA ASP A 1385 64.12 -21.82 13.59
C ASP A 1385 63.76 -22.72 14.77
N GLU A 1386 62.48 -22.85 15.07
CA GLU A 1386 62.02 -23.58 16.25
C GLU A 1386 61.10 -24.70 15.82
N THR A 1387 61.47 -25.93 16.18
CA THR A 1387 60.71 -27.11 15.80
C THR A 1387 60.75 -28.10 16.95
N ALA A 1388 59.78 -29.00 16.98
CA ALA A 1388 59.65 -29.99 18.04
C ALA A 1388 59.46 -31.36 17.42
N TRP A 1389 60.26 -32.33 17.87
CA TRP A 1389 60.09 -33.72 17.49
C TRP A 1389 59.25 -34.45 18.55
N ARG A 1390 58.04 -33.93 18.74
CA ARG A 1390 57.22 -34.39 19.87
C ARG A 1390 56.88 -35.87 19.76
N ASN A 1391 56.84 -36.41 18.55
CA ASN A 1391 56.57 -37.83 18.34
C ASN A 1391 57.31 -38.25 17.08
N GLY A 1392 56.89 -39.37 16.50
CA GLY A 1392 57.43 -39.79 15.22
C GLY A 1392 56.88 -38.91 14.11
N ASP A 1393 57.08 -37.60 14.25
CA ASP A 1393 56.51 -36.64 13.34
C ASP A 1393 57.16 -35.29 13.60
N TRP A 1394 57.35 -34.52 12.53
CA TRP A 1394 58.01 -33.22 12.61
C TRP A 1394 56.96 -32.15 12.86
N TYR A 1395 57.22 -31.29 13.83
CA TYR A 1395 56.35 -30.16 14.16
C TYR A 1395 57.15 -28.87 14.11
N VAL A 1396 56.61 -27.88 13.41
CA VAL A 1396 57.25 -26.58 13.24
C VAL A 1396 56.32 -25.52 13.80
N ALA A 1397 56.90 -24.41 14.24
CA ALA A 1397 56.16 -23.34 14.88
C ALA A 1397 55.99 -22.16 13.94
N ARG A 1398 54.79 -21.59 13.94
CA ARG A 1398 54.49 -20.38 13.18
C ARG A 1398 53.72 -19.45 14.08
N LEU A 1399 54.32 -18.30 14.41
CA LEU A 1399 53.63 -17.31 15.23
C LEU A 1399 52.30 -16.98 14.57
N THR A 1400 51.21 -17.36 15.22
CA THR A 1400 49.89 -17.35 14.59
C THR A 1400 49.02 -16.27 15.21
N PRO A 1401 48.49 -15.33 14.43
CA PRO A 1401 47.48 -14.42 14.99
C PRO A 1401 46.18 -15.18 15.21
N SER A 1402 45.87 -15.48 16.46
CA SER A 1402 44.78 -16.39 16.81
C SER A 1402 43.83 -15.69 17.77
N PRO A 1403 42.88 -14.93 17.25
CA PRO A 1403 41.87 -14.33 18.10
C PRO A 1403 41.04 -15.41 18.77
N LEU A 1404 40.27 -15.00 19.78
CA LEU A 1404 39.45 -15.94 20.51
C LEU A 1404 38.34 -16.48 19.60
N GLY A 1405 37.65 -17.49 20.10
CA GLY A 1405 36.63 -18.18 19.32
C GLY A 1405 35.59 -18.78 20.22
N HIS A 1406 35.20 -20.03 19.92
CA HIS A 1406 34.23 -20.74 20.72
C HIS A 1406 34.78 -21.99 21.37
N GLU A 1407 36.03 -22.38 21.06
CA GLU A 1407 36.65 -23.53 21.70
C GLU A 1407 37.45 -23.16 22.94
N GLU A 1408 37.60 -21.87 23.22
CA GLU A 1408 38.42 -21.40 24.34
C GLU A 1408 37.60 -20.66 25.39
N ARG A 1409 36.28 -20.72 25.30
CA ARG A 1409 35.43 -20.16 26.34
C ARG A 1409 35.53 -21.04 27.58
N ARG A 1410 35.68 -20.41 28.74
CA ARG A 1410 35.91 -21.15 29.96
C ARG A 1410 34.82 -22.19 30.18
N THR A 1411 35.22 -23.45 30.26
CA THR A 1411 34.31 -24.54 30.52
C THR A 1411 34.22 -24.80 32.02
N ALA A 1412 33.02 -25.16 32.47
CA ALA A 1412 32.78 -25.48 33.87
C ALA A 1412 31.92 -26.73 33.95
N VAL A 1413 32.02 -27.41 35.09
CA VAL A 1413 31.25 -28.63 35.34
C VAL A 1413 30.03 -28.26 36.16
N LEU A 1414 28.85 -28.60 35.67
CA LEU A 1414 27.60 -28.26 36.32
C LEU A 1414 26.74 -29.50 36.46
N ASP A 1415 25.82 -29.44 37.43
CA ASP A 1415 24.86 -30.50 37.67
C ASP A 1415 23.46 -29.93 37.56
N PRO A 1416 22.62 -30.39 36.63
CA PRO A 1416 21.30 -29.78 36.48
C PRO A 1416 20.46 -29.83 37.75
N ASP A 1417 20.66 -30.84 38.59
CA ASP A 1417 19.80 -31.00 39.77
C ASP A 1417 19.71 -29.72 40.58
N HIS A 1418 20.83 -29.04 40.78
CA HIS A 1418 20.84 -27.78 41.52
C HIS A 1418 21.58 -26.65 40.82
N ASP A 1419 22.56 -26.94 39.96
CA ASP A 1419 23.20 -25.88 39.20
C ASP A 1419 22.27 -25.39 38.11
N GLY A 1420 22.48 -24.14 37.69
CA GLY A 1420 21.63 -23.51 36.70
C GLY A 1420 22.35 -23.35 35.37
N MET A 1421 21.69 -23.78 34.30
CA MET A 1421 22.24 -23.64 32.96
C MET A 1421 21.11 -23.34 31.98
N ARG A 1422 21.46 -22.59 30.93
CA ARG A 1422 20.50 -22.13 29.95
C ARG A 1422 20.93 -22.60 28.57
N VAL A 1423 20.02 -22.46 27.60
CA VAL A 1423 20.29 -22.76 26.20
C VAL A 1423 20.13 -21.48 25.41
N GLN A 1424 21.09 -21.21 24.53
CA GLN A 1424 21.07 -20.01 23.72
C GLN A 1424 21.99 -20.20 22.53
N VAL A 1425 21.50 -19.81 21.35
CA VAL A 1425 22.28 -19.98 20.13
C VAL A 1425 23.53 -19.11 20.20
N ARG A 1426 24.68 -19.72 19.89
CA ARG A 1426 25.92 -18.95 19.84
C ARG A 1426 25.96 -18.05 18.61
N ARG A 1427 25.49 -18.57 17.48
CA ARG A 1427 25.52 -17.85 16.20
C ARG A 1427 24.11 -17.85 15.62
N PRO A 1428 23.31 -16.82 15.90
CA PRO A 1428 21.97 -16.77 15.32
C PRO A 1428 22.00 -16.89 13.81
N GLY A 1429 21.45 -17.99 13.28
CA GLY A 1429 21.42 -18.19 11.85
C GLY A 1429 21.78 -19.60 11.44
N ASP A 1430 22.67 -20.23 12.20
CA ASP A 1430 23.04 -21.63 11.99
C ASP A 1430 22.77 -22.37 13.30
N LEU A 1431 21.58 -22.95 13.40
CA LEU A 1431 21.15 -23.55 14.65
C LEU A 1431 21.99 -24.76 15.06
N GLN A 1432 23.01 -25.12 14.29
CA GLN A 1432 23.89 -26.20 14.70
C GLN A 1432 24.72 -25.84 15.93
N THR A 1433 24.73 -24.58 16.34
CA THR A 1433 25.60 -24.10 17.41
C THR A 1433 24.90 -24.02 18.76
N LEU A 1434 23.70 -24.57 18.89
CA LEU A 1434 23.04 -24.58 20.19
C LEU A 1434 23.92 -25.27 21.22
N GLU A 1435 24.07 -24.64 22.37
CA GLU A 1435 24.98 -25.16 23.40
C GLU A 1435 24.54 -24.65 24.76
N PHE A 1436 24.61 -25.52 25.76
CA PHE A 1436 24.27 -25.13 27.11
C PHE A 1436 25.21 -24.04 27.61
N VAL A 1437 24.72 -23.21 28.51
CA VAL A 1437 25.49 -22.10 29.06
C VAL A 1437 25.12 -21.94 30.53
N ALA A 1438 26.12 -21.65 31.36
CA ALA A 1438 25.88 -21.45 32.77
C ALA A 1438 25.00 -20.23 32.99
N SER A 1439 24.14 -20.30 34.00
CA SER A 1439 23.14 -19.27 34.23
C SER A 1439 23.09 -18.77 35.67
N ASP A 1440 23.94 -19.27 36.55
CA ASP A 1440 24.14 -18.75 37.91
C ASP A 1440 22.83 -18.25 38.52
N ARG A 1441 21.89 -19.18 38.67
CA ARG A 1441 20.56 -18.89 39.20
C ARG A 1441 20.62 -17.90 40.35
N VAL A 1442 19.90 -16.79 40.21
CA VAL A 1442 19.87 -15.75 41.23
C VAL A 1442 18.72 -16.04 42.20
N PRO A 1443 18.93 -15.92 43.50
CA PRO A 1443 17.82 -16.17 44.43
C PRO A 1443 16.68 -15.21 44.17
N PRO A 1444 15.44 -15.64 44.40
CA PRO A 1444 14.31 -14.77 44.08
C PRO A 1444 14.29 -13.51 44.93
N GLY A 1445 13.78 -12.44 44.35
CA GLY A 1445 13.57 -11.21 45.07
C GLY A 1445 12.09 -10.96 45.28
N PRO A 1446 11.73 -9.74 45.68
CA PRO A 1446 10.31 -9.42 45.84
C PRO A 1446 9.57 -9.63 44.54
N GLY A 1447 8.39 -10.24 44.65
CA GLY A 1447 7.60 -10.51 43.46
C GLY A 1447 8.19 -11.56 42.55
N GLN A 1448 9.03 -12.44 43.07
CA GLN A 1448 9.75 -13.42 42.25
C GLN A 1448 9.56 -14.81 42.83
N ILE A 1449 9.76 -15.81 41.96
CA ILE A 1449 9.81 -17.20 42.37
C ILE A 1449 10.98 -17.86 41.66
N GLU A 1450 11.42 -18.99 42.20
CA GLU A 1450 12.53 -19.76 41.64
C GLU A 1450 11.98 -21.13 41.26
N VAL A 1451 11.70 -21.33 39.98
CA VAL A 1451 11.02 -22.51 39.49
C VAL A 1451 12.03 -23.38 38.76
N ALA A 1452 12.07 -24.67 39.12
CA ALA A 1452 12.92 -25.65 38.43
C ALA A 1452 12.13 -26.19 37.26
N VAL A 1453 12.46 -25.73 36.05
CA VAL A 1453 11.69 -26.13 34.88
C VAL A 1453 11.74 -27.65 34.72
N SER A 1454 10.63 -28.21 34.25
CA SER A 1454 10.55 -29.62 33.90
C SER A 1454 10.37 -29.86 32.42
N MET A 1455 9.68 -28.97 31.71
CA MET A 1455 9.54 -29.10 30.28
C MET A 1455 8.96 -27.83 29.66
N SER A 1456 9.63 -27.29 28.64
CA SER A 1456 9.16 -26.14 27.88
C SER A 1456 8.70 -26.62 26.51
N SER A 1457 8.14 -25.69 25.74
CA SER A 1457 7.58 -26.01 24.44
C SER A 1457 8.13 -25.04 23.40
N ILE A 1458 8.45 -25.57 22.22
CA ILE A 1458 8.84 -24.73 21.11
C ILE A 1458 7.65 -23.87 20.70
N ASN A 1459 7.94 -22.70 20.13
CA ASN A 1459 6.90 -21.82 19.63
C ASN A 1459 7.49 -21.00 18.48
N PHE A 1460 6.62 -20.54 17.59
CA PHE A 1460 7.10 -19.92 16.36
C PHE A 1460 8.06 -18.78 16.66
N ALA A 1461 7.87 -18.07 17.78
CA ALA A 1461 8.85 -17.08 18.19
C ALA A 1461 10.21 -17.73 18.42
N ASP A 1462 10.22 -18.91 19.04
CA ASP A 1462 11.48 -19.62 19.24
C ASP A 1462 12.15 -19.95 17.92
N VAL A 1463 11.37 -20.44 16.94
CA VAL A 1463 11.95 -20.74 15.64
C VAL A 1463 12.52 -19.48 15.02
N LEU A 1464 11.78 -18.38 15.07
CA LEU A 1464 12.26 -17.15 14.46
C LEU A 1464 13.55 -16.68 15.10
N ILE A 1465 13.65 -16.74 16.42
CA ILE A 1465 14.89 -16.30 17.07
C ILE A 1465 16.02 -17.25 16.74
N ALA A 1466 15.73 -18.56 16.66
CA ALA A 1466 16.80 -19.53 16.41
C ALA A 1466 17.47 -19.28 15.07
N PHE A 1467 16.68 -19.02 14.04
CA PHE A 1467 17.24 -18.77 12.71
C PHE A 1467 17.73 -17.34 12.53
N GLY A 1468 17.87 -16.59 13.62
CA GLY A 1468 18.35 -15.22 13.50
C GLY A 1468 17.48 -14.37 12.60
N ARG A 1469 16.16 -14.49 12.73
CA ARG A 1469 15.22 -13.78 11.87
C ARG A 1469 14.14 -13.08 12.66
N PHE A 1470 14.27 -13.00 13.99
CA PHE A 1470 13.26 -12.36 14.80
C PHE A 1470 13.21 -10.86 14.51
N PRO A 1471 12.03 -10.26 14.44
CA PRO A 1471 11.96 -8.80 14.29
C PRO A 1471 12.29 -8.08 15.60
N ILE A 1472 13.58 -7.85 15.85
CA ILE A 1472 14.00 -7.12 17.03
C ILE A 1472 13.35 -5.75 17.03
N ILE A 1473 12.77 -5.35 18.16
CA ILE A 1473 12.13 -4.05 18.29
C ILE A 1473 12.54 -3.29 19.52
N ASP A 1474 13.15 -3.91 20.53
CA ASP A 1474 13.48 -3.25 21.79
C ASP A 1474 14.89 -3.57 22.22
N ASP A 1475 15.81 -3.62 21.25
CA ASP A 1475 17.25 -3.78 21.47
C ASP A 1475 17.53 -4.81 22.55
N ARG A 1476 16.64 -5.80 22.69
CA ARG A 1476 16.76 -6.84 23.71
C ARG A 1476 16.36 -8.15 23.03
N GLU A 1477 17.35 -8.89 22.55
CA GLU A 1477 17.05 -10.10 21.80
C GLU A 1477 16.28 -11.08 22.69
N PRO A 1478 15.10 -11.53 22.29
CA PRO A 1478 14.36 -12.46 23.14
C PRO A 1478 15.11 -13.77 23.29
N GLN A 1479 15.02 -14.34 24.48
CA GLN A 1479 15.65 -15.63 24.75
C GLN A 1479 14.75 -16.77 24.27
N LEU A 1480 15.38 -17.93 24.07
CA LEU A 1480 14.66 -19.06 23.51
C LEU A 1480 13.56 -19.51 24.48
N GLY A 1481 12.49 -20.05 23.91
CA GLY A 1481 11.40 -20.58 24.71
C GLY A 1481 10.50 -19.50 25.25
N MET A 1482 9.22 -19.79 25.40
CA MET A 1482 8.25 -18.84 25.91
C MET A 1482 7.50 -19.33 27.13
N ASP A 1483 7.11 -20.61 27.17
CA ASP A 1483 6.34 -21.15 28.28
C ASP A 1483 7.23 -22.03 29.15
N PHE A 1484 6.65 -22.53 30.24
CA PHE A 1484 7.41 -23.37 31.17
C PHE A 1484 6.46 -23.99 32.17
N VAL A 1485 6.75 -25.25 32.53
CA VAL A 1485 6.02 -25.96 33.57
C VAL A 1485 7.04 -26.64 34.47
N GLY A 1486 6.97 -26.34 35.76
CA GLY A 1486 7.93 -26.90 36.69
C GLY A 1486 7.43 -26.85 38.10
N VAL A 1487 8.37 -26.87 39.04
CA VAL A 1487 8.08 -26.86 40.46
C VAL A 1487 8.74 -25.65 41.09
N VAL A 1488 8.04 -25.03 42.03
CA VAL A 1488 8.62 -23.90 42.75
C VAL A 1488 9.66 -24.42 43.74
N THR A 1489 10.83 -23.80 43.73
CA THR A 1489 11.91 -24.17 44.64
C THR A 1489 12.15 -23.15 45.73
N ALA A 1490 11.88 -21.88 45.46
CA ALA A 1490 12.03 -20.83 46.46
C ALA A 1490 10.93 -19.81 46.25
N VAL A 1491 10.65 -19.05 47.30
CA VAL A 1491 9.55 -18.08 47.31
C VAL A 1491 10.13 -16.69 47.51
N GLY A 1492 9.56 -15.72 46.81
CA GLY A 1492 10.00 -14.35 46.92
C GLY A 1492 9.56 -13.74 48.24
N GLU A 1493 9.86 -12.45 48.36
CA GLU A 1493 9.58 -11.73 49.60
C GLU A 1493 8.11 -11.30 49.68
N GLY A 1494 7.68 -10.49 48.72
CA GLY A 1494 6.34 -9.90 48.75
C GLY A 1494 5.25 -10.76 48.17
N VAL A 1495 5.53 -12.01 47.83
CA VAL A 1495 4.56 -12.90 47.20
C VAL A 1495 3.91 -13.77 48.26
N THR A 1496 2.61 -14.02 48.09
CA THR A 1496 1.88 -14.90 48.98
C THR A 1496 0.90 -15.82 48.26
N GLY A 1497 0.85 -15.77 46.92
CA GLY A 1497 -0.08 -16.61 46.21
C GLY A 1497 0.23 -18.10 46.33
N HIS A 1498 1.51 -18.45 46.33
CA HIS A 1498 1.91 -19.85 46.33
C HIS A 1498 3.20 -20.00 47.12
N GLN A 1499 3.46 -21.23 47.55
CA GLN A 1499 4.58 -21.55 48.42
C GLN A 1499 5.47 -22.59 47.75
N VAL A 1500 6.59 -22.89 48.42
CA VAL A 1500 7.55 -23.83 47.86
C VAL A 1500 6.95 -25.23 47.80
N GLY A 1501 7.46 -26.05 46.89
CA GLY A 1501 7.02 -27.41 46.75
C GLY A 1501 5.76 -27.60 45.91
N ASP A 1502 5.18 -26.52 45.42
CA ASP A 1502 3.93 -26.57 44.67
C ASP A 1502 4.19 -26.44 43.18
N ARG A 1503 3.45 -27.19 42.38
CA ARG A 1503 3.57 -27.08 40.94
C ARG A 1503 3.16 -25.68 40.48
N VAL A 1504 3.49 -25.36 39.24
CA VAL A 1504 3.25 -24.03 38.70
C VAL A 1504 3.31 -24.10 37.19
N GLY A 1505 2.73 -23.10 36.53
CA GLY A 1505 2.79 -23.00 35.08
C GLY A 1505 2.74 -21.55 34.65
N GLY A 1506 2.86 -21.36 33.35
CA GLY A 1506 2.82 -20.01 32.79
C GLY A 1506 3.99 -19.74 31.87
N PHE A 1507 4.07 -18.53 31.34
CA PHE A 1507 5.17 -18.14 30.46
C PHE A 1507 5.89 -16.95 31.06
N SER A 1508 7.03 -16.62 30.46
CA SER A 1508 7.83 -15.48 30.88
C SER A 1508 8.89 -15.22 29.83
N GLU A 1509 9.40 -14.00 29.83
CA GLU A 1509 10.55 -13.66 28.99
C GLU A 1509 11.82 -14.12 29.71
N GLY A 1510 12.98 -13.74 29.20
CA GLY A 1510 14.23 -14.12 29.80
C GLY A 1510 14.67 -15.53 29.51
N GLY A 1511 13.88 -16.30 28.77
CA GLY A 1511 14.29 -17.63 28.36
C GLY A 1511 13.83 -18.70 29.33
N CYS A 1512 12.95 -19.59 28.87
CA CYS A 1512 12.45 -20.67 29.70
C CYS A 1512 13.22 -21.97 29.51
N TRP A 1513 14.16 -22.04 28.56
CA TRP A 1513 14.94 -23.24 28.34
C TRP A 1513 16.11 -23.25 29.32
N ARG A 1514 15.76 -23.42 30.60
CA ARG A 1514 16.74 -23.38 31.68
C ARG A 1514 16.42 -24.49 32.66
N THR A 1515 17.42 -24.87 33.46
CA THR A 1515 17.15 -25.80 34.54
C THR A 1515 16.49 -25.08 35.70
N PHE A 1516 16.91 -23.85 35.97
CA PHE A 1516 16.29 -23.01 36.97
C PHE A 1516 15.87 -21.69 36.33
N LEU A 1517 14.65 -21.26 36.60
CA LEU A 1517 14.09 -20.05 36.03
C LEU A 1517 13.58 -19.14 37.14
N THR A 1518 13.86 -17.85 37.01
CA THR A 1518 13.43 -16.84 37.97
C THR A 1518 12.53 -15.86 37.24
N CYS A 1519 11.22 -16.04 37.37
CA CYS A 1519 10.23 -15.23 36.68
C CYS A 1519 9.40 -14.47 37.69
N ASP A 1520 8.76 -13.40 37.22
CA ASP A 1520 7.90 -12.60 38.09
C ASP A 1520 6.80 -13.48 38.64
N ALA A 1521 6.59 -13.39 39.96
CA ALA A 1521 5.60 -14.25 40.62
C ALA A 1521 4.21 -13.98 40.09
N ASN A 1522 3.89 -12.72 39.79
CA ASN A 1522 2.57 -12.37 39.32
C ASN A 1522 2.23 -13.02 37.99
N LEU A 1523 3.22 -13.51 37.25
CA LEU A 1523 3.02 -14.04 35.91
C LEU A 1523 3.07 -15.56 35.87
N ALA A 1524 2.69 -16.21 36.97
CA ALA A 1524 2.66 -17.67 37.04
C ALA A 1524 1.36 -18.12 37.67
N VAL A 1525 0.87 -19.27 37.23
CA VAL A 1525 -0.42 -19.79 37.66
C VAL A 1525 -0.21 -21.18 38.26
N THR A 1526 -0.78 -21.40 39.44
CA THR A 1526 -0.71 -22.72 40.05
C THR A 1526 -1.43 -23.73 39.17
N LEU A 1527 -0.89 -24.93 39.11
CA LEU A 1527 -1.52 -26.00 38.33
C LEU A 1527 -2.62 -26.64 39.15
N PRO A 1528 -3.86 -26.69 38.65
CA PRO A 1528 -4.88 -27.43 39.36
C PRO A 1528 -4.54 -28.91 39.38
N PRO A 1529 -5.02 -29.64 40.39
CA PRO A 1529 -4.56 -31.03 40.56
C PRO A 1529 -4.80 -31.92 39.35
N GLY A 1530 -5.82 -31.62 38.55
CA GLY A 1530 -6.16 -32.51 37.44
C GLY A 1530 -5.03 -32.64 36.43
N LEU A 1531 -4.37 -31.53 36.11
CA LEU A 1531 -3.43 -31.51 35.01
C LEU A 1531 -2.10 -32.14 35.41
N THR A 1532 -1.60 -33.03 34.56
CA THR A 1532 -0.20 -33.43 34.63
C THR A 1532 0.67 -32.38 33.96
N ASP A 1533 1.98 -32.48 34.15
CA ASP A 1533 2.88 -31.50 33.56
C ASP A 1533 2.77 -31.49 32.04
N GLU A 1534 2.67 -32.67 31.44
CA GLU A 1534 2.60 -32.74 29.98
C GLU A 1534 1.40 -31.97 29.45
N GLN A 1535 0.22 -32.23 30.01
CA GLN A 1535 -0.97 -31.53 29.55
C GLN A 1535 -0.80 -30.03 29.71
N ALA A 1536 -0.29 -29.60 30.87
CA ALA A 1536 -0.16 -28.17 31.13
C ALA A 1536 0.75 -27.50 30.12
N ILE A 1537 1.91 -28.12 29.82
CA ILE A 1537 2.82 -27.49 28.87
C ILE A 1537 2.22 -27.50 27.48
N THR A 1538 1.53 -28.58 27.11
CA THR A 1538 0.91 -28.63 25.79
C THR A 1538 -0.17 -27.57 25.64
N ALA A 1539 -0.98 -27.38 26.69
CA ALA A 1539 -2.09 -26.44 26.60
C ALA A 1539 -1.60 -25.00 26.53
N ALA A 1540 -0.68 -24.63 27.42
CA ALA A 1540 -0.25 -23.24 27.50
C ALA A 1540 0.33 -22.78 26.17
N THR A 1541 -0.07 -21.58 25.76
CA THR A 1541 0.38 -20.97 24.51
C THR A 1541 -0.28 -21.63 23.30
N ALA A 1542 -1.03 -22.70 23.52
CA ALA A 1542 -1.91 -23.25 22.51
C ALA A 1542 -3.36 -22.87 22.80
N HIS A 1543 -3.87 -23.29 23.95
CA HIS A 1543 -5.18 -22.82 24.38
C HIS A 1543 -5.12 -21.35 24.79
N ALA A 1544 -4.04 -20.94 25.44
CA ALA A 1544 -3.93 -19.55 25.88
C ALA A 1544 -4.04 -18.60 24.70
N THR A 1545 -3.69 -19.05 23.50
CA THR A 1545 -3.91 -18.25 22.30
C THR A 1545 -5.28 -18.54 21.71
N ALA A 1546 -5.57 -19.81 21.40
CA ALA A 1546 -6.84 -20.16 20.80
C ALA A 1546 -8.01 -19.69 21.66
N TRP A 1547 -7.97 -19.99 22.96
CA TRP A 1547 -9.09 -19.60 23.82
C TRP A 1547 -9.28 -18.09 23.79
N TYR A 1548 -8.20 -17.33 23.90
CA TYR A 1548 -8.33 -15.89 23.88
C TYR A 1548 -9.00 -15.43 22.60
N GLY A 1549 -8.37 -15.72 21.45
CA GLY A 1549 -8.86 -15.18 20.20
C GLY A 1549 -10.30 -15.57 19.91
N LEU A 1550 -10.65 -16.83 20.18
CA LEU A 1550 -11.97 -17.32 19.79
C LEU A 1550 -13.04 -17.01 20.81
N ASN A 1551 -12.67 -16.78 22.08
CA ASN A 1551 -13.66 -16.64 23.14
C ASN A 1551 -13.72 -15.22 23.70
N ASP A 1552 -12.58 -14.68 24.14
CA ASP A 1552 -12.59 -13.39 24.81
C ASP A 1552 -12.48 -12.21 23.85
N LEU A 1553 -12.24 -12.46 22.56
CA LEU A 1553 -12.25 -11.41 21.55
C LEU A 1553 -13.36 -11.60 20.54
N ALA A 1554 -13.41 -12.77 19.88
CA ALA A 1554 -14.41 -12.99 18.85
C ALA A 1554 -15.76 -13.40 19.41
N GLN A 1555 -15.82 -13.80 20.68
CA GLN A 1555 -17.06 -14.23 21.32
C GLN A 1555 -17.79 -15.26 20.46
N ILE A 1556 -17.04 -16.29 20.07
CA ILE A 1556 -17.63 -17.36 19.26
C ILE A 1556 -18.87 -17.89 19.96
N LYS A 1557 -19.93 -18.10 19.18
CA LYS A 1557 -21.21 -18.57 19.70
C LYS A 1557 -21.64 -19.81 18.93
N ALA A 1558 -22.70 -20.44 19.41
CA ALA A 1558 -23.22 -21.62 18.75
C ALA A 1558 -23.62 -21.28 17.32
N GLY A 1559 -23.28 -22.17 16.39
CA GLY A 1559 -23.67 -22.00 15.01
C GLY A 1559 -22.91 -20.92 14.27
N ASP A 1560 -21.73 -20.53 14.76
CA ASP A 1560 -20.93 -19.50 14.11
C ASP A 1560 -19.87 -20.16 13.24
N LYS A 1561 -19.88 -19.86 11.96
CA LYS A 1561 -18.88 -20.43 11.05
C LYS A 1561 -17.50 -19.94 11.43
N VAL A 1562 -16.54 -20.85 11.50
CA VAL A 1562 -15.18 -20.55 11.90
C VAL A 1562 -14.22 -21.07 10.84
N LEU A 1563 -13.11 -20.37 10.64
CA LEU A 1563 -12.06 -20.79 9.72
C LEU A 1563 -10.74 -20.78 10.46
N ILE A 1564 -10.07 -21.92 10.50
CA ILE A 1564 -8.80 -22.09 11.20
C ILE A 1564 -7.72 -22.41 10.17
N HIS A 1565 -6.68 -21.60 10.14
CA HIS A 1565 -5.55 -21.84 9.25
C HIS A 1565 -4.52 -22.71 9.95
N SER A 1566 -3.87 -23.58 9.17
CA SER A 1566 -2.84 -24.47 9.68
C SER A 1566 -3.37 -25.27 10.87
N ALA A 1567 -4.54 -25.88 10.67
CA ALA A 1567 -5.23 -26.52 11.78
C ALA A 1567 -4.34 -27.52 12.51
N THR A 1568 -3.53 -28.27 11.77
CA THR A 1568 -2.76 -29.34 12.40
C THR A 1568 -1.73 -28.82 13.39
N GLY A 1569 -1.34 -27.56 13.27
CA GLY A 1569 -0.43 -26.98 14.25
C GLY A 1569 -1.04 -26.94 15.63
N GLY A 1570 -0.19 -26.66 16.61
CA GLY A 1570 -0.68 -26.64 17.99
C GLY A 1570 -1.78 -25.62 18.19
N VAL A 1571 -1.58 -24.40 17.72
CA VAL A 1571 -2.61 -23.39 17.83
C VAL A 1571 -3.86 -23.82 17.07
N GLY A 1572 -3.67 -24.38 15.87
CA GLY A 1572 -4.81 -24.87 15.12
C GLY A 1572 -5.56 -25.96 15.86
N GLN A 1573 -4.83 -26.90 16.47
CA GLN A 1573 -5.50 -27.96 17.21
C GLN A 1573 -6.29 -27.40 18.38
N ALA A 1574 -5.71 -26.45 19.11
CA ALA A 1574 -6.45 -25.83 20.20
C ALA A 1574 -7.70 -25.15 19.67
N ALA A 1575 -7.59 -24.48 18.52
CA ALA A 1575 -8.76 -23.84 17.93
C ALA A 1575 -9.83 -24.86 17.57
N ILE A 1576 -9.42 -26.00 17.02
CA ILE A 1576 -10.38 -27.05 16.70
C ILE A 1576 -11.11 -27.50 17.95
N SER A 1577 -10.35 -27.75 19.02
CA SER A 1577 -10.97 -28.19 20.26
C SER A 1577 -11.94 -27.16 20.79
N ILE A 1578 -11.55 -25.88 20.76
CA ILE A 1578 -12.42 -24.82 21.26
C ILE A 1578 -13.69 -24.75 20.43
N ALA A 1579 -13.56 -24.81 19.11
CA ALA A 1579 -14.74 -24.73 18.25
C ALA A 1579 -15.68 -25.89 18.52
N ARG A 1580 -15.14 -27.10 18.68
CA ARG A 1580 -15.99 -28.24 18.99
C ARG A 1580 -16.68 -28.04 20.32
N ALA A 1581 -15.97 -27.52 21.32
CA ALA A 1581 -16.56 -27.32 22.64
C ALA A 1581 -17.71 -26.33 22.57
N LYS A 1582 -17.51 -25.20 21.88
CA LYS A 1582 -18.51 -24.15 21.84
C LYS A 1582 -19.59 -24.39 20.80
N GLY A 1583 -19.47 -25.42 19.98
CA GLY A 1583 -20.52 -25.75 19.04
C GLY A 1583 -20.55 -24.88 17.81
N ALA A 1584 -19.51 -24.96 16.99
CA ALA A 1584 -19.40 -24.19 15.76
C ALA A 1584 -19.08 -25.12 14.59
N GLU A 1585 -19.34 -24.62 13.38
CA GLU A 1585 -18.97 -25.34 12.16
C GLU A 1585 -17.49 -25.09 11.91
N ILE A 1586 -16.69 -26.15 12.03
CA ILE A 1586 -15.24 -26.01 12.09
C ILE A 1586 -14.70 -26.25 10.69
N PHE A 1587 -14.61 -25.18 9.90
CA PHE A 1587 -13.82 -25.25 8.68
C PHE A 1587 -12.34 -25.34 9.06
N ALA A 1588 -11.49 -25.52 8.06
CA ALA A 1588 -10.07 -25.60 8.33
C ALA A 1588 -9.31 -25.71 7.02
N THR A 1589 -8.01 -25.46 7.09
CA THR A 1589 -7.10 -25.67 5.98
C THR A 1589 -5.77 -26.16 6.54
N ALA A 1590 -5.05 -26.93 5.75
CA ALA A 1590 -3.80 -27.52 6.19
C ALA A 1590 -2.71 -27.34 5.14
N GLY A 1591 -1.57 -27.98 5.36
CA GLY A 1591 -0.46 -27.89 4.43
C GLY A 1591 -0.49 -28.96 3.36
N ASN A 1592 0.47 -29.87 3.40
CA ASN A 1592 0.56 -30.92 2.41
C ASN A 1592 -0.61 -31.88 2.53
N PRO A 1593 -0.91 -32.63 1.47
CA PRO A 1593 -2.10 -33.50 1.50
C PRO A 1593 -2.11 -34.49 2.65
N ALA A 1594 -0.94 -34.96 3.08
CA ALA A 1594 -0.91 -35.92 4.18
C ALA A 1594 -1.54 -35.32 5.43
N LYS A 1595 -1.20 -34.08 5.76
CA LYS A 1595 -1.80 -33.44 6.91
C LYS A 1595 -3.30 -33.23 6.72
N ARG A 1596 -3.73 -32.93 5.50
CA ARG A 1596 -5.15 -32.79 5.23
C ARG A 1596 -5.88 -34.10 5.51
N ALA A 1597 -5.34 -35.22 5.03
CA ALA A 1597 -5.95 -36.51 5.27
C ALA A 1597 -5.98 -36.81 6.76
N MET A 1598 -4.88 -36.54 7.46
CA MET A 1598 -4.87 -36.77 8.91
C MET A 1598 -5.96 -35.96 9.60
N LEU A 1599 -6.08 -34.68 9.25
CA LEU A 1599 -7.09 -33.84 9.89
C LEU A 1599 -8.48 -34.38 9.60
N ARG A 1600 -8.74 -34.75 8.35
CA ARG A 1600 -10.03 -35.34 8.02
C ARG A 1600 -10.28 -36.59 8.85
N ASP A 1601 -9.21 -37.33 9.17
CA ASP A 1601 -9.36 -38.49 10.04
C ASP A 1601 -9.87 -38.09 11.42
N MET A 1602 -9.68 -36.84 11.82
CA MET A 1602 -10.14 -36.36 13.12
C MET A 1602 -11.62 -36.00 13.11
N GLY A 1603 -12.27 -36.04 11.94
CA GLY A 1603 -13.69 -35.77 11.82
C GLY A 1603 -14.02 -34.37 11.34
N VAL A 1604 -13.10 -33.42 11.43
CA VAL A 1604 -13.37 -32.06 10.98
C VAL A 1604 -13.53 -32.09 9.46
N GLU A 1605 -14.75 -31.88 9.00
CA GLU A 1605 -15.01 -31.81 7.57
C GLU A 1605 -14.52 -30.47 7.02
N HIS A 1606 -14.66 -30.28 5.71
CA HIS A 1606 -14.34 -29.02 5.07
C HIS A 1606 -12.87 -28.64 5.29
N VAL A 1607 -11.99 -29.46 4.74
CA VAL A 1607 -10.55 -29.22 4.75
C VAL A 1607 -10.11 -28.87 3.34
N TYR A 1608 -9.26 -27.86 3.22
CA TYR A 1608 -8.83 -27.36 1.93
C TYR A 1608 -7.36 -26.98 2.01
N ASP A 1609 -6.72 -26.92 0.84
CA ASP A 1609 -5.30 -26.59 0.79
C ASP A 1609 -5.08 -25.14 1.23
N SER A 1610 -4.00 -24.92 1.98
CA SER A 1610 -3.64 -23.60 2.46
C SER A 1610 -2.57 -22.92 1.63
N ARG A 1611 -1.75 -23.69 0.91
CA ARG A 1611 -0.64 -23.08 0.16
C ARG A 1611 -1.16 -22.08 -0.86
N SER A 1612 -2.20 -22.45 -1.59
CA SER A 1612 -2.78 -21.57 -2.59
C SER A 1612 -3.94 -20.76 -1.99
N VAL A 1613 -4.35 -19.73 -2.73
CA VAL A 1613 -5.50 -18.93 -2.34
C VAL A 1613 -6.81 -19.61 -2.67
N GLU A 1614 -6.77 -20.82 -3.24
CA GLU A 1614 -7.98 -21.47 -3.72
C GLU A 1614 -8.99 -21.74 -2.61
N PHE A 1615 -8.55 -21.75 -1.35
CA PHE A 1615 -9.45 -22.14 -0.27
C PHE A 1615 -10.63 -21.19 -0.15
N ALA A 1616 -10.42 -19.90 -0.42
CA ALA A 1616 -11.51 -18.95 -0.29
C ALA A 1616 -12.68 -19.32 -1.19
N GLU A 1617 -12.40 -19.57 -2.47
CA GLU A 1617 -13.47 -19.90 -3.40
C GLU A 1617 -14.16 -21.20 -3.00
N GLN A 1618 -13.38 -22.22 -2.61
CA GLN A 1618 -13.98 -23.49 -2.26
C GLN A 1618 -14.91 -23.33 -1.06
N ILE A 1619 -14.48 -22.60 -0.03
CA ILE A 1619 -15.33 -22.40 1.13
C ILE A 1619 -16.55 -21.56 0.76
N ARG A 1620 -16.37 -20.61 -0.15
CA ARG A 1620 -17.51 -19.83 -0.62
C ARG A 1620 -18.55 -20.73 -1.27
N ARG A 1621 -18.10 -21.69 -2.07
CA ARG A 1621 -19.04 -22.62 -2.69
C ARG A 1621 -19.79 -23.44 -1.65
N ASP A 1622 -19.10 -23.93 -0.63
CA ASP A 1622 -19.68 -24.86 0.33
C ASP A 1622 -20.49 -24.16 1.42
N THR A 1623 -20.78 -22.87 1.26
CA THR A 1623 -21.53 -22.15 2.28
C THR A 1623 -22.60 -21.22 1.72
N ASP A 1624 -22.74 -21.14 0.40
CA ASP A 1624 -23.81 -20.39 -0.25
C ASP A 1624 -23.65 -18.88 -0.12
N GLY A 1625 -22.44 -18.39 0.11
CA GLY A 1625 -22.21 -16.96 0.19
C GLY A 1625 -21.86 -16.50 1.58
N TYR A 1626 -22.51 -17.06 2.59
CA TYR A 1626 -22.22 -16.71 3.97
C TYR A 1626 -20.91 -17.36 4.37
N GLY A 1627 -19.80 -16.85 3.83
CA GLY A 1627 -18.53 -17.54 3.90
C GLY A 1627 -18.14 -18.04 5.27
N VAL A 1628 -17.86 -17.14 6.21
CA VAL A 1628 -17.48 -17.54 7.56
C VAL A 1628 -17.64 -16.33 8.47
N ASP A 1629 -17.66 -16.59 9.77
CA ASP A 1629 -17.85 -15.55 10.77
C ASP A 1629 -16.58 -15.20 11.54
N ILE A 1630 -15.67 -16.16 11.72
CA ILE A 1630 -14.41 -15.93 12.41
C ILE A 1630 -13.30 -16.56 11.60
N VAL A 1631 -12.15 -15.90 11.55
CA VAL A 1631 -10.98 -16.40 10.85
C VAL A 1631 -9.80 -16.28 11.80
N LEU A 1632 -9.26 -17.42 12.24
CA LEU A 1632 -8.10 -17.43 13.14
C LEU A 1632 -6.82 -17.55 12.31
N ASN A 1633 -6.67 -16.60 11.39
CA ASN A 1633 -5.58 -16.66 10.43
C ASN A 1633 -4.22 -16.74 11.12
N SER A 1634 -3.34 -17.57 10.56
CA SER A 1634 -1.96 -17.64 11.01
C SER A 1634 -0.97 -17.67 9.86
N LEU A 1635 -1.42 -17.64 8.61
CA LEU A 1635 -0.56 -17.60 7.45
C LEU A 1635 -0.45 -16.18 6.92
N THR A 1636 0.51 -15.97 6.03
CA THR A 1636 0.84 -14.67 5.49
C THR A 1636 0.53 -14.62 4.00
N GLY A 1637 0.89 -13.50 3.38
CA GLY A 1637 0.78 -13.37 1.94
C GLY A 1637 -0.66 -13.20 1.48
N ALA A 1638 -0.90 -13.60 0.23
CA ALA A 1638 -2.21 -13.41 -0.38
C ALA A 1638 -3.31 -14.05 0.47
N ALA A 1639 -3.00 -15.15 1.16
CA ALA A 1639 -4.01 -15.81 1.98
C ALA A 1639 -4.68 -14.81 2.91
N GLN A 1640 -3.90 -13.88 3.47
CA GLN A 1640 -4.47 -12.89 4.38
C GLN A 1640 -5.63 -12.16 3.73
N ARG A 1641 -5.42 -11.62 2.54
CA ARG A 1641 -6.49 -10.88 1.88
C ARG A 1641 -7.70 -11.77 1.63
N ALA A 1642 -7.46 -12.99 1.15
CA ALA A 1642 -8.57 -13.89 0.88
C ALA A 1642 -9.37 -14.16 2.14
N GLY A 1643 -8.67 -14.51 3.23
CA GLY A 1643 -9.37 -14.74 4.48
C GLY A 1643 -10.16 -13.54 4.92
N LEU A 1644 -9.55 -12.35 4.84
CA LEU A 1644 -10.23 -11.14 5.28
C LEU A 1644 -11.50 -10.91 4.47
N GLU A 1645 -11.40 -11.06 3.15
CA GLU A 1645 -12.58 -10.86 2.30
C GLU A 1645 -13.61 -11.95 2.47
N LEU A 1646 -13.22 -13.10 3.02
CA LEU A 1646 -14.15 -14.21 3.14
C LEU A 1646 -15.32 -13.88 4.06
N LEU A 1647 -15.06 -13.18 5.17
CA LEU A 1647 -16.09 -12.95 6.19
C LEU A 1647 -17.34 -12.35 5.57
N ALA A 1648 -18.48 -12.58 6.21
CA ALA A 1648 -19.79 -12.22 5.66
C ALA A 1648 -20.62 -11.47 6.68
N PHE A 1649 -20.42 -10.16 6.76
CA PHE A 1649 -21.33 -9.22 7.41
C PHE A 1649 -21.36 -9.36 8.93
N GLY A 1650 -20.74 -10.41 9.45
CA GLY A 1650 -20.63 -10.56 10.89
C GLY A 1650 -19.37 -9.89 11.38
N GLY A 1651 -18.24 -10.33 10.86
CA GLY A 1651 -16.98 -9.67 11.09
C GLY A 1651 -16.26 -10.14 12.33
N ARG A 1652 -15.15 -10.86 12.13
CA ARG A 1652 -14.14 -11.03 13.17
C ARG A 1652 -12.95 -11.68 12.49
N PHE A 1653 -11.77 -11.08 12.64
CA PHE A 1653 -10.56 -11.57 12.01
C PHE A 1653 -9.43 -11.55 13.05
N VAL A 1654 -9.32 -12.60 13.84
CA VAL A 1654 -8.26 -12.71 14.83
C VAL A 1654 -6.98 -13.10 14.11
N GLU A 1655 -5.96 -12.27 14.20
CA GLU A 1655 -4.70 -12.49 13.51
C GLU A 1655 -3.60 -12.75 14.53
N ILE A 1656 -2.92 -13.88 14.39
CA ILE A 1656 -1.82 -14.21 15.28
C ILE A 1656 -0.49 -14.33 14.56
N GLY A 1657 -0.47 -14.39 13.24
CA GLY A 1657 0.79 -14.42 12.51
C GLY A 1657 1.67 -13.23 12.86
N LYS A 1658 2.91 -13.30 12.40
CA LYS A 1658 3.89 -12.29 12.75
C LYS A 1658 4.56 -11.70 11.51
N ALA A 1659 4.61 -12.48 10.43
CA ALA A 1659 5.32 -12.03 9.24
C ALA A 1659 4.69 -10.78 8.66
N ASP A 1660 3.35 -10.75 8.56
CA ASP A 1660 2.69 -9.64 7.90
C ASP A 1660 2.81 -8.35 8.71
N VAL A 1661 2.51 -8.42 10.01
CA VAL A 1661 2.44 -7.21 10.82
C VAL A 1661 3.79 -6.50 10.85
N TYR A 1662 4.86 -7.26 11.05
CA TYR A 1662 6.20 -6.66 11.01
C TYR A 1662 6.74 -6.64 9.57
N GLY A 1663 5.91 -6.19 8.64
CA GLY A 1663 6.34 -6.03 7.27
C GLY A 1663 5.64 -4.89 6.57
N ASN A 1664 4.86 -4.11 7.31
CA ASN A 1664 3.98 -3.10 6.72
C ASN A 1664 3.25 -3.68 5.51
N THR A 1665 2.50 -4.75 5.77
CA THR A 1665 1.85 -5.47 4.68
C THR A 1665 0.93 -4.57 3.87
N ARG A 1666 0.40 -3.51 4.49
CA ARG A 1666 -0.41 -2.52 3.79
C ARG A 1666 -1.58 -3.20 3.08
N LEU A 1667 -2.46 -3.76 3.88
CA LEU A 1667 -3.61 -4.48 3.33
C LEU A 1667 -4.63 -3.51 2.77
N GLY A 1668 -5.37 -3.98 1.76
CA GLY A 1668 -6.48 -3.20 1.24
C GLY A 1668 -7.59 -3.13 2.27
N LEU A 1669 -8.01 -1.92 2.60
CA LEU A 1669 -9.00 -1.70 3.65
C LEU A 1669 -10.43 -1.73 3.14
N PHE A 1670 -10.63 -1.90 1.84
CA PHE A 1670 -11.99 -1.88 1.30
C PHE A 1670 -12.90 -2.93 1.91
N PRO A 1671 -12.49 -4.19 2.05
CA PRO A 1671 -13.46 -5.22 2.49
C PRO A 1671 -14.05 -4.94 3.85
N PHE A 1672 -13.49 -4.01 4.62
CA PHE A 1672 -14.02 -3.74 5.96
C PHE A 1672 -15.41 -3.12 5.94
N ARG A 1673 -15.89 -2.68 4.78
CA ARG A 1673 -17.14 -1.92 4.76
C ARG A 1673 -18.29 -2.71 5.37
N ARG A 1674 -18.24 -4.03 5.32
CA ARG A 1674 -19.35 -4.85 5.83
C ARG A 1674 -19.13 -5.23 7.29
N GLY A 1675 -18.87 -4.23 8.12
CA GLY A 1675 -18.82 -4.45 9.56
C GLY A 1675 -17.76 -5.43 10.02
N LEU A 1676 -16.56 -5.36 9.44
CA LEU A 1676 -15.48 -6.22 9.87
C LEU A 1676 -14.89 -5.71 11.18
N THR A 1677 -14.06 -6.54 11.80
CA THR A 1677 -13.30 -6.14 12.98
C THR A 1677 -11.99 -6.92 12.97
N PHE A 1678 -10.87 -6.22 12.86
CA PHE A 1678 -9.56 -6.83 12.75
C PHE A 1678 -8.88 -6.80 14.10
N TYR A 1679 -8.46 -7.96 14.59
CA TYR A 1679 -7.76 -8.08 15.86
C TYR A 1679 -6.31 -8.52 15.60
N TYR A 1680 -5.44 -8.17 16.53
CA TYR A 1680 -4.08 -8.71 16.56
C TYR A 1680 -3.80 -9.23 17.96
N LEU A 1681 -3.18 -10.39 18.04
CA LEU A 1681 -3.09 -11.14 19.30
C LEU A 1681 -1.67 -11.69 19.45
N ASP A 1682 -0.82 -10.93 20.13
CA ASP A 1682 0.56 -11.33 20.41
C ASP A 1682 0.63 -11.68 21.89
N LEU A 1683 0.60 -12.98 22.18
CA LEU A 1683 0.46 -13.41 23.57
C LEU A 1683 1.67 -12.97 24.40
N ALA A 1684 2.88 -13.09 23.85
CA ALA A 1684 4.06 -12.72 24.62
C ALA A 1684 4.02 -11.25 25.03
N LEU A 1685 3.71 -10.37 24.07
CA LEU A 1685 3.73 -8.95 24.36
C LEU A 1685 2.65 -8.61 25.37
N MET A 1686 1.47 -9.20 25.23
CA MET A 1686 0.42 -9.02 26.21
C MET A 1686 0.87 -9.47 27.59
N SER A 1687 1.55 -10.61 27.67
CA SER A 1687 2.02 -11.11 28.95
C SER A 1687 2.98 -10.13 29.59
N VAL A 1688 3.91 -9.57 28.81
CA VAL A 1688 4.89 -8.67 29.41
C VAL A 1688 4.23 -7.37 29.86
N THR A 1689 3.25 -6.88 29.11
CA THR A 1689 2.68 -5.57 29.43
C THR A 1689 1.49 -5.63 30.38
N GLN A 1690 0.69 -6.69 30.34
CA GLN A 1690 -0.52 -6.82 31.16
C GLN A 1690 -0.52 -8.17 31.86
N PRO A 1691 0.37 -8.37 32.83
CA PRO A 1691 0.48 -9.69 33.45
C PRO A 1691 -0.83 -10.21 34.02
N ASP A 1692 -1.64 -9.35 34.62
CA ASP A 1692 -2.83 -9.84 35.32
C ASP A 1692 -3.81 -10.50 34.35
N ARG A 1693 -4.03 -9.91 33.19
CA ARG A 1693 -4.99 -10.46 32.25
C ARG A 1693 -4.55 -11.83 31.77
N VAL A 1694 -3.29 -11.98 31.39
CA VAL A 1694 -2.81 -13.28 30.94
C VAL A 1694 -2.81 -14.28 32.08
N ARG A 1695 -2.57 -13.82 33.31
CA ARG A 1695 -2.63 -14.73 34.45
C ARG A 1695 -4.03 -15.29 34.61
N GLU A 1696 -5.04 -14.43 34.54
CA GLU A 1696 -6.41 -14.91 34.61
C GLU A 1696 -6.72 -15.85 33.45
N LEU A 1697 -6.26 -15.50 32.25
CA LEU A 1697 -6.49 -16.34 31.09
C LEU A 1697 -5.88 -17.72 31.28
N LEU A 1698 -4.65 -17.77 31.78
CA LEU A 1698 -3.97 -19.04 31.99
C LEU A 1698 -4.69 -19.87 33.03
N ALA A 1699 -5.12 -19.24 34.13
CA ALA A 1699 -5.86 -19.97 35.13
C ALA A 1699 -7.14 -20.55 34.53
N THR A 1700 -7.84 -19.77 33.72
CA THR A 1700 -9.09 -20.24 33.14
C THR A 1700 -8.85 -21.42 32.21
N VAL A 1701 -7.83 -21.32 31.35
CA VAL A 1701 -7.59 -22.41 30.40
C VAL A 1701 -7.15 -23.67 31.13
N PHE A 1702 -6.31 -23.53 32.16
CA PHE A 1702 -5.90 -24.71 32.92
C PHE A 1702 -7.11 -25.35 33.60
N LYS A 1703 -7.97 -24.54 34.21
CA LYS A 1703 -9.15 -25.09 34.87
C LYS A 1703 -10.03 -25.81 33.85
N LEU A 1704 -10.22 -25.21 32.67
CA LEU A 1704 -11.05 -25.85 31.65
C LEU A 1704 -10.43 -27.16 31.19
N THR A 1705 -9.11 -27.19 30.99
CA THR A 1705 -8.46 -28.43 30.57
C THR A 1705 -8.62 -29.51 31.63
N ALA A 1706 -8.49 -29.13 32.91
CA ALA A 1706 -8.66 -30.11 33.98
C ALA A 1706 -10.06 -30.70 33.96
N ASP A 1707 -11.08 -29.87 33.75
CA ASP A 1707 -12.45 -30.36 33.67
C ASP A 1707 -12.69 -31.25 32.47
N GLY A 1708 -11.77 -31.26 31.50
CA GLY A 1708 -11.92 -32.08 30.33
C GLY A 1708 -12.77 -31.50 29.23
N VAL A 1709 -13.31 -30.29 29.42
CA VAL A 1709 -14.08 -29.66 28.35
C VAL A 1709 -13.19 -29.36 27.15
N LEU A 1710 -11.89 -29.16 27.40
CA LEU A 1710 -10.92 -28.93 26.35
C LEU A 1710 -9.84 -30.00 26.42
N THR A 1711 -9.41 -30.50 25.27
CA THR A 1711 -8.39 -31.52 25.18
C THR A 1711 -7.09 -30.89 24.71
N ALA A 1712 -5.99 -31.25 25.37
CA ALA A 1712 -4.69 -30.73 24.99
C ALA A 1712 -4.27 -31.28 23.63
N PRO A 1713 -3.50 -30.52 22.85
CA PRO A 1713 -3.08 -31.00 21.53
C PRO A 1713 -2.13 -32.18 21.63
N GLN A 1714 -1.67 -32.69 20.50
CA GLN A 1714 -0.76 -33.82 20.49
C GLN A 1714 0.67 -33.37 20.72
N CYS A 1715 1.43 -34.19 21.45
CA CYS A 1715 2.79 -33.85 21.86
C CYS A 1715 3.76 -34.92 21.41
N THR A 1716 4.99 -34.51 21.14
CA THR A 1716 6.08 -35.42 20.79
C THR A 1716 7.34 -34.91 21.48
N HIS A 1717 7.68 -35.52 22.60
CA HIS A 1717 8.77 -35.01 23.44
C HIS A 1717 10.11 -35.13 22.75
N TYR A 1718 11.02 -34.24 23.12
CA TYR A 1718 12.41 -34.30 22.72
C TYR A 1718 13.30 -33.98 23.90
N PRO A 1719 14.48 -34.62 24.01
CA PRO A 1719 15.44 -34.20 25.03
C PRO A 1719 15.98 -32.83 24.70
N LEU A 1720 15.91 -31.92 25.69
CA LEU A 1720 16.22 -30.52 25.42
C LEU A 1720 17.62 -30.35 24.86
N ALA A 1721 18.57 -31.21 25.25
CA ALA A 1721 19.89 -31.16 24.67
C ALA A 1721 19.89 -31.44 23.18
N GLU A 1722 18.82 -32.04 22.66
CA GLU A 1722 18.69 -32.36 21.25
C GLU A 1722 17.88 -31.32 20.50
N ALA A 1723 17.81 -30.09 21.01
CA ALA A 1723 16.99 -29.07 20.37
C ALA A 1723 17.42 -28.81 18.93
N ALA A 1724 18.67 -29.12 18.59
CA ALA A 1724 19.18 -28.76 17.26
C ALA A 1724 18.28 -29.31 16.16
N ASP A 1725 17.98 -30.61 16.21
CA ASP A 1725 17.11 -31.18 15.19
C ASP A 1725 15.65 -30.82 15.44
N ALA A 1726 15.26 -30.64 16.69
CA ALA A 1726 13.86 -30.33 16.99
C ALA A 1726 13.42 -29.04 16.30
N ILE A 1727 14.26 -28.01 16.36
CA ILE A 1727 13.92 -26.76 15.67
C ILE A 1727 13.74 -27.02 14.18
N ARG A 1728 14.50 -27.97 13.62
CA ARG A 1728 14.37 -28.26 12.20
C ARG A 1728 12.98 -28.73 11.85
N ALA A 1729 12.40 -29.59 12.70
CA ALA A 1729 11.07 -30.11 12.42
C ALA A 1729 10.04 -28.99 12.35
N MET A 1730 10.11 -28.05 13.29
CA MET A 1730 9.13 -26.97 13.33
C MET A 1730 9.17 -26.14 12.05
N SER A 1731 10.37 -25.82 11.56
CA SER A 1731 10.48 -24.99 10.37
C SER A 1731 9.97 -25.72 9.13
N ASN A 1732 10.42 -26.95 8.93
CA ASN A 1732 9.99 -27.73 7.78
C ASN A 1732 8.59 -28.32 7.96
N ALA A 1733 8.05 -28.30 9.17
CA ALA A 1733 6.66 -28.67 9.44
C ALA A 1733 6.35 -30.10 8.99
N GLU A 1734 7.27 -31.03 9.31
CA GLU A 1734 7.00 -32.43 9.08
C GLU A 1734 6.34 -33.09 10.29
N HIS A 1735 6.43 -32.47 11.46
CA HIS A 1735 5.82 -32.98 12.68
C HIS A 1735 4.69 -32.06 13.11
N THR A 1736 3.57 -32.67 13.48
CA THR A 1736 2.37 -31.96 13.90
C THR A 1736 2.19 -32.08 15.39
N GLY A 1737 1.48 -31.12 15.96
CA GLY A 1737 1.37 -31.00 17.40
C GLY A 1737 2.50 -30.18 17.99
N LYS A 1738 2.31 -29.74 19.22
CA LYS A 1738 3.31 -28.91 19.87
C LYS A 1738 4.52 -29.75 20.25
N LEU A 1739 5.71 -29.22 19.97
CA LEU A 1739 6.96 -29.90 20.31
C LEU A 1739 7.35 -29.50 21.72
N VAL A 1740 7.20 -30.42 22.65
CA VAL A 1740 7.57 -30.20 24.04
C VAL A 1740 9.01 -30.64 24.24
N LEU A 1741 9.83 -29.77 24.82
CA LEU A 1741 11.21 -30.09 25.16
C LEU A 1741 11.27 -30.49 26.63
N ASP A 1742 11.90 -31.63 26.90
CA ASP A 1742 12.00 -32.18 28.25
C ASP A 1742 13.38 -31.81 28.80
N VAL A 1743 13.43 -30.76 29.60
CA VAL A 1743 14.71 -30.28 30.12
C VAL A 1743 15.34 -31.38 30.97
N PRO A 1744 16.65 -31.61 30.88
CA PRO A 1744 17.27 -32.67 31.69
C PRO A 1744 17.50 -32.17 33.11
N ARG A 1745 16.70 -32.69 34.04
CA ARG A 1745 16.84 -32.38 35.46
C ARG A 1745 17.21 -33.67 36.17
N SER A 1746 18.50 -33.95 36.25
CA SER A 1746 19.00 -35.15 36.90
C SER A 1746 20.44 -34.90 37.33
N GLY A 1747 21.12 -35.95 37.78
CA GLY A 1747 22.51 -35.85 38.14
C GLY A 1747 23.42 -36.02 36.95
N ARG A 1748 22.96 -35.60 35.77
CA ARG A 1748 23.69 -35.78 34.53
C ARG A 1748 24.85 -34.79 34.51
N ARG A 1749 25.88 -35.12 35.29
CA ARG A 1749 27.08 -34.29 35.32
C ARG A 1749 27.57 -34.02 33.91
N SER A 1750 27.81 -32.75 33.61
CA SER A 1750 28.13 -32.34 32.25
C SER A 1750 29.07 -31.15 32.30
N VAL A 1751 29.54 -30.74 31.13
CA VAL A 1751 30.37 -29.58 30.98
C VAL A 1751 29.55 -28.49 30.31
N ALA A 1752 29.39 -27.36 30.99
CA ALA A 1752 28.75 -26.19 30.43
C ALA A 1752 29.79 -25.12 30.18
N VAL A 1753 29.43 -24.15 29.35
CA VAL A 1753 30.36 -23.13 28.87
C VAL A 1753 29.92 -21.77 29.38
N THR A 1754 30.82 -21.07 30.05
CA THR A 1754 30.53 -19.73 30.54
C THR A 1754 30.93 -18.70 29.48
N PRO A 1755 29.99 -17.92 28.94
CA PRO A 1755 30.37 -16.96 27.88
C PRO A 1755 31.15 -15.79 28.43
N GLU A 1756 31.42 -14.80 27.57
CA GLU A 1756 32.15 -13.61 28.00
C GLU A 1756 31.61 -13.07 29.32
N GLN A 1757 30.33 -13.31 29.61
CA GLN A 1757 29.81 -13.01 30.93
C GLN A 1757 30.35 -14.05 31.89
N ALA A 1758 31.46 -13.74 32.53
CA ALA A 1758 32.24 -14.68 33.32
C ALA A 1758 32.55 -14.07 34.67
N PRO A 1759 32.92 -14.87 35.65
CA PRO A 1759 33.20 -14.31 36.98
C PRO A 1759 34.45 -13.47 36.96
N LEU A 1760 34.28 -12.14 36.99
CA LEU A 1760 35.41 -11.21 36.92
C LEU A 1760 35.50 -10.38 38.18
N TYR A 1761 34.44 -9.68 38.59
CA TYR A 1761 34.47 -8.82 39.76
C TYR A 1761 33.31 -9.21 40.66
N ARG A 1762 33.57 -10.15 41.55
CA ARG A 1762 32.58 -10.60 42.52
C ARG A 1762 32.80 -9.88 43.85
N ARG A 1763 31.72 -9.34 44.42
CA ARG A 1763 31.85 -8.39 45.52
C ARG A 1763 32.49 -9.03 46.74
N ASP A 1764 32.10 -10.26 47.08
CA ASP A 1764 32.42 -10.84 48.38
C ASP A 1764 33.72 -11.64 48.36
N GLY A 1765 34.68 -11.24 47.54
CA GLY A 1765 35.96 -11.92 47.48
C GLY A 1765 37.11 -10.93 47.51
N SER A 1766 38.28 -11.45 47.83
CA SER A 1766 39.49 -10.65 47.91
C SER A 1766 40.33 -10.82 46.66
N TYR A 1767 41.02 -9.74 46.27
CA TYR A 1767 41.90 -9.74 45.11
C TYR A 1767 43.26 -9.23 45.52
N ILE A 1768 44.31 -9.86 45.02
CA ILE A 1768 45.68 -9.49 45.33
C ILE A 1768 46.37 -9.08 44.04
N ILE A 1769 47.00 -7.90 44.06
CA ILE A 1769 47.76 -7.40 42.93
C ILE A 1769 49.19 -7.16 43.42
N THR A 1770 50.14 -7.74 42.71
CA THR A 1770 51.55 -7.66 43.09
C THR A 1770 52.23 -6.54 42.32
N GLY A 1771 53.14 -5.85 42.99
CA GLY A 1771 53.79 -4.71 42.38
C GLY A 1771 52.84 -3.57 42.08
N GLY A 1772 51.76 -3.44 42.84
CA GLY A 1772 50.77 -2.42 42.56
C GLY A 1772 51.32 -1.01 42.64
N LEU A 1773 52.25 -0.78 43.55
CA LEU A 1773 52.74 0.56 43.84
C LEU A 1773 53.59 1.16 42.71
N GLY A 1774 53.72 0.53 41.54
CA GLY A 1774 54.53 1.11 40.49
C GLY A 1774 54.03 0.69 39.13
N GLY A 1775 54.21 1.58 38.15
CA GLY A 1775 53.89 1.26 36.77
C GLY A 1775 52.43 0.86 36.59
N LEU A 1776 52.23 -0.21 35.82
CA LEU A 1776 50.87 -0.66 35.52
C LEU A 1776 50.08 -0.99 36.78
N GLY A 1777 50.78 -1.29 37.88
CA GLY A 1777 50.08 -1.66 39.10
C GLY A 1777 49.09 -0.59 39.54
N LEU A 1778 49.51 0.68 39.49
CA LEU A 1778 48.62 1.76 39.89
C LEU A 1778 47.38 1.79 39.01
N PHE A 1779 47.58 1.69 37.69
CA PHE A 1779 46.45 1.76 36.76
C PHE A 1779 45.48 0.61 36.98
N PHE A 1780 46.01 -0.60 37.16
CA PHE A 1780 45.14 -1.75 37.38
C PHE A 1780 44.46 -1.69 38.72
N ALA A 1781 45.15 -1.17 39.74
CA ALA A 1781 44.50 -0.98 41.04
C ALA A 1781 43.35 0.00 40.92
N SER A 1782 43.56 1.11 40.18
CA SER A 1782 42.48 2.07 39.98
C SER A 1782 41.32 1.43 39.24
N LYS A 1783 41.61 0.64 38.21
CA LYS A 1783 40.53 -0.01 37.46
C LYS A 1783 39.75 -0.95 38.35
N LEU A 1784 40.45 -1.73 39.19
CA LEU A 1784 39.76 -2.63 40.12
C LEU A 1784 38.88 -1.83 41.08
N ALA A 1785 39.40 -0.71 41.59
CA ALA A 1785 38.60 0.13 42.45
C ALA A 1785 37.35 0.61 41.73
N ALA A 1786 37.49 0.99 40.46
CA ALA A 1786 36.34 1.43 39.68
C ALA A 1786 35.28 0.33 39.60
N ALA A 1787 35.71 -0.91 39.41
CA ALA A 1787 34.78 -2.03 39.44
C ALA A 1787 34.20 -2.26 40.83
N GLY A 1788 34.77 -1.65 41.86
CA GLY A 1788 34.30 -1.85 43.22
C GLY A 1788 34.57 -3.24 43.75
N CYS A 1789 35.72 -3.82 43.43
CA CYS A 1789 36.07 -5.13 43.93
C CYS A 1789 36.25 -5.11 45.44
N GLY A 1790 35.98 -6.25 46.08
CA GLY A 1790 35.97 -6.31 47.52
C GLY A 1790 37.33 -6.46 48.16
N ARG A 1791 37.83 -5.39 48.76
CA ARG A 1791 39.02 -5.42 49.61
C ARG A 1791 40.21 -6.02 48.85
N ILE A 1792 40.64 -5.29 47.82
CA ILE A 1792 41.81 -5.71 47.06
C ILE A 1792 43.06 -5.47 47.88
N VAL A 1793 43.95 -6.46 47.89
CA VAL A 1793 45.23 -6.36 48.59
C VAL A 1793 46.30 -5.97 47.57
N LEU A 1794 47.12 -4.98 47.92
CA LEU A 1794 48.16 -4.48 47.04
C LEU A 1794 49.51 -4.62 47.74
N THR A 1795 50.51 -5.09 47.01
CA THR A 1795 51.82 -5.31 47.59
C THR A 1795 52.89 -5.02 46.55
N ALA A 1796 54.10 -4.75 47.05
CA ALA A 1796 55.26 -4.53 46.21
C ALA A 1796 56.50 -4.81 47.04
N ARG A 1797 57.67 -4.66 46.43
CA ARG A 1797 58.92 -5.00 47.10
C ARG A 1797 59.44 -3.89 47.99
N SER A 1798 58.88 -2.68 47.91
CA SER A 1798 59.42 -1.55 48.65
C SER A 1798 58.29 -0.61 49.05
N GLN A 1799 58.59 0.27 50.00
CA GLN A 1799 57.60 1.23 50.47
C GLN A 1799 57.21 2.16 49.33
N PRO A 1800 55.93 2.52 49.20
CA PRO A 1800 55.51 3.36 48.08
C PRO A 1800 56.09 4.77 48.15
N ASN A 1801 56.24 5.37 46.98
CA ASN A 1801 56.67 6.74 46.85
C ASN A 1801 55.53 7.69 47.22
N PRO A 1802 55.85 8.97 47.50
CA PRO A 1802 54.79 9.90 47.92
C PRO A 1802 53.64 9.98 46.94
N LYS A 1803 53.92 9.96 45.64
CA LYS A 1803 52.83 9.95 44.66
C LYS A 1803 52.00 8.68 44.80
N ALA A 1804 52.66 7.54 45.01
CA ALA A 1804 51.94 6.29 45.21
C ALA A 1804 51.07 6.36 46.45
N ARG A 1805 51.59 6.93 47.54
CA ARG A 1805 50.78 7.08 48.75
C ARG A 1805 49.57 7.97 48.51
N GLN A 1806 49.78 9.08 47.78
CA GLN A 1806 48.66 9.96 47.46
C GLN A 1806 47.61 9.23 46.65
N THR A 1807 48.03 8.47 45.64
CA THR A 1807 47.09 7.72 44.83
C THR A 1807 46.33 6.70 45.67
N ILE A 1808 47.05 6.01 46.56
CA ILE A 1808 46.42 4.99 47.40
C ILE A 1808 45.36 5.62 48.29
N GLU A 1809 45.70 6.73 48.95
CA GLU A 1809 44.75 7.37 49.83
C GLU A 1809 43.57 7.94 49.05
N GLY A 1810 43.82 8.47 47.86
CA GLY A 1810 42.71 8.95 47.04
C GLY A 1810 41.78 7.83 46.64
N LEU A 1811 42.32 6.70 46.22
CA LEU A 1811 41.49 5.56 45.86
C LEU A 1811 40.71 5.05 47.07
N ARG A 1812 41.35 5.04 48.25
CA ARG A 1812 40.63 4.68 49.46
C ARG A 1812 39.46 5.63 49.70
N ALA A 1813 39.69 6.93 49.52
CA ALA A 1813 38.61 7.89 49.65
C ALA A 1813 37.52 7.65 48.61
N ALA A 1814 37.90 7.09 47.46
CA ALA A 1814 36.91 6.78 46.42
C ALA A 1814 35.96 5.67 46.84
N GLY A 1815 36.25 4.96 47.93
CA GLY A 1815 35.39 3.92 48.45
C GLY A 1815 35.99 2.53 48.40
N ALA A 1816 37.15 2.36 47.77
CA ALA A 1816 37.78 1.05 47.70
C ALA A 1816 38.53 0.76 49.00
N ASP A 1817 38.26 -0.42 49.57
CA ASP A 1817 38.89 -0.81 50.83
C ASP A 1817 40.19 -1.56 50.56
N ILE A 1818 41.11 -0.87 49.90
CA ILE A 1818 42.39 -1.45 49.51
C ILE A 1818 43.35 -1.37 50.68
N VAL A 1819 44.18 -2.40 50.83
CA VAL A 1819 45.16 -2.48 51.90
C VAL A 1819 46.50 -2.84 51.29
N VAL A 1820 47.55 -2.13 51.71
CA VAL A 1820 48.87 -2.26 51.11
C VAL A 1820 49.73 -3.17 51.98
N GLU A 1821 50.68 -3.84 51.35
CA GLU A 1821 51.67 -4.67 52.03
C GLU A 1821 53.01 -4.48 51.34
N CYS A 1822 54.04 -5.13 51.89
CA CYS A 1822 55.38 -5.00 51.34
C CYS A 1822 56.16 -6.27 51.63
N GLY A 1823 57.24 -6.45 50.87
CA GLY A 1823 58.11 -7.61 51.00
C GLY A 1823 58.48 -8.16 49.64
N ASN A 1824 59.60 -8.87 49.60
CA ASN A 1824 60.05 -9.49 48.37
C ASN A 1824 59.24 -10.75 48.08
N ILE A 1825 58.64 -10.80 46.89
CA ILE A 1825 57.82 -11.95 46.53
C ILE A 1825 58.66 -13.19 46.34
N ALA A 1826 59.97 -13.04 46.14
CA ALA A 1826 60.84 -14.20 45.97
C ALA A 1826 60.96 -15.02 47.25
N GLU A 1827 60.49 -14.52 48.38
CA GLU A 1827 60.57 -15.23 49.64
C GLU A 1827 59.26 -15.96 49.91
N PRO A 1828 59.29 -17.25 50.26
CA PRO A 1828 58.04 -17.94 50.59
C PRO A 1828 57.28 -17.26 51.72
N ASP A 1829 57.98 -16.67 52.68
CA ASP A 1829 57.31 -16.01 53.79
C ASP A 1829 56.46 -14.86 53.30
N THR A 1830 56.96 -14.09 52.34
CA THR A 1830 56.18 -12.97 51.81
C THR A 1830 54.88 -13.46 51.17
N ALA A 1831 54.98 -14.53 50.37
CA ALA A 1831 53.78 -15.06 49.72
C ALA A 1831 52.80 -15.59 50.76
N ASP A 1832 53.30 -16.29 51.79
CA ASP A 1832 52.41 -16.80 52.82
C ASP A 1832 51.71 -15.67 53.56
N ARG A 1833 52.45 -14.61 53.89
CA ARG A 1833 51.85 -13.47 54.57
C ARG A 1833 50.79 -12.82 53.67
N LEU A 1834 51.09 -12.67 52.38
CA LEU A 1834 50.14 -12.04 51.48
C LEU A 1834 48.86 -12.86 51.39
N VAL A 1835 48.99 -14.17 51.20
CA VAL A 1835 47.80 -15.00 51.04
C VAL A 1835 47.00 -15.03 52.33
N SER A 1836 47.68 -15.12 53.48
CA SER A 1836 46.95 -15.14 54.75
C SER A 1836 46.22 -13.82 54.99
N ALA A 1837 46.89 -12.69 54.73
CA ALA A 1837 46.28 -11.39 55.00
C ALA A 1837 45.00 -11.20 54.19
N ALA A 1838 45.04 -11.57 52.91
CA ALA A 1838 43.84 -11.47 52.08
C ALA A 1838 42.76 -12.44 52.52
N THR A 1839 43.13 -13.57 53.13
CA THR A 1839 42.16 -14.58 53.55
C THR A 1839 41.63 -14.32 54.94
N ALA A 1840 42.52 -14.06 55.90
CA ALA A 1840 42.10 -13.85 57.29
C ALA A 1840 41.23 -12.61 57.45
N THR A 1841 41.25 -11.69 56.48
CA THR A 1841 40.42 -10.50 56.56
C THR A 1841 38.93 -10.80 56.53
N GLY A 1842 38.54 -12.03 56.17
CA GLY A 1842 37.16 -12.44 56.16
C GLY A 1842 36.55 -12.55 54.77
N LEU A 1843 37.18 -11.94 53.77
CA LEU A 1843 36.69 -12.02 52.40
C LEU A 1843 37.55 -13.01 51.63
N PRO A 1844 37.02 -14.16 51.21
CA PRO A 1844 37.87 -15.15 50.54
C PRO A 1844 38.54 -14.57 49.31
N LEU A 1845 39.80 -14.95 49.10
CA LEU A 1845 40.57 -14.49 47.96
C LEU A 1845 40.38 -15.45 46.79
N ARG A 1846 40.03 -14.90 45.64
CA ARG A 1846 39.84 -15.69 44.43
C ARG A 1846 40.52 -15.14 43.20
N GLY A 1847 40.92 -13.88 43.20
CA GLY A 1847 41.59 -13.28 42.05
C GLY A 1847 42.99 -12.83 42.41
N VAL A 1848 43.92 -13.06 41.48
CA VAL A 1848 45.32 -12.69 41.67
C VAL A 1848 45.82 -12.03 40.39
N LEU A 1849 46.84 -11.19 40.53
CA LEU A 1849 47.46 -10.54 39.39
C LEU A 1849 48.94 -10.32 39.72
N HIS A 1850 49.79 -11.22 39.23
CA HIS A 1850 51.23 -11.15 39.48
C HIS A 1850 51.85 -10.38 38.32
N SER A 1851 52.06 -9.08 38.52
CA SER A 1851 52.58 -8.20 37.48
C SER A 1851 53.95 -7.63 37.80
N ALA A 1852 54.52 -7.96 38.96
CA ALA A 1852 55.79 -7.36 39.35
C ALA A 1852 56.85 -7.59 38.29
N ALA A 1853 57.55 -6.52 37.91
CA ALA A 1853 58.64 -6.59 36.94
C ALA A 1853 59.24 -5.21 36.82
N VAL A 1854 60.46 -5.16 36.31
CA VAL A 1854 61.16 -3.91 36.04
C VAL A 1854 61.82 -4.02 34.67
N VAL A 1855 61.66 -2.98 33.86
CA VAL A 1855 62.21 -2.97 32.51
C VAL A 1855 63.69 -2.63 32.57
N GLU A 1856 64.51 -3.44 31.90
CA GLU A 1856 65.95 -3.21 31.82
C GLU A 1856 66.43 -3.65 30.44
N ASP A 1857 67.50 -3.01 29.97
CA ASP A 1857 68.03 -3.27 28.65
C ASP A 1857 69.47 -3.77 28.76
N ALA A 1858 69.80 -4.78 27.96
CA ALA A 1858 71.15 -5.32 27.92
C ALA A 1858 71.35 -6.04 26.60
N THR A 1859 72.61 -6.25 26.25
CA THR A 1859 72.99 -6.97 25.05
C THR A 1859 73.85 -8.18 25.42
N LEU A 1860 73.91 -9.14 24.52
CA LEU A 1860 74.55 -10.43 24.78
C LEU A 1860 75.85 -10.29 25.57
N THR A 1861 76.80 -9.53 25.03
CA THR A 1861 78.15 -9.53 25.59
C THR A 1861 78.15 -9.06 27.04
N ASN A 1862 77.43 -7.99 27.34
CA ASN A 1862 77.50 -7.37 28.65
C ASN A 1862 76.46 -7.89 29.62
N ILE A 1863 75.66 -8.88 29.24
CA ILE A 1863 74.70 -9.49 30.14
C ILE A 1863 75.45 -10.09 31.31
N THR A 1864 75.17 -9.60 32.52
CA THR A 1864 75.86 -10.04 33.73
C THR A 1864 74.97 -10.96 34.55
N ASP A 1865 75.61 -11.70 35.45
CA ASP A 1865 74.88 -12.69 36.24
C ASP A 1865 73.91 -12.03 37.21
N GLU A 1866 74.28 -10.88 37.78
CA GLU A 1866 73.38 -10.19 38.70
C GLU A 1866 72.11 -9.74 37.99
N LEU A 1867 72.23 -9.23 36.76
CA LEU A 1867 71.05 -8.91 35.98
C LEU A 1867 70.19 -10.15 35.77
N ILE A 1868 70.83 -11.28 35.45
CA ILE A 1868 70.09 -12.52 35.24
C ILE A 1868 69.32 -12.87 36.51
N ASP A 1869 69.97 -12.78 37.67
CA ASP A 1869 69.30 -13.16 38.92
C ASP A 1869 68.14 -12.22 39.24
N ARG A 1870 68.32 -10.92 39.04
CA ARG A 1870 67.27 -9.98 39.39
C ARG A 1870 66.12 -9.99 38.40
N ASP A 1871 66.35 -10.47 37.17
CA ASP A 1871 65.21 -10.77 36.30
C ASP A 1871 64.57 -12.10 36.66
N TRP A 1872 65.36 -13.08 37.10
CA TRP A 1872 64.86 -14.42 37.34
C TRP A 1872 63.98 -14.49 38.58
N SER A 1873 64.45 -13.91 39.69
CA SER A 1873 63.74 -14.06 40.95
C SER A 1873 62.33 -13.51 40.91
N PRO A 1874 62.09 -12.27 40.46
CA PRO A 1874 60.72 -11.74 40.51
C PRO A 1874 59.73 -12.57 39.73
N LYS A 1875 60.12 -13.10 38.58
CA LYS A 1875 59.19 -13.86 37.74
C LYS A 1875 59.07 -15.30 38.23
N VAL A 1876 60.18 -16.03 38.23
CA VAL A 1876 60.14 -17.45 38.55
C VAL A 1876 59.75 -17.67 40.01
N PHE A 1877 60.59 -17.21 40.93
CA PHE A 1877 60.39 -17.52 42.33
C PHE A 1877 59.09 -16.92 42.85
N GLY A 1878 58.82 -15.66 42.50
CA GLY A 1878 57.58 -15.04 42.95
C GLY A 1878 56.36 -15.78 42.46
N SER A 1879 56.34 -16.11 41.16
CA SER A 1879 55.19 -16.79 40.59
C SER A 1879 55.00 -18.16 41.22
N TRP A 1880 56.08 -18.93 41.37
CA TRP A 1880 55.96 -20.25 41.97
C TRP A 1880 55.46 -20.16 43.40
N ASN A 1881 55.99 -19.20 44.17
CA ASN A 1881 55.55 -19.04 45.55
C ASN A 1881 54.07 -18.66 45.59
N LEU A 1882 53.64 -17.77 44.71
CA LEU A 1882 52.23 -17.39 44.68
C LEU A 1882 51.36 -18.60 44.37
N HIS A 1883 51.75 -19.39 43.37
CA HIS A 1883 50.95 -20.55 43.00
C HIS A 1883 50.87 -21.53 44.15
N ARG A 1884 51.99 -21.79 44.83
CA ARG A 1884 51.99 -22.73 45.94
C ARG A 1884 51.11 -22.21 47.09
N ALA A 1885 51.31 -20.96 47.49
CA ALA A 1885 50.57 -20.43 48.63
C ALA A 1885 49.07 -20.39 48.35
N THR A 1886 48.69 -19.98 47.15
CA THR A 1886 47.29 -19.82 46.79
C THR A 1886 46.64 -21.13 46.33
N LEU A 1887 47.42 -22.20 46.16
CA LEU A 1887 46.92 -23.45 45.61
C LEU A 1887 45.59 -23.86 46.21
N GLY A 1888 45.40 -23.62 47.51
CA GLY A 1888 44.21 -24.10 48.18
C GLY A 1888 43.00 -23.20 48.06
N GLN A 1889 43.21 -21.93 47.75
CA GLN A 1889 42.11 -20.98 47.75
C GLN A 1889 41.17 -21.24 46.58
N PRO A 1890 39.92 -20.77 46.67
CA PRO A 1890 38.98 -20.94 45.53
C PRO A 1890 39.18 -19.87 44.47
N LEU A 1891 40.27 -20.00 43.72
CA LEU A 1891 40.62 -18.99 42.75
C LEU A 1891 39.68 -19.05 41.55
N ASP A 1892 39.56 -17.91 40.86
CA ASP A 1892 38.81 -17.82 39.62
C ASP A 1892 39.66 -17.41 38.43
N TRP A 1893 40.85 -16.86 38.66
CA TRP A 1893 41.80 -16.61 37.58
C TRP A 1893 43.19 -16.54 38.17
N PHE A 1894 44.18 -16.43 37.30
CA PHE A 1894 45.57 -16.24 37.71
C PHE A 1894 46.28 -15.59 36.53
N CYS A 1895 46.52 -14.28 36.64
CA CYS A 1895 47.09 -13.50 35.55
C CYS A 1895 48.58 -13.31 35.78
N LEU A 1896 49.39 -13.81 34.87
CA LEU A 1896 50.84 -13.66 34.92
C LEU A 1896 51.28 -12.81 33.75
N PHE A 1897 51.94 -11.69 34.04
CA PHE A 1897 52.39 -10.79 33.01
C PHE A 1897 53.68 -11.29 32.36
N SER A 1898 53.90 -10.85 31.12
CA SER A 1898 55.10 -11.22 30.39
C SER A 1898 55.37 -10.15 29.34
N SER A 1899 56.48 -10.30 28.63
CA SER A 1899 56.90 -9.36 27.61
C SER A 1899 56.85 -10.02 26.24
N GLY A 1900 56.52 -9.22 25.23
CA GLY A 1900 56.53 -9.71 23.87
C GLY A 1900 57.90 -10.18 23.41
N ALA A 1901 58.95 -9.78 24.11
CA ALA A 1901 60.30 -10.19 23.72
C ALA A 1901 60.44 -11.71 23.78
N ALA A 1902 59.95 -12.34 24.84
CA ALA A 1902 60.04 -13.79 24.94
C ALA A 1902 59.34 -14.46 23.77
N LEU A 1903 58.28 -13.84 23.26
CA LEU A 1903 57.56 -14.37 22.10
C LEU A 1903 58.22 -13.97 20.79
N LEU A 1904 58.52 -12.68 20.64
CA LEU A 1904 59.09 -12.16 19.41
C LEU A 1904 60.62 -12.22 19.43
N GLY A 1905 61.23 -11.67 20.46
CA GLY A 1905 62.68 -11.58 20.53
C GLY A 1905 63.18 -10.22 20.11
N SER A 1906 63.54 -9.39 21.08
CA SER A 1906 63.99 -8.04 20.81
C SER A 1906 65.41 -7.88 21.34
N PRO A 1907 66.35 -7.37 20.55
CA PRO A 1907 67.73 -7.19 21.06
C PRO A 1907 67.82 -6.31 22.28
N GLY A 1908 66.75 -5.58 22.63
CA GLY A 1908 66.84 -4.67 23.77
C GLY A 1908 67.25 -5.36 25.05
N GLN A 1909 66.70 -6.55 25.31
CA GLN A 1909 67.00 -7.26 26.54
C GLN A 1909 66.94 -8.75 26.27
N GLY A 1910 67.81 -9.50 26.95
CA GLY A 1910 67.82 -10.94 26.85
C GLY A 1910 67.53 -11.63 28.17
N ALA A 1911 67.92 -11.00 29.28
CA ALA A 1911 67.64 -11.59 30.58
C ALA A 1911 66.14 -11.67 30.82
N TYR A 1912 65.41 -10.62 30.47
CA TYR A 1912 63.95 -10.62 30.63
C TYR A 1912 63.32 -11.76 29.85
N ALA A 1913 63.84 -12.04 28.65
CA ALA A 1913 63.23 -13.06 27.79
C ALA A 1913 63.25 -14.43 28.44
N ALA A 1914 64.37 -14.80 29.07
CA ALA A 1914 64.46 -16.12 29.68
C ALA A 1914 63.40 -16.30 30.75
N ALA A 1915 63.30 -15.34 31.68
CA ALA A 1915 62.33 -15.46 32.75
C ALA A 1915 60.91 -15.45 32.21
N ASN A 1916 60.64 -14.61 31.20
CA ASN A 1916 59.30 -14.57 30.66
C ASN A 1916 58.92 -15.87 29.98
N SER A 1917 59.85 -16.47 29.23
CA SER A 1917 59.56 -17.77 28.64
C SER A 1917 59.32 -18.81 29.72
N TRP A 1918 60.10 -18.76 30.80
CA TRP A 1918 59.91 -19.71 31.88
C TRP A 1918 58.52 -19.57 32.47
N VAL A 1919 58.08 -18.33 32.74
CA VAL A 1919 56.76 -18.15 33.32
C VAL A 1919 55.69 -18.60 32.33
N ASP A 1920 55.94 -18.43 31.04
CA ASP A 1920 55.02 -18.94 30.03
C ASP A 1920 54.82 -20.44 30.19
N VAL A 1921 55.94 -21.18 30.20
CA VAL A 1921 55.84 -22.64 30.30
C VAL A 1921 55.21 -23.04 31.63
N PHE A 1922 55.52 -22.29 32.69
CA PHE A 1922 54.94 -22.60 33.99
C PHE A 1922 53.44 -22.40 33.98
N ALA A 1923 52.97 -21.35 33.30
CA ALA A 1923 51.52 -21.15 33.18
C ALA A 1923 50.89 -22.30 32.40
N HIS A 1924 51.53 -22.74 31.32
CA HIS A 1924 51.01 -23.90 30.62
C HIS A 1924 50.89 -25.10 31.55
N TRP A 1925 51.94 -25.34 32.34
CA TRP A 1925 51.91 -26.49 33.25
C TRP A 1925 50.81 -26.34 34.29
N ARG A 1926 50.65 -25.14 34.84
CA ARG A 1926 49.61 -24.92 35.84
C ARG A 1926 48.24 -25.20 35.26
N ARG A 1927 47.99 -24.71 34.03
CA ARG A 1927 46.72 -25.04 33.38
C ARG A 1927 46.57 -26.54 33.23
N ALA A 1928 47.65 -27.23 32.84
CA ALA A 1928 47.60 -28.68 32.75
C ALA A 1928 47.18 -29.30 34.07
N GLN A 1929 47.60 -28.71 35.19
CA GLN A 1929 47.20 -29.22 36.50
C GLN A 1929 45.73 -28.99 36.80
N GLY A 1930 45.03 -28.18 36.01
CA GLY A 1930 43.61 -27.96 36.16
C GLY A 1930 43.23 -26.66 36.86
N LEU A 1931 44.17 -26.04 37.57
CA LEU A 1931 43.85 -24.80 38.24
C LEU A 1931 43.67 -23.68 37.21
N PRO A 1932 42.88 -22.66 37.52
CA PRO A 1932 42.73 -21.53 36.60
C PRO A 1932 44.05 -20.79 36.43
N VAL A 1933 44.28 -20.28 35.23
CA VAL A 1933 45.49 -19.52 34.93
C VAL A 1933 45.34 -18.81 33.60
N SER A 1934 46.07 -17.71 33.42
CA SER A 1934 46.10 -17.00 32.15
C SER A 1934 47.36 -16.17 32.09
N ALA A 1935 48.18 -16.40 31.07
CA ALA A 1935 49.44 -15.69 30.91
C ALA A 1935 49.35 -14.72 29.74
N ILE A 1936 49.84 -13.50 29.95
CA ILE A 1936 49.78 -12.45 28.95
C ILE A 1936 51.20 -11.94 28.69
N ALA A 1937 51.53 -11.73 27.42
CA ALA A 1937 52.79 -11.15 27.01
C ALA A 1937 52.50 -9.76 26.44
N TRP A 1938 52.85 -8.72 27.19
CA TRP A 1938 52.62 -7.36 26.75
C TRP A 1938 53.73 -6.93 25.78
N GLY A 1939 53.52 -5.77 25.17
CA GLY A 1939 54.43 -5.24 24.17
C GLY A 1939 54.71 -3.77 24.41
N ALA A 1940 54.93 -3.06 23.31
CA ALA A 1940 55.26 -1.65 23.34
C ALA A 1940 53.97 -0.82 23.36
N TRP A 1941 54.10 0.48 23.13
CA TRP A 1941 52.95 1.39 23.17
C TRP A 1941 52.46 1.77 21.78
N GLY A 1942 53.34 2.26 20.92
CA GLY A 1942 52.97 2.75 19.61
C GLY A 1942 53.25 1.76 18.50
N GLU A 1943 52.43 1.81 17.46
CA GLU A 1943 52.61 0.98 16.28
C GLU A 1943 53.41 1.68 15.18
N VAL A 1944 53.85 2.91 15.40
CA VAL A 1944 54.55 3.68 14.39
C VAL A 1944 55.98 4.00 14.79
N GLY A 1945 56.42 3.57 15.97
CA GLY A 1945 57.78 3.82 16.40
C GLY A 1945 57.97 5.21 16.97
N ARG A 1946 59.09 5.85 16.63
CA ARG A 1946 59.39 7.17 17.18
C ARG A 1946 58.52 8.27 16.58
N ALA A 1947 57.89 8.01 15.43
CA ALA A 1947 57.03 9.02 14.81
C ALA A 1947 55.77 9.28 15.61
N THR A 1948 55.47 8.44 16.62
CA THR A 1948 54.29 8.69 17.46
C THR A 1948 54.36 10.06 18.12
N PHE A 1949 55.55 10.53 18.45
CA PHE A 1949 55.67 11.85 19.07
C PHE A 1949 55.18 12.95 18.15
N LEU A 1950 55.49 12.86 16.86
CA LEU A 1950 55.08 13.88 15.89
C LEU A 1950 53.67 13.67 15.39
N ALA A 1951 53.28 12.42 15.13
CA ALA A 1951 51.98 12.11 14.56
C ALA A 1951 50.91 11.84 15.60
N GLU A 1952 51.30 11.51 16.84
CA GLU A 1952 50.34 11.18 17.87
C GLU A 1952 50.58 11.90 19.20
N GLY A 1953 51.77 12.43 19.44
CA GLY A 1953 52.04 13.14 20.67
C GLY A 1953 52.53 12.24 21.78
N GLY A 1954 53.32 12.81 22.68
CA GLY A 1954 53.86 12.06 23.79
C GLY A 1954 52.78 11.49 24.69
N GLU A 1955 52.85 10.19 24.96
CA GLU A 1955 51.92 9.53 25.87
C GLU A 1955 52.68 8.52 26.70
N ILE A 1956 52.14 8.23 27.88
CA ILE A 1956 52.81 7.39 28.87
C ILE A 1956 52.22 5.98 28.81
N MET A 1957 52.97 5.04 29.39
CA MET A 1957 52.53 3.65 29.53
C MET A 1957 52.42 2.95 28.17
N ILE A 1958 51.68 1.84 28.14
CA ILE A 1958 51.74 0.86 27.07
C ILE A 1958 50.39 0.77 26.35
N THR A 1959 49.73 1.92 26.18
CA THR A 1959 48.35 1.96 25.74
C THR A 1959 47.46 1.43 26.87
N PRO A 1960 47.42 2.13 28.00
CA PRO A 1960 46.78 1.57 29.20
C PRO A 1960 45.31 1.24 29.00
N GLU A 1961 44.51 2.22 28.55
CA GLU A 1961 43.08 1.97 28.39
C GLU A 1961 42.83 0.87 27.37
N GLU A 1962 43.62 0.85 26.29
CA GLU A 1962 43.46 -0.19 25.28
C GLU A 1962 43.70 -1.57 25.89
N GLY A 1963 44.74 -1.69 26.72
CA GLY A 1963 45.05 -2.97 27.33
C GLY A 1963 44.14 -3.36 28.47
N ALA A 1964 43.47 -2.40 29.10
CA ALA A 1964 42.57 -2.73 30.19
C ALA A 1964 41.44 -3.63 29.71
N TYR A 1965 40.79 -3.24 28.61
CA TYR A 1965 39.72 -4.07 28.06
C TYR A 1965 40.26 -5.43 27.62
N ALA A 1966 41.44 -5.44 26.99
CA ALA A 1966 42.02 -6.69 26.57
C ALA A 1966 42.22 -7.63 27.75
N PHE A 1967 42.75 -7.12 28.86
CA PHE A 1967 42.93 -7.94 30.04
C PHE A 1967 41.59 -8.42 30.58
N GLU A 1968 40.63 -7.51 30.70
CA GLU A 1968 39.33 -7.88 31.26
C GLU A 1968 38.65 -8.95 30.43
N THR A 1969 38.90 -8.97 29.12
CA THR A 1969 38.35 -10.04 28.29
C THR A 1969 39.14 -11.32 28.45
N LEU A 1970 40.47 -11.23 28.29
CA LEU A 1970 41.30 -12.42 28.24
C LEU A 1970 41.33 -13.17 29.56
N VAL A 1971 41.06 -12.51 30.67
CA VAL A 1971 40.98 -13.22 31.94
C VAL A 1971 39.80 -14.16 31.97
N ARG A 1972 38.80 -13.93 31.14
CA ARG A 1972 37.59 -14.76 31.13
C ARG A 1972 37.75 -16.01 30.30
N HIS A 1973 38.35 -15.91 29.12
CA HIS A 1973 38.52 -17.07 28.27
C HIS A 1973 39.57 -18.01 28.87
N ASP A 1974 39.85 -19.10 28.17
CA ASP A 1974 40.59 -20.21 28.76
C ASP A 1974 42.02 -20.38 28.27
N ARG A 1975 42.38 -19.81 27.13
CA ARG A 1975 43.71 -20.06 26.58
C ARG A 1975 44.78 -19.65 27.59
N ALA A 1976 45.76 -20.54 27.79
CA ALA A 1976 46.75 -20.32 28.83
C ALA A 1976 47.70 -19.18 28.46
N TYR A 1977 48.24 -19.21 27.25
CA TYR A 1977 49.23 -18.25 26.80
C TYR A 1977 48.70 -17.44 25.63
N SER A 1978 48.95 -16.14 25.67
CA SER A 1978 48.48 -15.24 24.64
C SER A 1978 49.36 -14.01 24.61
N GLY A 1979 49.68 -13.55 23.40
CA GLY A 1979 50.48 -12.35 23.26
C GLY A 1979 49.69 -11.20 22.69
N TYR A 1980 49.39 -10.21 23.54
CA TYR A 1980 48.69 -9.00 23.12
C TYR A 1980 49.75 -7.93 22.89
N ILE A 1981 50.17 -7.79 21.64
CA ILE A 1981 51.18 -6.81 21.28
C ILE A 1981 50.77 -6.10 20.00
N PRO A 1982 51.06 -4.81 19.84
CA PRO A 1982 50.60 -4.10 18.64
C PRO A 1982 51.38 -4.47 17.39
N ILE A 1983 50.95 -5.53 16.73
CA ILE A 1983 51.55 -6.02 15.50
C ILE A 1983 50.46 -5.96 14.43
N LEU A 1984 50.73 -6.48 13.24
CA LEU A 1984 49.90 -6.21 12.06
C LEU A 1984 50.18 -4.80 11.55
N GLY A 1985 51.46 -4.45 11.46
CA GLY A 1985 51.89 -3.13 11.09
C GLY A 1985 52.60 -2.44 12.24
N ALA A 1986 53.92 -2.45 12.21
CA ALA A 1986 54.74 -1.89 13.28
C ALA A 1986 56.19 -1.89 12.83
N PRO A 1987 57.04 -1.10 13.49
CA PRO A 1987 58.43 -0.97 13.03
C PRO A 1987 59.18 -2.30 12.95
N TRP A 1988 59.27 -3.01 14.07
CA TRP A 1988 60.11 -4.20 14.10
C TRP A 1988 59.61 -5.30 13.18
N LEU A 1989 58.32 -5.29 12.85
CA LEU A 1989 57.80 -6.34 11.97
C LEU A 1989 58.60 -6.43 10.69
N ALA A 1990 59.09 -5.29 10.18
CA ALA A 1990 59.94 -5.32 9.01
C ALA A 1990 61.18 -6.17 9.23
N ASP A 1991 61.64 -6.27 10.47
CA ASP A 1991 62.82 -7.08 10.78
C ASP A 1991 62.48 -8.54 11.01
N LEU A 1992 61.39 -8.82 11.73
CA LEU A 1992 61.02 -10.20 11.99
C LEU A 1992 60.76 -10.96 10.71
N VAL A 1993 60.03 -10.33 9.77
CA VAL A 1993 59.70 -11.00 8.52
C VAL A 1993 60.95 -11.48 7.83
N ARG A 1994 62.04 -10.71 7.90
CA ARG A 1994 63.29 -11.09 7.26
C ARG A 1994 64.04 -12.13 8.07
N ARG A 1995 64.30 -11.82 9.34
CA ARG A 1995 65.09 -12.73 10.17
C ARG A 1995 64.35 -14.00 10.54
N SER A 1996 63.02 -14.00 10.45
CA SER A 1996 62.23 -15.13 10.90
C SER A 1996 61.86 -16.00 9.72
N PRO A 1997 62.35 -17.24 9.63
CA PRO A 1997 61.82 -18.15 8.61
C PRO A 1997 60.36 -18.48 8.80
N TRP A 1998 59.81 -18.30 10.00
CA TRP A 1998 58.40 -18.62 10.21
C TRP A 1998 57.53 -17.45 9.76
N GLY A 1999 57.63 -16.31 10.45
CA GLY A 1999 57.06 -15.06 9.99
C GLY A 1999 55.75 -15.19 9.25
N GLU A 2000 54.84 -16.02 9.76
CA GLU A 2000 53.62 -16.33 9.00
C GLU A 2000 52.82 -15.08 8.67
N MET A 2001 53.03 -13.99 9.41
CA MET A 2001 52.24 -12.78 9.17
C MET A 2001 52.49 -12.24 7.76
N PHE A 2002 53.74 -12.35 7.28
CA PHE A 2002 54.05 -11.96 5.91
C PHE A 2002 53.68 -10.50 5.66
N ALA A 2003 53.82 -10.08 4.41
CA ALA A 2003 53.36 -8.76 3.96
C ALA A 2003 52.35 -8.86 2.83
N SER A 2004 52.56 -9.78 1.89
CA SER A 2004 51.59 -10.07 0.83
C SER A 2004 51.17 -8.81 0.10
N THR A 2005 52.16 -8.17 -0.54
CA THR A 2005 51.92 -6.98 -1.36
C THR A 2005 51.76 -7.37 -2.83
N GLY A 2006 50.77 -8.23 -3.07
CA GLY A 2006 50.46 -8.68 -4.42
C GLY A 2006 49.01 -8.44 -4.78
N GLN A 2007 48.39 -7.45 -4.15
CA GLN A 2007 46.98 -7.15 -4.39
C GLN A 2007 46.74 -6.51 -5.74
N ARG A 2008 47.79 -6.13 -6.46
CA ARG A 2008 47.63 -5.43 -7.74
C ARG A 2008 47.16 -6.42 -8.80
N SER A 2009 45.89 -6.75 -8.73
CA SER A 2009 45.29 -7.61 -9.75
C SER A 2009 45.15 -6.83 -11.05
N ARG A 2010 45.10 -7.59 -12.16
CA ARG A 2010 45.02 -7.01 -13.49
C ARG A 2010 43.99 -7.78 -14.29
N GLY A 2011 43.80 -7.37 -15.56
CA GLY A 2011 42.87 -8.01 -16.45
C GLY A 2011 43.11 -9.50 -16.66
N PRO A 2012 44.36 -9.94 -16.77
CA PRO A 2012 44.59 -11.39 -16.91
C PRO A 2012 44.07 -12.20 -15.75
N SER A 2013 43.90 -11.60 -14.57
CA SER A 2013 43.56 -12.36 -13.37
C SER A 2013 42.39 -13.31 -13.60
N LYS A 2014 41.61 -13.11 -14.67
CA LYS A 2014 40.49 -13.98 -14.97
C LYS A 2014 40.91 -15.43 -15.16
N PHE A 2015 42.18 -15.71 -15.48
CA PHE A 2015 42.55 -17.10 -15.75
C PHE A 2015 42.11 -18.03 -14.63
N ARG A 2016 41.95 -17.49 -13.42
CA ARG A 2016 41.49 -18.33 -12.32
C ARG A 2016 40.18 -19.02 -12.66
N MET A 2017 39.28 -18.32 -13.35
CA MET A 2017 38.08 -18.97 -13.87
C MET A 2017 38.44 -20.00 -14.93
N GLU A 2018 39.40 -19.67 -15.80
CA GLU A 2018 39.77 -20.59 -16.86
C GLU A 2018 40.44 -21.86 -16.32
N LEU A 2019 40.86 -21.86 -15.06
CA LEU A 2019 41.41 -23.06 -14.45
C LEU A 2019 40.35 -24.10 -14.16
N LEU A 2020 39.10 -23.90 -14.59
CA LEU A 2020 38.09 -24.94 -14.46
C LEU A 2020 38.38 -26.13 -15.35
N SER A 2021 39.33 -26.01 -16.28
CA SER A 2021 39.72 -27.16 -17.09
C SER A 2021 40.14 -28.34 -16.22
N LEU A 2022 40.78 -28.07 -15.09
CA LEU A 2022 41.09 -29.12 -14.14
C LEU A 2022 39.84 -29.53 -13.38
N PRO A 2023 39.86 -30.69 -12.74
CA PRO A 2023 38.64 -31.20 -12.10
C PRO A 2023 38.03 -30.18 -11.16
N GLN A 2024 36.70 -30.05 -11.24
CA GLN A 2024 36.01 -29.00 -10.49
C GLN A 2024 36.12 -29.21 -8.99
N ASP A 2025 36.15 -30.46 -8.53
CA ASP A 2025 36.36 -30.71 -7.12
C ASP A 2025 37.75 -30.24 -6.68
N GLU A 2026 38.77 -30.62 -7.44
CA GLU A 2026 40.10 -30.08 -7.18
C GLU A 2026 40.11 -28.57 -7.37
N TRP A 2027 39.26 -28.06 -8.26
CA TRP A 2027 39.18 -26.61 -8.45
C TRP A 2027 38.69 -25.93 -7.17
N ALA A 2028 37.70 -26.54 -6.50
CA ALA A 2028 37.27 -26.01 -5.21
C ALA A 2028 38.35 -26.16 -4.15
N GLY A 2029 39.07 -27.28 -4.20
CA GLY A 2029 40.18 -27.45 -3.28
C GLY A 2029 41.18 -26.32 -3.39
N ARG A 2030 41.49 -25.90 -4.62
CA ARG A 2030 42.35 -24.75 -4.84
C ARG A 2030 41.63 -23.44 -4.54
N LEU A 2031 40.31 -23.41 -4.70
CA LEU A 2031 39.53 -22.24 -4.36
C LEU A 2031 39.66 -21.91 -2.89
N ARG A 2032 39.83 -22.94 -2.05
CA ARG A 2032 40.14 -22.67 -0.64
C ARG A 2032 41.35 -21.75 -0.53
N ARG A 2033 42.44 -22.11 -1.22
CA ARG A 2033 43.66 -21.31 -1.15
C ARG A 2033 43.44 -19.93 -1.76
N LEU A 2034 42.72 -19.87 -2.88
CA LEU A 2034 42.42 -18.55 -3.46
C LEU A 2034 41.72 -17.67 -2.43
N LEU A 2035 40.71 -18.23 -1.76
CA LEU A 2035 39.94 -17.48 -0.78
C LEU A 2035 40.84 -16.99 0.34
N VAL A 2036 41.65 -17.88 0.92
CA VAL A 2036 42.45 -17.49 2.06
C VAL A 2036 43.48 -16.44 1.66
N GLU A 2037 44.10 -16.61 0.48
CA GLU A 2037 45.07 -15.63 0.02
C GLU A 2037 44.42 -14.27 -0.21
N GLN A 2038 43.25 -14.25 -0.84
CA GLN A 2038 42.58 -12.98 -1.09
C GLN A 2038 42.17 -12.32 0.21
N ALA A 2039 41.73 -13.12 1.18
CA ALA A 2039 41.34 -12.56 2.48
C ALA A 2039 42.56 -12.04 3.23
N SER A 2040 43.72 -12.66 3.05
CA SER A 2040 44.89 -12.28 3.81
C SER A 2040 45.25 -10.82 3.60
N VAL A 2041 45.24 -10.37 2.34
CA VAL A 2041 45.67 -9.01 2.04
C VAL A 2041 44.79 -8.00 2.77
N ILE A 2042 43.47 -8.20 2.72
CA ILE A 2042 42.58 -7.27 3.39
C ILE A 2042 42.75 -7.36 4.91
N LEU A 2043 42.85 -8.58 5.44
CA LEU A 2043 43.05 -8.77 6.87
C LEU A 2043 44.47 -8.44 7.30
N ARG A 2044 45.42 -8.40 6.38
CA ARG A 2044 46.80 -8.07 6.66
C ARG A 2044 47.52 -9.19 7.43
N ARG A 2045 46.91 -10.37 7.54
CA ARG A 2045 47.47 -11.51 8.29
C ARG A 2045 46.94 -12.80 7.68
N THR A 2046 47.68 -13.88 7.77
CA THR A 2046 47.25 -15.18 7.28
C THR A 2046 46.29 -15.80 8.28
N ILE A 2047 45.09 -16.14 7.82
CA ILE A 2047 44.10 -16.80 8.64
C ILE A 2047 44.00 -18.26 8.23
N ASP A 2048 43.52 -19.09 9.14
CA ASP A 2048 43.28 -20.49 8.80
C ASP A 2048 41.99 -20.62 8.00
N ALA A 2049 41.82 -21.78 7.38
CA ALA A 2049 40.64 -22.03 6.57
C ALA A 2049 39.43 -22.48 7.40
N ASP A 2050 39.62 -22.76 8.69
CA ASP A 2050 38.55 -23.32 9.49
C ASP A 2050 37.82 -22.29 10.34
N ARG A 2051 38.47 -21.18 10.67
CA ARG A 2051 37.83 -20.17 11.50
C ARG A 2051 36.90 -19.31 10.64
N SER A 2052 36.41 -18.21 11.20
CA SER A 2052 35.49 -17.32 10.52
C SER A 2052 36.14 -15.98 10.26
N PHE A 2053 35.80 -15.36 9.13
CA PHE A 2053 36.34 -14.05 8.81
C PHE A 2053 35.92 -13.02 9.84
N ILE A 2054 34.65 -13.06 10.27
CA ILE A 2054 34.14 -12.08 11.21
C ILE A 2054 34.93 -12.10 12.51
N GLU A 2055 35.59 -13.21 12.83
CA GLU A 2055 36.34 -13.28 14.09
C GLU A 2055 37.42 -12.21 14.14
N TYR A 2056 38.16 -12.04 13.04
CA TYR A 2056 39.26 -11.07 13.05
C TYR A 2056 38.75 -9.64 12.98
N GLY A 2057 37.64 -9.40 12.30
CA GLY A 2057 37.06 -8.07 12.24
C GLY A 2057 37.06 -7.46 10.86
N LEU A 2058 35.93 -7.34 10.18
CA LEU A 2058 35.84 -6.68 8.86
C LEU A 2058 34.65 -5.74 8.92
N ASP A 2059 34.82 -4.45 8.65
CA ASP A 2059 33.73 -3.45 8.87
C ASP A 2059 32.70 -3.47 7.74
N SER A 2060 32.38 -4.63 7.19
CA SER A 2060 31.43 -4.74 6.05
C SER A 2060 32.07 -3.95 4.90
N LEU A 2061 33.35 -3.57 5.02
CA LEU A 2061 34.13 -2.90 3.95
C LEU A 2061 35.19 -3.92 3.60
N GLY A 2062 35.73 -4.62 4.57
CA GLY A 2062 36.64 -5.73 4.27
C GLY A 2062 35.76 -6.77 3.62
N MET A 2063 34.48 -6.79 3.94
CA MET A 2063 33.51 -7.67 3.30
C MET A 2063 33.25 -7.23 1.87
N LEU A 2064 33.13 -5.92 1.65
CA LEU A 2064 32.99 -5.42 0.28
C LEU A 2064 34.16 -5.87 -0.59
N GLU A 2065 35.38 -5.69 -0.08
CA GLU A 2065 36.56 -6.08 -0.84
C GLU A 2065 36.53 -7.57 -1.14
N MET A 2066 36.21 -8.39 -0.14
CA MET A 2066 36.21 -9.83 -0.31
C MET A 2066 35.19 -10.24 -1.37
N ARG A 2067 33.97 -9.70 -1.28
CA ARG A 2067 32.92 -10.08 -2.23
C ARG A 2067 33.28 -9.65 -3.64
N THR A 2068 33.73 -8.39 -3.80
CA THR A 2068 34.06 -7.89 -5.13
C THR A 2068 35.20 -8.70 -5.74
N HIS A 2069 36.23 -9.00 -4.93
CA HIS A 2069 37.35 -9.76 -5.46
C HIS A 2069 36.94 -11.18 -5.81
N VAL A 2070 36.07 -11.79 -5.00
CA VAL A 2070 35.60 -13.12 -5.32
C VAL A 2070 34.88 -13.10 -6.66
N GLU A 2071 34.00 -12.12 -6.85
CA GLU A 2071 33.28 -12.03 -8.12
C GLU A 2071 34.24 -11.82 -9.29
N THR A 2072 35.26 -10.99 -9.13
CA THR A 2072 36.15 -10.65 -10.27
C THR A 2072 37.00 -11.87 -10.56
N GLU A 2073 37.44 -12.63 -9.56
CA GLU A 2073 38.33 -13.76 -9.80
C GLU A 2073 37.61 -15.06 -10.12
N THR A 2074 36.28 -15.09 -10.02
CA THR A 2074 35.54 -16.31 -10.28
C THR A 2074 34.31 -16.12 -11.14
N GLY A 2075 33.83 -14.90 -11.33
CA GLY A 2075 32.65 -14.69 -12.15
C GLY A 2075 31.37 -15.20 -11.53
N ILE A 2076 31.33 -15.37 -10.22
CA ILE A 2076 30.14 -15.79 -9.51
C ILE A 2076 29.96 -14.87 -8.31
N ARG A 2077 28.72 -14.51 -8.03
CA ARG A 2077 28.40 -13.55 -6.99
C ARG A 2077 27.70 -14.24 -5.83
N LEU A 2078 28.00 -13.77 -4.62
CA LEU A 2078 27.38 -14.25 -3.39
C LEU A 2078 26.84 -13.05 -2.63
N THR A 2079 25.57 -13.12 -2.26
CA THR A 2079 24.91 -11.97 -1.67
C THR A 2079 25.48 -11.68 -0.28
N PRO A 2080 25.56 -10.40 0.12
CA PRO A 2080 25.99 -10.09 1.48
C PRO A 2080 25.23 -10.83 2.56
N LYS A 2081 24.11 -11.47 2.23
CA LYS A 2081 23.39 -12.26 3.22
C LYS A 2081 23.97 -13.67 3.32
N VAL A 2082 24.08 -14.37 2.19
CA VAL A 2082 24.57 -15.74 2.20
C VAL A 2082 26.03 -15.82 2.62
N ILE A 2083 26.78 -14.72 2.54
CA ILE A 2083 28.14 -14.74 3.06
C ILE A 2083 28.12 -14.83 4.58
N ALA A 2084 27.16 -14.16 5.21
CA ALA A 2084 27.12 -14.13 6.68
C ALA A 2084 26.96 -15.54 7.24
N THR A 2085 26.04 -16.32 6.68
CA THR A 2085 25.85 -17.69 7.18
C THR A 2085 27.08 -18.54 6.95
N ASN A 2086 27.71 -18.40 5.78
CA ASN A 2086 28.95 -19.11 5.47
C ASN A 2086 30.18 -18.29 5.83
N ASN A 2087 30.22 -17.78 7.07
CA ASN A 2087 31.30 -16.91 7.48
C ASN A 2087 32.65 -17.62 7.49
N THR A 2088 32.66 -18.94 7.62
CA THR A 2088 33.92 -19.68 7.67
C THR A 2088 34.45 -19.91 6.26
N ALA A 2089 35.78 -19.86 6.13
CA ALA A 2089 36.38 -20.01 4.81
C ALA A 2089 35.96 -21.31 4.15
N ARG A 2090 35.95 -22.41 4.92
CA ARG A 2090 35.51 -23.68 4.35
C ARG A 2090 34.08 -23.58 3.83
N ALA A 2091 33.19 -22.96 4.61
CA ALA A 2091 31.80 -22.86 4.21
C ALA A 2091 31.66 -22.08 2.92
N LEU A 2092 32.33 -20.92 2.82
CA LEU A 2092 32.19 -20.09 1.65
C LEU A 2092 32.80 -20.78 0.43
N ALA A 2093 33.93 -21.46 0.63
CA ALA A 2093 34.55 -22.21 -0.46
C ALA A 2093 33.62 -23.30 -0.98
N GLN A 2094 32.98 -24.05 -0.07
CA GLN A 2094 32.05 -25.08 -0.50
C GLN A 2094 30.86 -24.48 -1.22
N TYR A 2095 30.35 -23.35 -0.72
CA TYR A 2095 29.22 -22.70 -1.38
C TYR A 2095 29.59 -22.27 -2.80
N LEU A 2096 30.78 -21.67 -2.96
CA LEU A 2096 31.23 -21.29 -4.29
C LEU A 2096 31.39 -22.51 -5.18
N ALA A 2097 31.95 -23.59 -4.63
CA ALA A 2097 32.11 -24.81 -5.42
C ALA A 2097 30.77 -25.31 -5.93
N ASP A 2098 29.75 -25.29 -5.07
CA ASP A 2098 28.43 -25.75 -5.49
C ASP A 2098 27.82 -24.82 -6.54
N THR A 2099 27.85 -23.51 -6.27
CA THR A 2099 27.27 -22.54 -7.19
C THR A 2099 28.02 -22.45 -8.50
N LEU A 2100 29.23 -23.00 -8.57
CA LEU A 2100 29.95 -23.09 -9.83
C LEU A 2100 29.79 -24.43 -10.51
N ALA A 2101 29.67 -25.52 -9.76
CA ALA A 2101 29.36 -26.81 -10.35
C ALA A 2101 27.99 -26.79 -11.00
N GLU A 2102 27.05 -26.03 -10.44
CA GLU A 2102 25.76 -25.89 -11.10
C GLU A 2102 25.91 -25.29 -12.49
N GLU A 2103 26.77 -24.28 -12.62
CA GLU A 2103 27.04 -23.71 -13.93
C GLU A 2103 27.75 -24.71 -14.83
N GLN A 2104 28.74 -25.41 -14.30
CA GLN A 2104 29.43 -26.43 -15.09
C GLN A 2104 28.45 -27.44 -15.66
N ALA A 2105 27.44 -27.82 -14.88
CA ALA A 2105 26.40 -28.71 -15.39
C ALA A 2105 25.65 -28.07 -16.55
N ALA A 2106 25.32 -26.79 -16.42
CA ALA A 2106 24.58 -26.08 -17.47
C ALA A 2106 25.42 -25.98 -18.73
N THR B 892 8.61 -0.73 -30.49
CA THR B 892 9.58 0.24 -31.08
C THR B 892 9.89 1.34 -30.08
N ILE B 893 8.88 2.15 -29.75
CA ILE B 893 8.99 3.21 -28.76
C ILE B 893 8.51 2.67 -27.42
N THR B 894 9.31 2.87 -26.37
CA THR B 894 9.00 2.25 -25.10
C THR B 894 7.65 2.70 -24.56
N VAL B 895 7.36 4.00 -24.63
CA VAL B 895 6.09 4.48 -24.12
C VAL B 895 4.96 4.09 -25.05
N HIS B 896 3.75 3.99 -24.50
CA HIS B 896 2.55 3.70 -25.25
C HIS B 896 1.67 4.93 -25.29
N PRO B 897 1.23 5.40 -26.45
CA PRO B 897 0.55 6.70 -26.52
C PRO B 897 -0.69 6.80 -25.64
N LEU B 898 -1.45 5.72 -25.51
CA LEU B 898 -2.71 5.74 -24.77
C LEU B 898 -2.55 5.33 -23.31
N LEU B 899 -1.34 5.07 -22.85
CA LEU B 899 -1.12 4.61 -21.49
C LEU B 899 -0.04 5.34 -20.72
N GLY B 900 0.81 6.10 -21.38
CA GLY B 900 1.87 6.83 -20.68
C GLY B 900 3.12 5.97 -20.50
N SER B 901 3.36 5.54 -19.26
CA SER B 901 4.55 4.77 -18.92
C SER B 901 4.17 3.56 -18.08
N HIS B 902 4.62 2.39 -18.52
CA HIS B 902 4.37 1.17 -17.77
C HIS B 902 5.23 1.12 -16.51
N VAL B 903 4.66 0.59 -15.43
CA VAL B 903 5.37 0.46 -14.16
C VAL B 903 4.85 -0.77 -13.43
N ARG B 904 5.74 -1.70 -13.10
CA ARG B 904 5.38 -2.86 -12.29
C ARG B 904 5.63 -2.53 -10.84
N LEU B 905 4.57 -2.49 -10.04
CA LEU B 905 4.67 -2.25 -8.61
C LEU B 905 4.71 -3.60 -7.90
N THR B 906 5.85 -3.93 -7.29
CA THR B 906 6.01 -5.20 -6.62
C THR B 906 5.39 -5.16 -5.23
N GLU B 907 4.11 -4.83 -5.15
CA GLU B 907 3.39 -4.79 -3.90
C GLU B 907 2.51 -6.04 -3.78
N GLU B 908 1.69 -6.09 -2.74
CA GLU B 908 0.81 -7.22 -2.50
C GLU B 908 -0.64 -6.79 -2.76
N PRO B 909 -1.28 -7.22 -3.85
CA PRO B 909 -0.76 -8.04 -4.96
C PRO B 909 0.04 -7.22 -5.94
N GLU B 910 0.86 -7.85 -6.79
CA GLU B 910 1.61 -7.12 -7.79
C GLU B 910 0.65 -6.37 -8.70
N ARG B 911 0.93 -5.08 -8.93
CA ARG B 911 0.06 -4.22 -9.72
C ARG B 911 0.84 -3.63 -10.90
N HIS B 912 0.14 -3.47 -12.01
CA HIS B 912 0.66 -2.74 -13.17
C HIS B 912 -0.08 -1.41 -13.22
N VAL B 913 0.64 -0.31 -13.04
CA VAL B 913 0.07 1.03 -13.03
C VAL B 913 0.75 1.84 -14.13
N TRP B 914 -0.06 2.58 -14.90
CA TRP B 914 0.41 3.20 -16.13
C TRP B 914 0.37 4.72 -16.08
N GLN B 915 -0.73 5.30 -15.61
CA GLN B 915 -0.88 6.75 -15.52
C GLN B 915 -0.60 7.41 -16.86
N GLY B 916 -1.46 7.10 -17.83
CA GLY B 916 -1.37 7.72 -19.13
C GLY B 916 -2.14 9.04 -19.19
N ASP B 917 -1.83 9.80 -20.23
CA ASP B 917 -2.55 11.04 -20.53
C ASP B 917 -3.04 10.99 -21.97
N VAL B 918 -4.18 11.63 -22.22
CA VAL B 918 -4.73 11.73 -23.56
C VAL B 918 -5.37 13.09 -23.71
N GLY B 919 -5.46 13.54 -24.96
CA GLY B 919 -6.06 14.83 -25.24
C GLY B 919 -5.91 15.26 -26.68
N THR B 920 -6.96 15.86 -27.24
CA THR B 920 -6.88 16.39 -28.59
C THR B 920 -5.80 17.46 -28.72
N SER B 921 -5.42 18.09 -27.61
CA SER B 921 -4.37 19.10 -27.67
C SER B 921 -3.06 18.51 -28.16
N VAL B 922 -2.70 17.33 -27.67
CA VAL B 922 -1.46 16.66 -28.05
C VAL B 922 -1.71 15.49 -28.99
N LEU B 923 -2.77 14.71 -28.75
CA LEU B 923 -3.17 13.63 -29.63
C LEU B 923 -4.32 14.15 -30.50
N SER B 924 -3.96 14.94 -31.50
CA SER B 924 -4.96 15.59 -32.33
C SER B 924 -5.87 14.59 -33.03
N TRP B 925 -5.38 13.37 -33.26
CA TRP B 925 -6.15 12.40 -34.02
C TRP B 925 -7.43 11.97 -33.31
N LEU B 926 -7.60 12.31 -32.04
CA LEU B 926 -8.86 12.06 -31.35
C LEU B 926 -9.92 13.11 -31.65
N SER B 927 -9.51 14.30 -32.13
CA SER B 927 -10.47 15.38 -32.29
C SER B 927 -11.57 15.03 -33.28
N ASP B 928 -11.20 14.42 -34.41
CA ASP B 928 -12.17 14.16 -35.46
C ASP B 928 -13.31 13.27 -35.00
N HIS B 929 -13.07 12.39 -34.02
CA HIS B 929 -14.12 11.50 -33.52
C HIS B 929 -15.04 12.26 -32.55
N GLN B 930 -15.61 13.35 -33.05
CA GLN B 930 -16.45 14.23 -32.25
C GLN B 930 -17.82 13.60 -32.09
N VAL B 931 -17.90 12.66 -31.14
CA VAL B 931 -19.15 11.96 -30.90
C VAL B 931 -20.18 12.92 -30.33
N HIS B 932 -21.41 12.85 -30.84
CA HIS B 932 -22.50 13.68 -30.34
C HIS B 932 -22.16 15.16 -30.43
N ASN B 933 -21.46 15.55 -31.49
CA ASN B 933 -21.07 16.93 -31.72
C ASN B 933 -20.21 17.48 -30.60
N VAL B 934 -19.59 16.60 -29.81
CA VAL B 934 -18.70 17.00 -28.73
C VAL B 934 -17.47 16.10 -28.75
N ALA B 935 -16.33 16.66 -28.36
CA ALA B 935 -15.11 15.88 -28.29
C ALA B 935 -15.33 14.67 -27.38
N ALA B 936 -14.90 13.50 -27.85
CA ALA B 936 -15.19 12.27 -27.13
C ALA B 936 -14.08 11.26 -27.35
N LEU B 937 -14.02 10.28 -26.46
CA LEU B 937 -13.03 9.22 -26.55
C LEU B 937 -13.58 8.08 -27.40
N PRO B 938 -12.93 7.71 -28.50
CA PRO B 938 -13.49 6.66 -29.36
C PRO B 938 -13.69 5.37 -28.58
N GLY B 939 -14.78 4.66 -28.89
CA GLY B 939 -15.10 3.45 -28.16
C GLY B 939 -14.01 2.41 -28.24
N ALA B 940 -13.52 2.15 -29.46
CA ALA B 940 -12.54 1.09 -29.64
C ALA B 940 -11.24 1.36 -28.89
N ALA B 941 -11.00 2.61 -28.50
CA ALA B 941 -9.73 2.95 -27.84
C ALA B 941 -9.59 2.20 -26.53
N TYR B 942 -10.67 2.08 -25.75
CA TYR B 942 -10.58 1.41 -24.46
C TYR B 942 -10.15 -0.05 -24.65
N CYS B 943 -10.79 -0.76 -25.57
CA CYS B 943 -10.43 -2.16 -25.76
C CYS B 943 -9.03 -2.30 -26.32
N GLU B 944 -8.63 -1.41 -27.24
CA GLU B 944 -7.26 -1.48 -27.75
C GLU B 944 -6.27 -1.27 -26.63
N MET B 945 -6.51 -0.27 -25.78
CA MET B 945 -5.60 0.00 -24.67
C MET B 945 -5.55 -1.18 -23.71
N ALA B 946 -6.68 -1.79 -23.44
CA ALA B 946 -6.68 -2.99 -22.60
C ALA B 946 -5.85 -4.08 -23.24
N LEU B 947 -5.98 -4.26 -24.55
CA LEU B 947 -5.15 -5.25 -25.24
C LEU B 947 -3.69 -4.95 -25.07
N ALA B 948 -3.31 -3.68 -25.13
CA ALA B 948 -1.91 -3.30 -24.96
C ALA B 948 -1.37 -3.83 -23.65
N ALA B 949 -2.08 -3.59 -22.55
CA ALA B 949 -1.62 -4.07 -21.25
C ALA B 949 -1.50 -5.59 -21.25
N ALA B 950 -2.39 -6.27 -21.97
CA ALA B 950 -2.33 -7.73 -22.01
C ALA B 950 -1.01 -8.22 -22.59
N ALA B 951 -0.54 -7.57 -23.66
CA ALA B 951 0.71 -7.97 -24.27
C ALA B 951 1.91 -7.75 -23.36
N GLU B 952 1.77 -6.97 -22.29
CA GLU B 952 2.88 -6.68 -21.40
C GLU B 952 2.82 -7.43 -20.09
N VAL B 953 1.65 -7.51 -19.45
CA VAL B 953 1.55 -8.35 -18.25
C VAL B 953 1.77 -9.81 -18.61
N PHE B 954 1.40 -10.22 -19.82
CA PHE B 954 1.72 -11.51 -20.39
C PHE B 954 2.59 -11.27 -21.64
N GLY B 955 2.86 -12.36 -22.36
CA GLY B 955 3.52 -12.27 -23.64
C GLY B 955 2.52 -11.96 -24.74
N GLU B 956 2.96 -12.19 -25.98
CA GLU B 956 2.06 -11.99 -27.11
C GLU B 956 0.86 -12.93 -27.06
N ALA B 957 0.98 -14.07 -26.39
CA ALA B 957 -0.10 -15.03 -26.28
C ALA B 957 -1.05 -14.60 -25.16
N ALA B 958 -1.71 -13.47 -25.39
CA ALA B 958 -2.63 -12.89 -24.43
C ALA B 958 -3.95 -12.58 -25.11
N GLU B 959 -5.02 -12.58 -24.32
CA GLU B 959 -6.36 -12.36 -24.84
C GLU B 959 -7.16 -11.55 -23.81
N VAL B 960 -8.20 -10.89 -24.28
CA VAL B 960 -9.06 -10.07 -23.43
C VAL B 960 -10.49 -10.58 -23.55
N ARG B 961 -11.27 -10.36 -22.51
CA ARG B 961 -12.66 -10.81 -22.53
C ARG B 961 -13.47 -10.03 -21.50
N ASP B 962 -14.78 -10.07 -21.68
CA ASP B 962 -15.76 -9.43 -20.80
C ASP B 962 -15.31 -8.01 -20.43
N ILE B 963 -15.22 -7.17 -21.45
CA ILE B 963 -14.85 -5.77 -21.29
C ILE B 963 -16.10 -4.91 -21.42
N THR B 964 -16.27 -3.97 -20.50
CA THR B 964 -17.37 -3.04 -20.51
C THR B 964 -16.82 -1.62 -20.54
N PHE B 965 -17.42 -0.77 -21.38
CA PHE B 965 -16.92 0.57 -21.60
C PHE B 965 -17.50 1.59 -20.63
N GLU B 966 -18.41 1.19 -19.75
CA GLU B 966 -18.90 2.07 -18.70
C GLU B 966 -19.50 3.35 -19.29
N GLN B 967 -18.72 4.42 -19.39
CA GLN B 967 -19.27 5.72 -19.77
C GLN B 967 -18.16 6.61 -20.31
N MET B 968 -18.59 7.66 -21.01
CA MET B 968 -17.71 8.74 -21.43
C MET B 968 -18.56 9.87 -21.98
N LEU B 969 -18.20 11.09 -21.67
CA LEU B 969 -18.99 12.25 -22.06
C LEU B 969 -18.19 13.33 -22.79
N LEU B 970 -16.94 13.56 -22.39
CA LEU B 970 -16.19 14.66 -22.97
C LEU B 970 -14.71 14.44 -22.72
N LEU B 971 -13.88 15.16 -23.49
CA LEU B 971 -12.43 15.13 -23.33
C LEU B 971 -11.94 16.57 -23.35
N ASP B 972 -11.67 17.14 -22.18
CA ASP B 972 -11.14 18.50 -22.07
C ASP B 972 -9.68 18.48 -22.50
N GLU B 973 -9.48 18.38 -23.81
CA GLU B 973 -8.16 18.29 -24.43
C GLU B 973 -7.21 17.50 -23.55
N GLN B 974 -6.12 18.10 -23.08
CA GLN B 974 -5.19 17.41 -22.20
C GLN B 974 -5.94 16.87 -20.99
N THR B 975 -5.84 15.55 -20.78
CA THR B 975 -6.57 14.91 -19.69
C THR B 975 -5.75 13.73 -19.17
N PRO B 976 -5.50 13.64 -17.87
CA PRO B 976 -4.89 12.42 -17.34
C PRO B 976 -5.86 11.25 -17.44
N ILE B 977 -5.30 10.06 -17.66
CA ILE B 977 -6.07 8.83 -17.74
C ILE B 977 -5.26 7.74 -17.07
N ASP B 978 -5.68 7.33 -15.87
CA ASP B 978 -4.98 6.30 -15.12
C ASP B 978 -5.55 4.93 -15.46
N ALA B 979 -4.67 4.00 -15.81
CA ALA B 979 -5.04 2.62 -16.06
C ALA B 979 -4.25 1.72 -15.12
N VAL B 980 -4.94 0.77 -14.50
CA VAL B 980 -4.33 -0.13 -13.54
C VAL B 980 -4.73 -1.56 -13.89
N ALA B 981 -3.74 -2.44 -13.99
CA ALA B 981 -3.97 -3.87 -14.16
C ALA B 981 -3.34 -4.59 -12.98
N SER B 982 -4.11 -5.45 -12.33
CA SER B 982 -3.67 -6.12 -11.11
C SER B 982 -3.74 -7.63 -11.32
N ILE B 983 -2.68 -8.32 -10.89
CA ILE B 983 -2.70 -9.79 -10.83
C ILE B 983 -3.24 -10.12 -9.44
N ASP B 984 -4.57 -10.10 -9.32
CA ASP B 984 -5.20 -10.20 -8.01
C ASP B 984 -5.08 -11.61 -7.45
N ALA B 985 -5.35 -12.61 -8.26
CA ALA B 985 -5.35 -14.01 -7.87
C ALA B 985 -4.54 -14.80 -8.87
N PRO B 986 -3.99 -15.95 -8.47
CA PRO B 986 -3.18 -16.75 -9.40
C PRO B 986 -3.96 -17.04 -10.68
N GLY B 987 -3.29 -16.85 -11.81
CA GLY B 987 -3.95 -17.04 -13.09
C GLY B 987 -5.14 -16.14 -13.32
N VAL B 988 -5.22 -15.02 -12.62
CA VAL B 988 -6.34 -14.09 -12.74
C VAL B 988 -5.78 -12.68 -12.78
N VAL B 989 -6.32 -11.85 -13.69
CA VAL B 989 -5.88 -10.48 -13.86
C VAL B 989 -7.10 -9.60 -14.14
N ASN B 990 -7.31 -8.59 -13.30
CA ASN B 990 -8.42 -7.66 -13.45
C ASN B 990 -7.87 -6.32 -13.92
N PHE B 991 -8.48 -5.77 -14.96
CA PHE B 991 -8.01 -4.54 -15.59
C PHE B 991 -9.05 -3.44 -15.41
N THR B 992 -8.60 -2.27 -15.00
CA THR B 992 -9.47 -1.14 -14.73
C THR B 992 -8.85 0.13 -15.29
N VAL B 993 -9.72 1.09 -15.63
CA VAL B 993 -9.29 2.39 -16.13
C VAL B 993 -10.02 3.47 -15.35
N GLU B 994 -9.28 4.44 -14.82
CA GLU B 994 -9.84 5.51 -14.01
C GLU B 994 -9.28 6.84 -14.49
N THR B 995 -10.18 7.80 -14.73
CA THR B 995 -9.77 9.13 -15.16
C THR B 995 -9.48 10.07 -13.99
N ASN B 996 -9.83 9.68 -12.77
CA ASN B 996 -9.51 10.45 -11.58
C ASN B 996 -9.89 11.92 -11.75
N ARG B 997 -11.20 12.14 -11.90
CA ARG B 997 -11.72 13.48 -12.16
C ARG B 997 -11.39 14.44 -11.02
N ASP B 998 -10.50 15.39 -11.28
CA ASP B 998 -10.14 16.45 -10.32
C ASP B 998 -9.93 15.88 -8.92
N GLY B 999 -9.30 14.72 -8.81
CA GLY B 999 -9.12 14.06 -7.54
C GLY B 999 -10.24 13.12 -7.16
N GLU B 1000 -11.38 13.22 -7.84
CA GLU B 1000 -12.47 12.26 -7.66
C GLU B 1000 -12.11 11.00 -8.45
N THR B 1001 -13.08 10.10 -8.61
CA THR B 1001 -12.88 8.89 -9.38
C THR B 1001 -14.12 8.60 -10.22
N THR B 1002 -13.90 7.98 -11.37
CA THR B 1002 -15.02 7.58 -12.23
C THR B 1002 -14.53 6.46 -13.14
N ARG B 1003 -15.03 5.26 -12.92
CA ARG B 1003 -14.62 4.12 -13.74
C ARG B 1003 -15.03 4.34 -15.18
N HIS B 1004 -14.13 4.02 -16.11
CA HIS B 1004 -14.37 4.21 -17.52
C HIS B 1004 -14.25 2.94 -18.34
N ALA B 1005 -13.62 1.90 -17.81
CA ALA B 1005 -13.50 0.64 -18.54
C ALA B 1005 -13.01 -0.43 -17.59
N THR B 1006 -13.70 -1.57 -17.60
CA THR B 1006 -13.32 -2.73 -16.82
C THR B 1006 -13.13 -3.91 -17.75
N ALA B 1007 -12.07 -4.69 -17.50
CA ALA B 1007 -11.78 -5.85 -18.32
C ALA B 1007 -10.97 -6.84 -17.49
N ALA B 1008 -10.95 -8.09 -17.95
CA ALA B 1008 -10.18 -9.15 -17.31
C ALA B 1008 -9.25 -9.73 -18.35
N LEU B 1009 -8.01 -10.02 -17.94
CA LEU B 1009 -6.95 -10.39 -18.87
C LEU B 1009 -6.60 -11.86 -18.68
N ARG B 1010 -7.13 -12.72 -19.54
CA ARG B 1010 -6.70 -14.11 -19.57
C ARG B 1010 -5.36 -14.22 -20.29
N ALA B 1011 -4.79 -15.43 -20.26
CA ALA B 1011 -3.48 -15.68 -20.81
C ALA B 1011 -3.53 -16.85 -21.78
N ALA B 1012 -2.80 -16.73 -22.89
CA ALA B 1012 -2.55 -17.84 -23.79
C ALA B 1012 -3.77 -18.24 -24.61
N GLU B 1013 -4.77 -18.84 -23.96
CA GLU B 1013 -5.88 -19.45 -24.68
C GLU B 1013 -5.36 -20.64 -25.46
N ASP B 1014 -6.16 -21.16 -26.39
CA ASP B 1014 -5.72 -22.28 -27.20
C ASP B 1014 -4.61 -21.85 -28.15
N ASP B 1015 -3.60 -22.72 -28.28
CA ASP B 1015 -2.47 -22.45 -29.16
C ASP B 1015 -2.76 -22.76 -30.62
N CYS B 1016 -3.89 -23.39 -30.92
CA CYS B 1016 -4.19 -23.74 -32.30
C CYS B 1016 -4.35 -22.48 -33.14
N PRO B 1017 -3.78 -22.44 -34.34
CA PRO B 1017 -3.94 -21.25 -35.17
C PRO B 1017 -5.40 -21.02 -35.51
N PRO B 1018 -5.79 -19.77 -35.74
CA PRO B 1018 -7.18 -19.49 -36.08
C PRO B 1018 -7.53 -20.05 -37.45
N PRO B 1019 -8.79 -20.39 -37.69
CA PRO B 1019 -9.17 -20.94 -39.00
C PRO B 1019 -8.89 -19.96 -40.13
N GLY B 1020 -8.45 -20.49 -41.26
CA GLY B 1020 -8.17 -19.64 -42.40
C GLY B 1020 -9.44 -19.10 -43.03
N TYR B 1021 -9.37 -17.86 -43.50
CA TYR B 1021 -10.51 -17.19 -44.12
C TYR B 1021 -10.05 -16.47 -45.39
N ASP B 1022 -9.30 -17.19 -46.24
CA ASP B 1022 -8.74 -16.62 -47.47
C ASP B 1022 -9.80 -15.84 -48.25
N ILE B 1023 -9.35 -14.93 -49.10
CA ILE B 1023 -10.26 -14.13 -49.91
C ILE B 1023 -11.01 -15.05 -50.87
N THR B 1024 -12.31 -15.22 -50.64
CA THR B 1024 -13.11 -16.11 -51.45
C THR B 1024 -14.56 -15.68 -51.35
N ALA B 1025 -15.37 -16.15 -52.30
CA ALA B 1025 -16.81 -15.94 -52.29
C ALA B 1025 -17.15 -14.47 -52.08
N LEU B 1026 -16.53 -13.61 -52.90
CA LEU B 1026 -16.77 -12.18 -52.82
C LEU B 1026 -18.04 -11.83 -53.59
N LEU B 1027 -19.05 -11.33 -52.87
CA LEU B 1027 -20.32 -10.90 -53.45
C LEU B 1027 -21.08 -12.03 -54.14
N GLN B 1028 -20.62 -13.27 -53.99
CA GLN B 1028 -21.23 -14.37 -54.76
C GLN B 1028 -22.70 -14.53 -54.41
N ALA B 1029 -23.09 -14.27 -53.16
CA ALA B 1029 -24.49 -14.34 -52.75
C ALA B 1029 -24.84 -13.19 -51.82
N HIS B 1030 -24.16 -12.06 -51.95
CA HIS B 1030 -24.36 -10.94 -51.04
C HIS B 1030 -23.85 -9.64 -51.67
N PRO B 1031 -24.67 -8.94 -52.44
CA PRO B 1031 -24.29 -7.61 -52.94
C PRO B 1031 -24.41 -6.50 -51.92
N HIS B 1032 -24.55 -6.82 -50.63
CA HIS B 1032 -24.71 -5.83 -49.58
C HIS B 1032 -23.41 -5.15 -49.20
N ALA B 1033 -22.29 -5.53 -49.81
CA ALA B 1033 -21.02 -4.86 -49.52
C ALA B 1033 -21.09 -3.37 -49.84
N VAL B 1034 -22.00 -2.96 -50.72
CA VAL B 1034 -22.09 -1.55 -51.11
C VAL B 1034 -22.33 -0.71 -49.87
N ASN B 1035 -21.46 0.29 -49.67
CA ASN B 1035 -21.55 1.20 -48.53
C ASN B 1035 -22.17 2.53 -48.92
N GLY B 1036 -21.57 3.21 -49.89
CA GLY B 1036 -22.21 4.39 -50.46
C GLY B 1036 -22.35 5.51 -49.46
N THR B 1037 -23.59 5.93 -49.22
CA THR B 1037 -23.82 7.06 -48.32
C THR B 1037 -23.53 6.72 -46.87
N ALA B 1038 -23.53 5.43 -46.51
CA ALA B 1038 -23.48 5.06 -45.10
C ALA B 1038 -22.30 5.72 -44.38
N MET B 1039 -21.15 5.83 -45.06
CA MET B 1039 -20.05 6.58 -44.45
C MET B 1039 -20.42 8.02 -44.15
N ARG B 1040 -21.39 8.59 -44.84
CA ARG B 1040 -21.88 9.93 -44.54
C ARG B 1040 -23.31 9.97 -44.03
N GLU B 1041 -24.15 9.00 -44.42
CA GLU B 1041 -25.55 9.00 -43.99
C GLU B 1041 -25.69 8.74 -42.50
N SER B 1042 -24.70 8.13 -41.88
CA SER B 1042 -24.76 7.77 -40.46
C SER B 1042 -24.20 8.85 -39.56
N PHE B 1043 -23.84 10.02 -40.11
CA PHE B 1043 -23.21 11.05 -39.29
C PHE B 1043 -24.24 11.75 -38.39
N ALA B 1044 -25.52 11.77 -38.79
CA ALA B 1044 -26.50 12.54 -38.04
C ALA B 1044 -26.66 12.02 -36.63
N GLU B 1045 -26.71 10.69 -36.48
CA GLU B 1045 -26.97 10.12 -35.16
C GLU B 1045 -25.83 10.41 -34.19
N ARG B 1046 -24.58 10.32 -34.65
CA ARG B 1046 -23.42 10.46 -33.76
C ARG B 1046 -22.42 11.52 -34.20
N GLY B 1047 -22.48 11.99 -35.45
CA GLY B 1047 -21.56 13.05 -35.87
C GLY B 1047 -20.10 12.68 -35.78
N VAL B 1048 -19.75 11.46 -36.13
CA VAL B 1048 -18.38 10.98 -36.06
C VAL B 1048 -17.74 11.12 -37.44
N THR B 1049 -16.54 11.69 -37.48
CA THR B 1049 -15.78 11.83 -38.72
C THR B 1049 -14.36 11.36 -38.49
N LEU B 1050 -13.72 10.88 -39.56
CA LEU B 1050 -12.34 10.40 -39.50
C LEU B 1050 -11.71 10.64 -40.86
N GLY B 1051 -10.99 11.75 -40.98
CA GLY B 1051 -10.35 12.09 -42.24
C GLY B 1051 -11.33 12.59 -43.28
N ALA B 1052 -12.23 11.70 -43.71
CA ALA B 1052 -13.26 12.06 -44.68
C ALA B 1052 -14.40 11.07 -44.52
N ALA B 1053 -15.57 11.55 -44.06
CA ALA B 1053 -16.67 10.65 -43.75
C ALA B 1053 -16.23 9.67 -42.68
N PHE B 1054 -15.76 8.49 -43.09
CA PHE B 1054 -15.14 7.54 -42.17
C PHE B 1054 -13.82 6.97 -42.64
N GLY B 1055 -13.54 6.98 -43.94
CA GLY B 1055 -12.25 6.52 -44.43
C GLY B 1055 -12.09 5.01 -44.34
N GLY B 1056 -12.21 4.47 -43.14
CA GLY B 1056 -12.13 3.04 -42.94
C GLY B 1056 -13.38 2.28 -43.32
N LEU B 1057 -14.43 2.99 -43.74
CA LEU B 1057 -15.67 2.37 -44.17
C LEU B 1057 -15.84 2.64 -45.66
N THR B 1058 -15.75 1.57 -46.46
CA THR B 1058 -15.88 1.67 -47.91
C THR B 1058 -16.76 0.54 -48.40
N THR B 1059 -17.07 0.57 -49.69
CA THR B 1059 -17.88 -0.47 -50.30
C THR B 1059 -17.23 -1.84 -50.15
N ALA B 1060 -16.10 -2.03 -50.80
CA ALA B 1060 -15.36 -3.29 -50.72
C ALA B 1060 -16.27 -4.46 -51.10
N HIS B 1061 -15.77 -5.68 -50.91
CA HIS B 1061 -16.57 -6.87 -51.13
C HIS B 1061 -17.23 -7.29 -49.82
N THR B 1062 -17.82 -8.48 -49.80
CA THR B 1062 -18.37 -9.05 -48.58
C THR B 1062 -18.44 -10.56 -48.74
N ALA B 1063 -18.64 -11.25 -47.63
CA ALA B 1063 -18.67 -12.71 -47.59
C ALA B 1063 -20.01 -13.18 -47.04
N GLU B 1064 -20.18 -14.49 -46.96
CA GLU B 1064 -21.41 -15.09 -46.45
C GLU B 1064 -21.50 -14.83 -44.95
N ALA B 1065 -22.38 -13.93 -44.56
CA ALA B 1065 -22.58 -13.54 -43.16
C ALA B 1065 -23.87 -12.74 -43.09
N GLY B 1066 -24.13 -12.13 -41.93
CA GLY B 1066 -25.28 -11.27 -41.77
C GLY B 1066 -25.42 -10.32 -42.94
N ALA B 1067 -26.66 -9.93 -43.25
CA ALA B 1067 -26.91 -9.13 -44.45
C ALA B 1067 -26.07 -7.86 -44.46
N ALA B 1068 -25.73 -7.35 -43.27
CA ALA B 1068 -24.95 -6.12 -43.14
C ALA B 1068 -23.44 -6.37 -43.20
N THR B 1069 -23.01 -7.61 -43.43
CA THR B 1069 -21.59 -7.91 -43.43
C THR B 1069 -20.89 -7.26 -44.62
N VAL B 1070 -19.67 -6.79 -44.39
CA VAL B 1070 -18.85 -6.18 -45.43
C VAL B 1070 -17.41 -6.06 -44.95
N LEU B 1071 -16.45 -6.13 -45.88
CA LEU B 1071 -15.04 -6.01 -45.51
C LEU B 1071 -14.68 -4.58 -45.14
N ALA B 1072 -15.11 -3.62 -45.93
CA ALA B 1072 -15.01 -2.18 -45.72
C ALA B 1072 -13.61 -1.63 -45.96
N GLU B 1073 -12.60 -2.46 -46.20
CA GLU B 1073 -11.25 -2.00 -46.51
C GLU B 1073 -10.81 -0.90 -45.54
N VAL B 1074 -10.66 -1.30 -44.29
CA VAL B 1074 -10.61 -0.38 -43.15
C VAL B 1074 -9.28 0.36 -43.05
N ALA B 1075 -8.39 0.19 -44.02
CA ALA B 1075 -7.09 0.84 -43.96
C ALA B 1075 -7.24 2.34 -43.76
N LEU B 1076 -6.42 2.89 -42.86
CA LEU B 1076 -6.51 4.29 -42.48
C LEU B 1076 -5.81 5.16 -43.52
N PRO B 1077 -6.08 6.47 -43.51
CA PRO B 1077 -5.32 7.37 -44.37
C PRO B 1077 -3.84 7.31 -44.04
N ALA B 1078 -3.02 7.37 -45.09
CA ALA B 1078 -1.57 7.22 -44.89
C ALA B 1078 -1.04 8.27 -43.94
N SER B 1079 -1.54 9.51 -44.03
CA SER B 1079 -1.08 10.57 -43.14
C SER B 1079 -1.25 10.16 -41.68
N ILE B 1080 -2.42 9.64 -41.33
CA ILE B 1080 -2.66 9.17 -39.97
C ILE B 1080 -2.05 7.80 -39.74
N ARG B 1081 -1.77 7.05 -40.80
CA ARG B 1081 -1.21 5.71 -40.66
C ARG B 1081 0.30 5.72 -40.44
N PHE B 1082 0.97 6.84 -40.68
CA PHE B 1082 2.42 6.89 -40.55
C PHE B 1082 2.89 6.82 -39.09
N GLN B 1083 2.01 7.08 -38.13
CA GLN B 1083 2.42 7.18 -36.73
C GLN B 1083 2.26 5.87 -35.97
N GLN B 1084 1.36 4.99 -36.42
CA GLN B 1084 1.08 3.77 -35.66
C GLN B 1084 2.26 2.81 -35.64
N GLY B 1085 3.28 3.04 -36.47
CA GLY B 1085 4.43 2.15 -36.54
C GLY B 1085 4.91 1.69 -35.18
N ALA B 1086 5.07 2.63 -34.25
CA ALA B 1086 5.50 2.28 -32.90
C ALA B 1086 4.33 1.92 -31.99
N TYR B 1087 3.16 2.53 -32.21
CA TYR B 1087 2.01 2.26 -31.36
C TYR B 1087 1.48 0.85 -31.61
N ARG B 1088 0.83 0.29 -30.60
CA ARG B 1088 0.33 -1.08 -30.71
C ARG B 1088 -0.63 -1.20 -31.89
N ILE B 1089 -1.78 -0.54 -31.79
CA ILE B 1089 -2.74 -0.51 -32.88
C ILE B 1089 -3.47 0.82 -32.81
N HIS B 1090 -3.82 1.35 -33.96
CA HIS B 1090 -4.62 2.56 -34.02
C HIS B 1090 -6.07 2.20 -33.73
N PRO B 1091 -6.68 2.69 -32.65
CA PRO B 1091 -8.08 2.32 -32.38
C PRO B 1091 -9.04 2.85 -33.42
N ALA B 1092 -8.65 3.85 -34.20
CA ALA B 1092 -9.48 4.27 -35.33
C ALA B 1092 -9.74 3.10 -36.27
N LEU B 1093 -8.75 2.23 -36.46
CA LEU B 1093 -8.94 1.04 -37.28
C LEU B 1093 -10.10 0.22 -36.75
N LEU B 1094 -9.99 -0.28 -35.52
CA LEU B 1094 -11.07 -1.07 -34.94
C LEU B 1094 -12.34 -0.25 -34.81
N ASP B 1095 -12.21 1.06 -34.62
CA ASP B 1095 -13.40 1.91 -34.56
C ASP B 1095 -14.22 1.77 -35.84
N ALA B 1096 -13.58 1.96 -36.99
CA ALA B 1096 -14.28 1.79 -38.26
C ALA B 1096 -14.69 0.34 -38.44
N CYS B 1097 -13.86 -0.60 -37.98
CA CYS B 1097 -14.18 -2.01 -38.10
C CYS B 1097 -15.54 -2.31 -37.49
N PHE B 1098 -15.78 -1.84 -36.26
CA PHE B 1098 -17.06 -2.08 -35.63
C PHE B 1098 -18.14 -1.19 -36.23
N GLN B 1099 -17.80 0.07 -36.55
CA GLN B 1099 -18.80 0.96 -37.13
C GLN B 1099 -19.38 0.38 -38.42
N SER B 1100 -18.61 -0.48 -39.09
CA SER B 1100 -19.15 -1.16 -40.26
C SER B 1100 -20.43 -1.91 -39.92
N VAL B 1101 -20.55 -2.39 -38.67
CA VAL B 1101 -21.79 -3.01 -38.24
C VAL B 1101 -22.90 -1.96 -38.16
N GLY B 1102 -22.61 -0.83 -37.52
CA GLY B 1102 -23.63 0.22 -37.41
C GLY B 1102 -24.04 0.76 -38.76
N ALA B 1103 -23.06 1.08 -39.60
CA ALA B 1103 -23.37 1.48 -40.97
C ALA B 1103 -24.00 0.32 -41.74
N GLY B 1104 -23.56 -0.91 -41.48
CA GLY B 1104 -24.15 -2.06 -42.15
C GLY B 1104 -25.62 -2.22 -41.82
N VAL B 1105 -26.00 -1.94 -40.57
CA VAL B 1105 -27.40 -2.07 -40.18
C VAL B 1105 -28.17 -0.80 -40.52
N GLN B 1106 -27.62 0.37 -40.19
CA GLN B 1106 -28.26 1.65 -40.46
C GLN B 1106 -29.72 1.62 -40.02
N ALA B 1107 -29.93 1.18 -38.79
CA ALA B 1107 -31.28 0.99 -38.26
C ALA B 1107 -31.80 2.27 -37.65
N GLY B 1108 -32.98 2.69 -38.10
CA GLY B 1108 -33.66 3.84 -37.51
C GLY B 1108 -34.71 3.40 -36.51
N THR B 1109 -34.58 2.18 -36.02
CA THR B 1109 -35.57 1.57 -35.13
C THR B 1109 -35.46 2.20 -33.74
N ALA B 1110 -36.03 1.52 -32.74
CA ALA B 1110 -36.05 2.01 -31.37
C ALA B 1110 -34.65 2.22 -30.81
N THR B 1111 -33.63 1.74 -31.52
CA THR B 1111 -32.24 1.99 -31.09
C THR B 1111 -31.99 3.49 -30.94
N GLY B 1112 -32.66 4.32 -31.72
CA GLY B 1112 -32.55 5.76 -31.58
C GLY B 1112 -31.30 6.37 -32.15
N GLY B 1113 -30.49 5.60 -32.89
CA GLY B 1113 -29.26 6.10 -33.46
C GLY B 1113 -28.06 6.03 -32.55
N LEU B 1114 -28.24 5.63 -31.29
CA LEU B 1114 -27.13 5.50 -30.35
C LEU B 1114 -26.40 4.19 -30.62
N LEU B 1115 -25.76 4.14 -31.79
CA LEU B 1115 -25.11 2.91 -32.26
C LEU B 1115 -23.64 2.91 -31.84
N LEU B 1116 -23.42 2.98 -30.53
CA LEU B 1116 -22.08 2.93 -29.97
C LEU B 1116 -21.94 1.74 -29.03
N PRO B 1117 -20.82 1.03 -29.06
CA PRO B 1117 -20.71 -0.24 -28.35
C PRO B 1117 -20.65 -0.04 -26.84
N LEU B 1118 -21.03 -1.09 -26.13
CA LEU B 1118 -21.01 -1.10 -24.67
C LEU B 1118 -20.10 -2.16 -24.07
N GLY B 1119 -19.67 -3.14 -24.85
CA GLY B 1119 -18.77 -4.15 -24.33
C GLY B 1119 -18.49 -5.21 -25.39
N VAL B 1120 -17.45 -5.99 -25.13
CA VAL B 1120 -17.06 -7.11 -25.98
C VAL B 1120 -16.81 -8.32 -25.10
N ARG B 1121 -17.38 -9.46 -25.49
CA ARG B 1121 -17.25 -10.66 -24.67
C ARG B 1121 -15.82 -11.18 -24.69
N SER B 1122 -15.22 -11.31 -25.87
CA SER B 1122 -13.88 -11.86 -26.00
C SER B 1122 -13.13 -11.10 -27.09
N LEU B 1123 -11.81 -11.08 -26.96
CA LEU B 1123 -10.96 -10.36 -27.91
C LEU B 1123 -9.57 -10.96 -27.86
N ARG B 1124 -9.03 -11.32 -29.02
CA ARG B 1124 -7.70 -11.91 -29.12
C ARG B 1124 -7.02 -11.36 -30.37
N ALA B 1125 -5.86 -10.76 -30.20
CA ALA B 1125 -5.07 -10.23 -31.30
C ALA B 1125 -3.71 -10.90 -31.30
N TYR B 1126 -3.31 -11.44 -32.46
CA TYR B 1126 -2.06 -12.18 -32.56
C TYR B 1126 -1.21 -11.70 -33.73
N GLY B 1127 -1.86 -11.24 -34.80
CA GLY B 1127 -1.16 -10.84 -35.99
C GLY B 1127 -0.94 -9.35 -36.04
N PRO B 1128 0.21 -8.92 -36.60
CA PRO B 1128 0.45 -7.49 -36.75
C PRO B 1128 -0.52 -6.86 -37.73
N THR B 1129 -0.77 -5.56 -37.54
CA THR B 1129 -1.73 -4.81 -38.33
C THR B 1129 -1.07 -4.04 -39.47
N ARG B 1130 0.04 -4.55 -40.00
CA ARG B 1130 0.74 -3.84 -41.06
C ARG B 1130 -0.14 -3.68 -42.29
N ASN B 1131 -0.83 -4.74 -42.70
CA ASN B 1131 -1.64 -4.76 -43.91
C ASN B 1131 -3.02 -5.34 -43.63
N ALA B 1132 -3.62 -4.95 -42.52
CA ALA B 1132 -5.00 -5.34 -42.23
C ALA B 1132 -5.96 -4.47 -43.04
N ARG B 1133 -6.66 -5.09 -43.98
CA ARG B 1133 -7.58 -4.42 -44.88
C ARG B 1133 -9.04 -4.78 -44.60
N TYR B 1134 -9.33 -6.06 -44.41
CA TYR B 1134 -10.68 -6.58 -44.50
C TYR B 1134 -11.14 -7.13 -43.15
N CYS B 1135 -12.43 -6.92 -42.86
CA CYS B 1135 -13.05 -7.43 -41.64
C CYS B 1135 -14.21 -8.34 -42.03
N TYR B 1136 -14.15 -9.60 -41.56
CA TYR B 1136 -15.22 -10.56 -41.81
C TYR B 1136 -16.29 -10.38 -40.74
N THR B 1137 -17.18 -9.42 -40.98
CA THR B 1137 -18.26 -9.11 -40.05
C THR B 1137 -19.30 -10.23 -40.14
N ARG B 1138 -19.04 -11.32 -39.40
CA ARG B 1138 -19.98 -12.43 -39.39
C ARG B 1138 -21.35 -11.97 -38.91
N LEU B 1139 -21.40 -11.16 -37.85
CA LEU B 1139 -22.61 -10.49 -37.41
C LEU B 1139 -23.75 -11.49 -37.18
N THR B 1140 -23.53 -12.35 -36.18
CA THR B 1140 -24.54 -13.31 -35.75
C THR B 1140 -25.56 -12.70 -34.81
N LYS B 1141 -25.69 -11.38 -34.82
CA LYS B 1141 -26.58 -10.70 -33.89
C LYS B 1141 -28.00 -11.24 -34.00
N ALA B 1142 -28.59 -11.56 -32.85
CA ALA B 1142 -30.00 -11.94 -32.73
C ALA B 1142 -30.83 -10.80 -32.14
N PHE B 1143 -30.49 -9.56 -32.51
CA PHE B 1143 -31.11 -8.39 -31.93
C PHE B 1143 -32.63 -8.39 -32.01
N ASN B 1144 -33.20 -9.19 -32.90
CA ASN B 1144 -34.64 -9.23 -33.12
C ASN B 1144 -35.10 -7.98 -33.85
N ASP B 1145 -34.97 -6.82 -33.20
CA ASP B 1145 -35.33 -5.55 -33.80
C ASP B 1145 -34.14 -4.63 -34.04
N GLY B 1146 -33.05 -4.80 -33.28
CA GLY B 1146 -31.90 -3.94 -33.38
C GLY B 1146 -31.37 -3.60 -32.01
N THR B 1147 -32.28 -3.55 -31.03
CA THR B 1147 -31.89 -3.38 -29.64
C THR B 1147 -31.69 -4.74 -28.99
N ARG B 1148 -31.00 -4.73 -27.84
CA ARG B 1148 -30.86 -5.92 -27.01
C ARG B 1148 -29.86 -6.91 -27.60
N GLY B 1149 -29.34 -6.62 -28.79
CA GLY B 1149 -28.43 -7.54 -29.44
C GLY B 1149 -27.00 -7.30 -29.01
N GLY B 1150 -26.30 -8.36 -28.62
CA GLY B 1150 -24.91 -8.24 -28.19
C GLY B 1150 -24.06 -9.42 -28.58
N GLU B 1151 -24.57 -10.26 -29.48
CA GLU B 1151 -23.88 -11.48 -29.90
C GLU B 1151 -23.38 -11.38 -31.34
N ALA B 1152 -22.98 -10.19 -31.76
CA ALA B 1152 -22.41 -10.00 -33.09
C ALA B 1152 -20.91 -10.32 -33.05
N ASP B 1153 -20.46 -11.14 -34.00
CA ASP B 1153 -19.08 -11.56 -34.09
C ASP B 1153 -18.44 -11.00 -35.35
N LEU B 1154 -17.18 -10.60 -35.24
CA LEU B 1154 -16.44 -10.06 -36.36
C LEU B 1154 -14.97 -10.46 -36.24
N ASP B 1155 -14.29 -10.48 -37.38
CA ASP B 1155 -12.88 -10.84 -37.43
C ASP B 1155 -12.19 -9.92 -38.42
N VAL B 1156 -10.87 -9.76 -38.23
CA VAL B 1156 -10.06 -8.86 -39.04
C VAL B 1156 -9.06 -9.70 -39.83
N LEU B 1157 -8.91 -9.38 -41.11
CA LEU B 1157 -8.07 -10.13 -42.02
C LEU B 1157 -7.04 -9.21 -42.67
N ASP B 1158 -6.11 -9.83 -43.38
CA ASP B 1158 -5.06 -9.14 -44.12
C ASP B 1158 -5.41 -9.11 -45.61
N GLU B 1159 -4.46 -8.63 -46.42
CA GLU B 1159 -4.66 -8.65 -47.86
C GLU B 1159 -4.82 -10.08 -48.38
N HIS B 1160 -3.98 -10.99 -47.91
CA HIS B 1160 -4.09 -12.38 -48.33
C HIS B 1160 -5.37 -13.02 -47.81
N GLY B 1161 -5.83 -12.62 -46.63
CA GLY B 1161 -7.02 -13.19 -46.02
C GLY B 1161 -6.78 -13.96 -44.74
N THR B 1162 -5.55 -13.99 -44.22
CA THR B 1162 -5.30 -14.63 -42.95
C THR B 1162 -5.89 -13.80 -41.82
N VAL B 1163 -6.19 -14.47 -40.71
CA VAL B 1163 -6.84 -13.83 -39.58
C VAL B 1163 -5.79 -13.09 -38.76
N LEU B 1164 -6.13 -11.88 -38.33
CA LEU B 1164 -5.24 -11.06 -37.49
C LEU B 1164 -5.82 -10.78 -36.12
N LEU B 1165 -7.11 -10.45 -36.04
CA LEU B 1165 -7.73 -10.09 -34.76
C LEU B 1165 -9.15 -10.64 -34.75
N ALA B 1166 -9.47 -11.42 -33.72
CA ALA B 1166 -10.77 -12.05 -33.58
C ALA B 1166 -11.55 -11.39 -32.45
N VAL B 1167 -12.81 -11.08 -32.71
CA VAL B 1167 -13.70 -10.45 -31.74
C VAL B 1167 -14.96 -11.29 -31.64
N ARG B 1168 -15.38 -11.59 -30.42
CA ARG B 1168 -16.56 -12.40 -30.17
C ARG B 1168 -17.48 -11.68 -29.18
N GLY B 1169 -18.75 -11.61 -29.52
CA GLY B 1169 -19.74 -11.04 -28.63
C GLY B 1169 -19.54 -9.56 -28.36
N LEU B 1170 -19.72 -8.74 -29.40
CA LEU B 1170 -19.64 -7.28 -29.26
C LEU B 1170 -21.01 -6.77 -28.82
N ARG B 1171 -21.09 -6.27 -27.59
CA ARG B 1171 -22.35 -5.79 -27.04
C ARG B 1171 -22.67 -4.43 -27.66
N MET B 1172 -23.76 -4.37 -28.43
CA MET B 1172 -24.18 -3.16 -29.11
C MET B 1172 -25.66 -2.86 -28.99
N GLY B 1173 -26.49 -3.83 -28.60
CA GLY B 1173 -27.93 -3.67 -28.61
C GLY B 1173 -28.43 -2.39 -27.96
N THR B 1174 -28.25 -2.28 -26.65
CA THR B 1174 -28.71 -1.10 -25.93
C THR B 1174 -27.83 0.10 -26.24
N GLY B 1175 -28.44 1.17 -26.72
CA GLY B 1175 -27.71 2.39 -27.01
C GLY B 1175 -27.80 3.39 -25.89
N THR B 1176 -28.95 3.46 -25.24
CA THR B 1176 -29.15 4.43 -24.16
C THR B 1176 -29.33 3.74 -22.81
N SER B 1177 -30.30 2.84 -22.72
CA SER B 1177 -30.64 2.19 -21.46
C SER B 1177 -31.64 1.09 -21.74
N GLU B 1178 -32.17 0.48 -20.66
CA GLU B 1178 -33.15 -0.59 -20.77
C GLU B 1178 -34.59 -0.09 -20.65
N ARG B 1179 -34.82 1.00 -19.93
CA ARG B 1179 -36.16 1.56 -19.81
C ARG B 1179 -36.14 3.06 -20.13
N ASP B 1180 -35.06 3.74 -19.74
CA ASP B 1180 -35.00 5.18 -19.92
C ASP B 1180 -35.12 5.60 -21.38
N GLU B 1181 -34.82 4.69 -22.31
CA GLU B 1181 -34.88 5.06 -23.73
C GLU B 1181 -36.27 5.52 -24.13
N ARG B 1182 -37.30 5.11 -23.39
CA ARG B 1182 -38.65 5.55 -23.72
C ARG B 1182 -38.78 7.06 -23.62
N ASP B 1183 -38.16 7.65 -22.59
CA ASP B 1183 -38.19 9.11 -22.47
C ASP B 1183 -37.60 9.79 -23.69
N ARG B 1184 -36.61 9.15 -24.34
CA ARG B 1184 -36.02 9.73 -25.54
C ARG B 1184 -37.09 10.03 -26.58
N LEU B 1185 -38.15 9.24 -26.62
CA LEU B 1185 -39.22 9.47 -27.58
C LEU B 1185 -40.11 10.63 -27.13
N VAL B 1186 -40.75 10.49 -25.97
CA VAL B 1186 -41.74 11.48 -25.55
C VAL B 1186 -41.11 12.86 -25.46
N SER B 1187 -39.87 12.93 -24.97
CA SER B 1187 -39.21 14.22 -24.81
C SER B 1187 -39.24 15.04 -26.10
N GLU B 1188 -39.13 14.36 -27.24
CA GLU B 1188 -39.17 15.03 -28.53
C GLU B 1188 -40.58 15.10 -29.10
N ARG B 1189 -41.39 14.08 -28.85
CA ARG B 1189 -42.70 13.98 -29.48
C ARG B 1189 -43.69 14.99 -28.93
N LEU B 1190 -43.42 15.58 -27.77
CA LEU B 1190 -44.37 16.49 -27.15
C LEU B 1190 -44.24 17.89 -27.76
N LEU B 1191 -45.36 18.43 -28.22
CA LEU B 1191 -45.41 19.78 -28.75
C LEU B 1191 -46.70 20.44 -28.29
N THR B 1192 -46.59 21.67 -27.79
CA THR B 1192 -47.74 22.43 -27.35
C THR B 1192 -47.60 23.87 -27.86
N LEU B 1193 -48.73 24.48 -28.17
CA LEU B 1193 -48.72 25.86 -28.65
C LEU B 1193 -48.23 26.77 -27.52
N GLY B 1194 -47.15 27.49 -27.77
CA GLY B 1194 -46.53 28.36 -26.78
C GLY B 1194 -46.52 29.80 -27.26
N TRP B 1195 -47.08 30.68 -26.44
CA TRP B 1195 -47.13 32.09 -26.76
C TRP B 1195 -45.88 32.78 -26.21
N GLN B 1196 -45.50 33.88 -26.86
CA GLN B 1196 -44.34 34.64 -26.44
C GLN B 1196 -44.55 36.11 -26.76
N GLN B 1197 -43.81 36.96 -26.07
CA GLN B 1197 -43.90 38.39 -26.29
C GLN B 1197 -43.25 38.76 -27.62
N ARG B 1198 -43.68 39.90 -28.16
CA ARG B 1198 -43.13 40.42 -29.41
C ARG B 1198 -43.31 41.93 -29.44
N ALA B 1199 -42.21 42.65 -29.60
CA ALA B 1199 -42.24 44.11 -29.58
C ALA B 1199 -42.75 44.65 -30.91
N LEU B 1200 -42.84 45.98 -30.99
CA LEU B 1200 -43.26 46.69 -32.20
C LEU B 1200 -42.25 47.79 -32.49
N PRO B 1201 -41.01 47.44 -32.83
CA PRO B 1201 -40.00 48.46 -33.13
C PRO B 1201 -40.10 49.05 -34.52
N GLU B 1202 -41.02 48.56 -35.36
CA GLU B 1202 -41.15 49.09 -36.70
C GLU B 1202 -41.68 50.52 -36.68
N VAL B 1203 -42.61 50.81 -35.78
CA VAL B 1203 -43.18 52.15 -35.66
C VAL B 1203 -43.81 52.56 -36.99
N GLY B 1204 -44.80 51.79 -37.43
CA GLY B 1204 -45.52 52.13 -38.64
C GLY B 1204 -44.80 51.66 -39.89
N ASP B 1205 -45.42 51.97 -41.03
CA ASP B 1205 -44.89 51.59 -42.33
C ASP B 1205 -45.32 52.64 -43.35
N GLY B 1206 -45.24 52.31 -44.63
CA GLY B 1206 -45.58 53.26 -45.68
C GLY B 1206 -47.07 53.48 -45.86
N GLU B 1207 -47.92 52.71 -45.17
CA GLU B 1207 -49.37 52.88 -45.25
C GLU B 1207 -49.78 52.72 -46.71
N ALA B 1208 -50.72 53.51 -47.21
CA ALA B 1208 -51.20 53.45 -48.58
C ALA B 1208 -51.83 52.09 -48.92
N GLY B 1209 -52.46 51.44 -47.94
CA GLY B 1209 -53.10 50.17 -48.16
C GLY B 1209 -54.61 50.27 -48.20
N SER B 1210 -55.23 49.28 -48.83
CA SER B 1210 -56.69 49.21 -48.97
C SER B 1210 -57.18 47.98 -48.22
N TRP B 1211 -57.92 48.19 -47.14
CA TRP B 1211 -58.42 47.12 -46.29
C TRP B 1211 -59.94 47.07 -46.34
N LEU B 1212 -60.48 45.90 -46.03
CA LEU B 1212 -61.92 45.69 -46.00
C LEU B 1212 -62.31 45.00 -44.70
N LEU B 1213 -63.50 45.33 -44.22
CA LEU B 1213 -64.01 44.82 -42.95
C LEU B 1213 -65.34 44.10 -43.17
N ILE B 1214 -65.49 42.95 -42.53
CA ILE B 1214 -66.74 42.19 -42.54
C ILE B 1214 -66.99 41.70 -41.12
N ASP B 1215 -68.21 41.93 -40.61
CA ASP B 1215 -68.55 41.52 -39.26
C ASP B 1215 -69.96 40.96 -39.15
N THR B 1216 -70.69 40.79 -40.25
CA THR B 1216 -72.09 40.40 -40.21
C THR B 1216 -72.20 39.00 -39.64
N SER B 1217 -72.73 38.90 -38.42
CA SER B 1217 -72.91 37.61 -37.77
C SER B 1217 -73.93 37.78 -36.64
N ASN B 1218 -74.93 36.91 -36.61
CA ASN B 1218 -75.98 36.98 -35.60
C ASN B 1218 -75.60 36.28 -34.31
N ALA B 1219 -74.46 35.59 -34.26
CA ALA B 1219 -73.99 34.92 -33.07
C ALA B 1219 -73.21 35.85 -32.15
N VAL B 1220 -73.39 37.17 -32.30
CA VAL B 1220 -72.68 38.16 -31.50
C VAL B 1220 -73.70 39.11 -30.90
N ASP B 1221 -73.39 39.62 -29.71
CA ASP B 1221 -74.31 40.52 -29.03
C ASP B 1221 -74.38 41.87 -29.73
N THR B 1222 -73.25 42.58 -29.79
CA THR B 1222 -73.16 43.88 -30.44
C THR B 1222 -71.93 43.90 -31.35
N PRO B 1223 -71.93 43.10 -32.41
CA PRO B 1223 -70.79 43.13 -33.34
C PRO B 1223 -70.59 44.47 -34.00
N ASP B 1224 -71.63 45.31 -34.03
CA ASP B 1224 -71.49 46.65 -34.60
C ASP B 1224 -70.49 47.48 -33.80
N MET B 1225 -70.53 47.36 -32.47
CA MET B 1225 -69.65 48.17 -31.63
C MET B 1225 -68.19 47.94 -31.99
N LEU B 1226 -67.78 46.68 -32.04
CA LEU B 1226 -66.39 46.37 -32.40
C LEU B 1226 -66.09 46.84 -33.83
N ALA B 1227 -66.99 46.54 -34.76
CA ALA B 1227 -66.78 46.97 -36.14
C ALA B 1227 -66.75 48.48 -36.25
N SER B 1228 -67.66 49.17 -35.55
CA SER B 1228 -67.66 50.63 -35.58
C SER B 1228 -66.37 51.19 -35.01
N THR B 1229 -65.89 50.62 -33.89
CA THR B 1229 -64.65 51.09 -33.30
C THR B 1229 -63.47 50.87 -34.25
N LEU B 1230 -63.44 49.71 -34.91
CA LEU B 1230 -62.35 49.45 -35.85
C LEU B 1230 -62.41 50.41 -37.04
N THR B 1231 -63.63 50.70 -37.52
CA THR B 1231 -63.77 51.67 -38.60
C THR B 1231 -63.26 53.05 -38.17
N ASP B 1232 -63.61 53.47 -36.95
CA ASP B 1232 -63.14 54.75 -36.45
C ASP B 1232 -61.62 54.77 -36.33
N ALA B 1233 -61.04 53.68 -35.83
CA ALA B 1233 -59.59 53.62 -35.72
C ALA B 1233 -58.93 53.71 -37.09
N LEU B 1234 -59.46 52.98 -38.08
CA LEU B 1234 -58.90 53.04 -39.42
C LEU B 1234 -59.03 54.43 -40.00
N LYS B 1235 -60.17 55.10 -39.78
CA LYS B 1235 -60.33 56.47 -40.25
C LYS B 1235 -59.31 57.38 -39.60
N SER B 1236 -59.08 57.22 -38.29
CA SER B 1236 -58.08 58.02 -37.61
C SER B 1236 -56.70 57.79 -38.22
N HIS B 1237 -56.34 56.53 -38.49
CA HIS B 1237 -55.10 56.25 -39.17
C HIS B 1237 -55.16 56.68 -40.63
N GLY B 1238 -56.24 56.33 -41.31
CA GLY B 1238 -56.48 56.77 -42.67
C GLY B 1238 -55.27 56.57 -43.56
N PRO B 1239 -54.91 55.31 -43.83
CA PRO B 1239 -53.69 55.05 -44.61
C PRO B 1239 -53.87 55.29 -46.11
N GLN B 1240 -54.56 56.37 -46.47
CA GLN B 1240 -54.52 56.91 -47.82
C GLN B 1240 -55.05 55.97 -48.90
N GLY B 1241 -55.48 54.77 -48.52
CA GLY B 1241 -55.91 53.81 -49.52
C GLY B 1241 -57.04 52.89 -49.10
N THR B 1242 -57.63 53.11 -47.93
CA THR B 1242 -58.62 52.18 -47.39
C THR B 1242 -59.90 52.91 -47.03
N GLU B 1243 -61.01 52.18 -47.10
CA GLU B 1243 -62.30 52.67 -46.67
C GLU B 1243 -63.08 51.49 -46.07
N CYS B 1244 -64.02 51.82 -45.18
CA CYS B 1244 -64.81 50.81 -44.50
C CYS B 1244 -66.20 50.77 -45.10
N ALA B 1245 -66.60 49.59 -45.57
CA ALA B 1245 -67.90 49.43 -46.20
C ALA B 1245 -69.01 49.44 -45.15
N SER B 1246 -70.22 49.78 -45.61
CA SER B 1246 -71.40 49.79 -44.76
C SER B 1246 -72.20 48.49 -44.87
N LEU B 1247 -71.52 47.38 -45.11
CA LEU B 1247 -72.21 46.12 -45.35
C LEU B 1247 -72.99 45.67 -44.13
N SER B 1248 -74.17 45.10 -44.37
CA SER B 1248 -75.00 44.50 -43.34
C SER B 1248 -75.59 43.22 -43.89
N TRP B 1249 -75.53 42.15 -43.09
CA TRP B 1249 -75.94 40.83 -43.56
C TRP B 1249 -76.40 40.02 -42.37
N SER B 1250 -77.25 39.02 -42.65
CA SER B 1250 -77.75 38.10 -41.64
C SER B 1250 -77.24 36.70 -41.93
N VAL B 1251 -77.27 35.87 -40.90
CA VAL B 1251 -76.80 34.49 -40.99
C VAL B 1251 -78.00 33.56 -41.04
N GLN B 1252 -77.93 32.59 -41.97
CA GLN B 1252 -78.98 31.61 -42.23
C GLN B 1252 -80.38 32.23 -42.29
N ASP B 1253 -80.47 33.51 -42.65
CA ASP B 1253 -81.77 34.09 -42.99
C ASP B 1253 -81.77 34.64 -44.41
N THR B 1254 -80.85 35.57 -44.68
CA THR B 1254 -80.71 36.25 -45.97
C THR B 1254 -79.95 35.45 -47.03
N PRO B 1255 -78.92 34.69 -46.68
CA PRO B 1255 -78.00 34.14 -47.69
C PRO B 1255 -78.72 33.40 -48.80
N PRO B 1256 -79.77 32.62 -48.52
CA PRO B 1256 -80.39 31.85 -49.61
C PRO B 1256 -80.79 32.70 -50.81
N ASN B 1257 -81.17 33.96 -50.60
CA ASN B 1257 -81.45 34.86 -51.72
C ASN B 1257 -80.25 35.71 -52.10
N ASP B 1258 -79.29 35.90 -51.20
CA ASP B 1258 -78.08 36.65 -51.48
C ASP B 1258 -76.96 35.77 -52.02
N GLN B 1259 -77.29 34.56 -52.48
CA GLN B 1259 -76.27 33.68 -53.04
C GLN B 1259 -75.46 34.37 -54.13
N ALA B 1260 -76.10 35.23 -54.93
CA ALA B 1260 -75.41 35.97 -55.97
C ALA B 1260 -74.65 37.17 -55.43
N GLY B 1261 -74.79 37.50 -54.15
CA GLY B 1261 -74.10 38.63 -53.58
C GLY B 1261 -72.64 38.37 -53.31
N LEU B 1262 -71.92 37.88 -54.32
CA LEU B 1262 -70.50 37.62 -54.18
C LEU B 1262 -69.66 38.89 -54.25
N GLU B 1263 -70.22 39.99 -54.73
CA GLU B 1263 -69.46 41.23 -54.85
C GLU B 1263 -69.09 41.82 -53.49
N LYS B 1264 -69.84 41.51 -52.44
CA LYS B 1264 -69.55 42.09 -51.14
C LYS B 1264 -68.15 41.71 -50.66
N LEU B 1265 -67.78 40.44 -50.83
CA LEU B 1265 -66.46 39.96 -50.44
C LEU B 1265 -65.70 39.30 -51.58
N GLY B 1266 -66.38 38.53 -52.43
CA GLY B 1266 -65.71 37.84 -53.51
C GLY B 1266 -65.49 38.72 -54.72
N SER B 1267 -64.76 39.82 -54.53
CA SER B 1267 -64.47 40.74 -55.62
C SER B 1267 -63.14 41.43 -55.34
N GLN B 1268 -62.53 41.94 -56.41
CA GLN B 1268 -61.25 42.62 -56.26
C GLN B 1268 -61.37 43.83 -55.34
N LEU B 1269 -62.41 44.63 -55.52
CA LEU B 1269 -62.69 45.78 -54.67
C LEU B 1269 -61.48 46.73 -54.62
N ARG B 1270 -61.15 47.28 -55.79
CA ARG B 1270 -60.06 48.24 -55.92
C ARG B 1270 -58.73 47.63 -55.53
N GLY B 1271 -58.47 46.41 -56.02
CA GLY B 1271 -57.24 45.73 -55.68
C GLY B 1271 -57.07 45.59 -54.19
N ARG B 1272 -58.15 45.18 -53.51
CA ARG B 1272 -58.14 45.09 -52.05
C ARG B 1272 -56.92 44.32 -51.57
N ASP B 1273 -56.11 44.97 -50.73
CA ASP B 1273 -54.89 44.34 -50.23
C ASP B 1273 -55.18 43.33 -49.14
N GLY B 1274 -56.21 43.56 -48.33
CA GLY B 1274 -56.51 42.66 -47.23
C GLY B 1274 -57.96 42.71 -46.85
N VAL B 1275 -58.42 41.64 -46.22
CA VAL B 1275 -59.79 41.52 -45.74
C VAL B 1275 -59.75 41.10 -44.27
N VAL B 1276 -60.59 41.72 -43.46
CA VAL B 1276 -60.63 41.49 -42.03
C VAL B 1276 -62.01 40.96 -41.65
N ILE B 1277 -62.03 39.87 -40.89
CA ILE B 1277 -63.26 39.30 -40.34
C ILE B 1277 -63.16 39.37 -38.83
N VAL B 1278 -64.18 39.92 -38.19
CA VAL B 1278 -64.16 40.17 -36.76
C VAL B 1278 -65.47 39.68 -36.14
N TYR B 1279 -65.39 39.30 -34.87
CA TYR B 1279 -66.54 38.92 -34.08
C TYR B 1279 -66.44 39.55 -32.70
N GLY B 1280 -67.60 39.87 -32.12
CA GLY B 1280 -67.65 40.64 -30.90
C GLY B 1280 -67.78 39.76 -29.66
N PRO B 1281 -68.15 40.39 -28.54
CA PRO B 1281 -68.21 39.67 -27.27
C PRO B 1281 -69.46 38.81 -27.18
N ARG B 1282 -69.62 38.18 -26.02
CA ARG B 1282 -70.75 37.28 -25.75
C ARG B 1282 -70.66 36.85 -24.28
N VAL B 1283 -71.69 36.12 -23.84
CA VAL B 1283 -71.68 35.60 -22.48
C VAL B 1283 -70.52 34.63 -22.31
N GLY B 1284 -69.87 34.69 -21.16
CA GLY B 1284 -68.68 33.89 -20.90
C GLY B 1284 -68.96 32.45 -20.53
N ASP B 1285 -69.96 32.22 -19.68
CA ASP B 1285 -70.24 30.88 -19.22
C ASP B 1285 -70.76 30.02 -20.38
N PRO B 1286 -70.52 28.72 -20.34
CA PRO B 1286 -71.01 27.83 -21.40
C PRO B 1286 -72.42 27.34 -21.12
N ASP B 1287 -73.00 26.68 -22.11
CA ASP B 1287 -74.34 26.13 -22.03
C ASP B 1287 -74.61 25.34 -23.30
N GLU B 1288 -75.79 24.73 -23.37
CA GLU B 1288 -76.18 23.99 -24.57
C GLU B 1288 -76.26 24.90 -25.77
N HIS B 1289 -76.80 26.12 -25.59
CA HIS B 1289 -76.96 27.03 -26.71
C HIS B 1289 -75.64 27.32 -27.40
N SER B 1290 -74.57 27.45 -26.62
CA SER B 1290 -73.27 27.75 -27.20
C SER B 1290 -72.81 26.64 -28.15
N LEU B 1291 -73.19 25.39 -27.88
CA LEU B 1291 -72.82 24.30 -28.77
C LEU B 1291 -73.37 24.54 -30.18
N LEU B 1292 -74.67 24.80 -30.28
CA LEU B 1292 -75.27 25.06 -31.59
C LEU B 1292 -74.77 26.38 -32.16
N ALA B 1293 -74.48 27.36 -31.30
CA ALA B 1293 -73.92 28.60 -31.79
C ALA B 1293 -72.60 28.36 -32.50
N GLY B 1294 -71.73 27.53 -31.92
CA GLY B 1294 -70.50 27.17 -32.60
C GLY B 1294 -70.74 26.36 -33.85
N ARG B 1295 -71.67 25.40 -33.80
CA ARG B 1295 -71.97 24.60 -34.98
C ARG B 1295 -72.50 25.45 -36.12
N GLU B 1296 -73.08 26.60 -35.82
CA GLU B 1296 -73.53 27.52 -36.86
C GLU B 1296 -72.44 28.49 -37.29
N GLN B 1297 -71.61 28.93 -36.34
CA GLN B 1297 -70.50 29.82 -36.68
C GLN B 1297 -69.52 29.13 -37.61
N VAL B 1298 -69.31 27.83 -37.41
CA VAL B 1298 -68.41 27.08 -38.29
C VAL B 1298 -68.93 27.09 -39.72
N ARG B 1299 -70.24 26.87 -39.88
CA ARG B 1299 -70.80 26.87 -41.23
C ARG B 1299 -70.78 28.26 -41.85
N HIS B 1300 -71.02 29.30 -41.04
CA HIS B 1300 -70.92 30.66 -41.56
C HIS B 1300 -69.50 30.97 -42.02
N LEU B 1301 -68.51 30.56 -41.24
CA LEU B 1301 -67.12 30.73 -41.66
C LEU B 1301 -66.84 29.92 -42.92
N VAL B 1302 -67.42 28.74 -43.04
CA VAL B 1302 -67.29 27.95 -44.27
C VAL B 1302 -67.83 28.72 -45.45
N ARG B 1303 -68.99 29.36 -45.28
CA ARG B 1303 -69.57 30.17 -46.34
C ARG B 1303 -68.64 31.31 -46.74
N ILE B 1304 -68.10 32.01 -45.74
CA ILE B 1304 -67.22 33.14 -46.03
C ILE B 1304 -65.97 32.67 -46.75
N THR B 1305 -65.39 31.57 -46.30
CA THR B 1305 -64.19 31.04 -46.94
C THR B 1305 -64.48 30.59 -48.37
N ARG B 1306 -65.65 29.98 -48.59
CA ARG B 1306 -66.03 29.59 -49.94
C ARG B 1306 -66.15 30.81 -50.84
N GLU B 1307 -66.78 31.87 -50.33
CA GLU B 1307 -66.90 33.10 -51.11
C GLU B 1307 -65.52 33.67 -51.44
N LEU B 1308 -64.61 33.64 -50.47
CA LEU B 1308 -63.26 34.12 -50.73
C LEU B 1308 -62.57 33.28 -51.80
N ALA B 1309 -62.68 31.94 -51.69
CA ALA B 1309 -61.97 31.06 -52.60
C ALA B 1309 -62.52 31.16 -54.02
N GLU B 1310 -63.84 31.26 -54.17
CA GLU B 1310 -64.44 31.31 -55.49
C GLU B 1310 -63.95 32.52 -56.29
N PHE B 1311 -63.45 33.55 -55.63
CA PHE B 1311 -62.90 34.69 -56.35
C PHE B 1311 -61.70 34.26 -57.18
N GLU B 1312 -61.62 34.78 -58.40
CA GLU B 1312 -60.57 34.40 -59.34
C GLU B 1312 -59.47 35.44 -59.48
N GLY B 1313 -59.70 36.67 -59.02
CA GLY B 1313 -58.72 37.74 -59.13
C GLY B 1313 -57.70 37.69 -58.02
N GLU B 1314 -56.89 38.74 -57.97
CA GLU B 1314 -55.83 38.83 -56.96
C GLU B 1314 -56.43 38.75 -55.56
N LEU B 1315 -56.13 37.67 -54.84
CA LEU B 1315 -56.73 37.47 -53.53
C LEU B 1315 -56.09 38.41 -52.50
N PRO B 1316 -56.85 38.91 -51.55
CA PRO B 1316 -56.30 39.81 -50.53
C PRO B 1316 -55.73 39.05 -49.33
N ARG B 1317 -54.97 39.79 -48.52
CA ARG B 1317 -54.45 39.24 -47.28
C ARG B 1317 -55.60 38.98 -46.30
N LEU B 1318 -55.43 37.96 -45.46
CA LEU B 1318 -56.48 37.52 -44.56
C LEU B 1318 -56.16 37.91 -43.13
N PHE B 1319 -57.13 38.51 -42.46
CA PHE B 1319 -57.04 38.87 -41.05
C PHE B 1319 -58.28 38.40 -40.33
N VAL B 1320 -58.08 37.82 -39.15
CA VAL B 1320 -59.19 37.34 -38.32
C VAL B 1320 -58.99 37.91 -36.92
N VAL B 1321 -60.05 38.50 -36.36
CA VAL B 1321 -60.01 39.13 -35.05
C VAL B 1321 -61.02 38.45 -34.15
N THR B 1322 -60.58 38.02 -32.97
CA THR B 1322 -61.44 37.38 -31.99
C THR B 1322 -61.02 37.85 -30.61
N ARG B 1323 -61.99 38.22 -29.79
CA ARG B 1323 -61.71 38.64 -28.42
C ARG B 1323 -61.89 37.44 -27.50
N GLN B 1324 -60.80 36.99 -26.89
CA GLN B 1324 -60.81 35.86 -25.96
C GLN B 1324 -61.43 34.63 -26.62
N ALA B 1325 -60.82 34.21 -27.74
CA ALA B 1325 -61.23 33.00 -28.44
C ALA B 1325 -60.08 32.00 -28.54
N GLN B 1326 -59.04 32.18 -27.74
CA GLN B 1326 -57.90 31.26 -27.75
C GLN B 1326 -57.14 31.44 -26.45
N ILE B 1327 -56.79 30.33 -25.80
CA ILE B 1327 -56.01 30.41 -24.58
C ILE B 1327 -54.62 30.93 -24.91
N VAL B 1328 -54.04 31.68 -23.97
CA VAL B 1328 -52.72 32.27 -24.15
C VAL B 1328 -51.76 31.62 -23.15
N LYS B 1329 -50.49 32.02 -23.21
CA LYS B 1329 -49.49 31.55 -22.25
C LYS B 1329 -50.03 31.83 -20.85
N PRO B 1330 -49.44 31.27 -19.80
CA PRO B 1330 -50.14 31.33 -18.51
C PRO B 1330 -50.21 32.75 -17.96
N HIS B 1331 -51.37 33.35 -18.21
CA HIS B 1331 -51.82 34.58 -17.56
C HIS B 1331 -53.25 34.81 -18.03
N ASP B 1332 -54.16 35.11 -17.12
CA ASP B 1332 -55.58 35.18 -17.46
C ASP B 1332 -55.99 33.91 -18.22
N SER B 1333 -55.54 32.76 -17.73
CA SER B 1333 -55.61 31.51 -18.48
C SER B 1333 -56.93 30.79 -18.18
N GLY B 1334 -57.83 30.80 -19.14
CA GLY B 1334 -59.02 29.97 -19.09
C GLY B 1334 -59.96 30.29 -17.94
N GLU B 1335 -59.72 31.40 -17.26
CA GLU B 1335 -60.59 31.77 -16.14
C GLU B 1335 -62.02 31.98 -16.61
N ARG B 1336 -62.20 32.65 -17.74
CA ARG B 1336 -63.52 32.89 -18.33
C ARG B 1336 -63.68 32.18 -19.66
N ALA B 1337 -62.79 32.42 -20.62
CA ALA B 1337 -62.81 31.74 -21.89
C ALA B 1337 -64.10 31.96 -22.64
N ASN B 1338 -64.15 31.53 -23.91
CA ASN B 1338 -65.35 31.62 -24.74
C ASN B 1338 -65.42 30.36 -25.58
N LEU B 1339 -66.24 29.40 -25.15
CA LEU B 1339 -66.27 28.10 -25.79
C LEU B 1339 -66.77 28.17 -27.23
N GLU B 1340 -67.68 29.10 -27.51
CA GLU B 1340 -68.37 29.09 -28.80
C GLU B 1340 -67.40 29.28 -29.96
N GLN B 1341 -66.45 30.21 -29.82
CA GLN B 1341 -65.60 30.59 -30.93
C GLN B 1341 -64.37 29.69 -31.10
N ALA B 1342 -64.22 28.66 -30.26
CA ALA B 1342 -63.02 27.86 -30.30
C ALA B 1342 -62.77 27.25 -31.68
N GLY B 1343 -63.84 26.93 -32.42
CA GLY B 1343 -63.69 26.24 -33.67
C GLY B 1343 -63.05 27.06 -34.78
N LEU B 1344 -62.82 28.35 -34.54
CA LEU B 1344 -62.37 29.23 -35.62
C LEU B 1344 -60.98 28.82 -36.12
N ARG B 1345 -60.06 28.48 -35.22
CA ARG B 1345 -58.68 28.26 -35.64
C ARG B 1345 -58.56 27.09 -36.60
N GLY B 1346 -59.29 26.00 -36.35
CA GLY B 1346 -59.16 24.80 -37.14
C GLY B 1346 -59.31 25.04 -38.63
N LEU B 1347 -60.51 25.46 -39.04
CA LEU B 1347 -60.73 25.78 -40.44
C LEU B 1347 -59.74 26.82 -40.93
N LEU B 1348 -59.29 27.72 -40.05
CA LEU B 1348 -58.29 28.70 -40.44
C LEU B 1348 -56.98 28.02 -40.79
N ARG B 1349 -56.56 27.04 -40.00
CA ARG B 1349 -55.37 26.27 -40.35
C ARG B 1349 -55.58 25.51 -41.66
N VAL B 1350 -56.81 25.04 -41.90
CA VAL B 1350 -57.11 24.39 -43.17
C VAL B 1350 -56.88 25.36 -44.32
N ILE B 1351 -57.37 26.59 -44.18
CA ILE B 1351 -57.15 27.59 -45.23
C ILE B 1351 -55.66 27.84 -45.41
N SER B 1352 -54.94 27.99 -44.30
CA SER B 1352 -53.51 28.26 -44.38
C SER B 1352 -52.79 27.16 -45.16
N SER B 1353 -53.12 25.90 -44.88
CA SER B 1353 -52.51 24.81 -45.62
C SER B 1353 -52.93 24.82 -47.09
N GLU B 1354 -54.20 25.13 -47.36
CA GLU B 1354 -54.74 25.06 -48.71
C GLU B 1354 -54.45 26.31 -49.52
N HIS B 1355 -54.49 27.49 -48.91
CA HIS B 1355 -54.39 28.75 -49.62
C HIS B 1355 -53.10 29.46 -49.25
N PRO B 1356 -52.06 29.38 -50.07
CA PRO B 1356 -50.83 30.13 -49.81
C PRO B 1356 -50.94 31.55 -50.34
N MET B 1357 -49.83 32.29 -50.24
CA MET B 1357 -49.68 33.62 -50.82
C MET B 1357 -50.50 34.66 -50.06
N LEU B 1358 -51.32 34.23 -49.12
CA LEU B 1358 -52.16 35.12 -48.32
C LEU B 1358 -51.94 34.76 -46.85
N ARG B 1359 -51.25 35.63 -46.12
CA ARG B 1359 -50.93 35.35 -44.73
C ARG B 1359 -52.17 35.47 -43.88
N THR B 1360 -52.75 34.33 -43.51
CA THR B 1360 -53.96 34.29 -42.69
C THR B 1360 -53.56 34.61 -41.26
N THR B 1361 -53.46 35.89 -40.96
CA THR B 1361 -53.04 36.34 -39.63
C THR B 1361 -54.21 36.26 -38.66
N LEU B 1362 -53.91 35.84 -37.43
CA LEU B 1362 -54.90 35.71 -36.37
C LEU B 1362 -54.63 36.73 -35.28
N ILE B 1363 -55.69 37.37 -34.81
CA ILE B 1363 -55.61 38.39 -33.77
C ILE B 1363 -56.54 37.97 -32.64
N ASP B 1364 -55.99 37.86 -31.44
CA ASP B 1364 -56.77 37.57 -30.25
C ASP B 1364 -56.78 38.78 -29.34
N VAL B 1365 -57.97 39.12 -28.82
CA VAL B 1365 -58.17 40.34 -28.06
C VAL B 1365 -58.90 40.00 -26.77
N ASP B 1366 -58.97 40.97 -25.88
CA ASP B 1366 -59.75 40.86 -24.65
C ASP B 1366 -60.04 42.27 -24.14
N GLU B 1367 -60.56 42.36 -22.92
CA GLU B 1367 -60.97 43.66 -22.37
C GLU B 1367 -59.78 44.60 -22.21
N HIS B 1368 -58.65 44.07 -21.72
CA HIS B 1368 -57.50 44.90 -21.38
C HIS B 1368 -56.67 45.19 -22.64
N THR B 1369 -57.34 45.79 -23.62
CA THR B 1369 -56.72 46.12 -24.89
C THR B 1369 -57.41 47.35 -25.48
N ASP B 1370 -56.68 48.05 -26.34
CA ASP B 1370 -57.19 49.22 -27.05
C ASP B 1370 -57.39 48.89 -28.51
N VAL B 1371 -58.56 49.23 -29.04
CA VAL B 1371 -58.82 49.00 -30.45
C VAL B 1371 -57.84 49.75 -31.33
N GLU B 1372 -57.25 50.83 -30.82
CA GLU B 1372 -56.24 51.55 -31.58
C GLU B 1372 -55.04 50.66 -31.89
N ARG B 1373 -54.57 49.92 -30.88
CA ARG B 1373 -53.46 48.99 -31.11
C ARG B 1373 -53.86 47.89 -32.07
N VAL B 1374 -55.10 47.40 -31.96
CA VAL B 1374 -55.58 46.36 -32.87
C VAL B 1374 -55.53 46.87 -34.30
N ALA B 1375 -56.03 48.08 -34.53
CA ALA B 1375 -55.99 48.66 -35.87
C ALA B 1375 -54.56 48.86 -36.34
N GLN B 1376 -53.68 49.32 -35.44
CA GLN B 1376 -52.27 49.50 -35.80
C GLN B 1376 -51.68 48.19 -36.31
N GLN B 1377 -51.87 47.11 -35.55
CA GLN B 1377 -51.33 45.83 -35.98
C GLN B 1377 -51.99 45.36 -37.27
N LEU B 1378 -53.29 45.60 -37.42
CA LEU B 1378 -53.96 45.24 -38.66
C LEU B 1378 -53.30 45.91 -39.86
N LEU B 1379 -52.99 47.20 -39.73
CA LEU B 1379 -52.28 47.90 -40.79
C LEU B 1379 -50.81 47.50 -40.84
N SER B 1380 -50.23 47.16 -39.70
CA SER B 1380 -48.81 46.84 -39.64
C SER B 1380 -48.50 45.61 -40.49
N GLY B 1381 -47.45 45.72 -41.30
CA GLY B 1381 -46.97 44.56 -42.04
C GLY B 1381 -46.28 43.58 -41.09
N SER B 1382 -46.62 42.30 -41.22
CA SER B 1382 -46.11 41.30 -40.29
C SER B 1382 -45.98 39.96 -41.02
N GLU B 1383 -45.21 39.07 -40.40
CA GLU B 1383 -44.94 37.74 -40.95
C GLU B 1383 -45.63 36.62 -40.16
N GLU B 1384 -45.85 36.79 -38.87
CA GLU B 1384 -46.34 35.70 -38.04
C GLU B 1384 -47.80 35.41 -38.36
N ASP B 1385 -48.25 34.22 -37.94
CA ASP B 1385 -49.59 33.74 -38.25
C ASP B 1385 -50.58 34.07 -37.15
N GLU B 1386 -50.32 33.59 -35.93
CA GLU B 1386 -51.23 33.74 -34.81
C GLU B 1386 -50.60 34.66 -33.77
N THR B 1387 -51.31 35.73 -33.41
CA THR B 1387 -50.82 36.72 -32.47
C THR B 1387 -51.98 37.23 -31.64
N ALA B 1388 -51.67 37.78 -30.47
CA ALA B 1388 -52.69 38.13 -29.51
C ALA B 1388 -52.37 39.44 -28.82
N TRP B 1389 -53.42 40.18 -28.48
CA TRP B 1389 -53.35 41.35 -27.60
C TRP B 1389 -54.14 41.02 -26.34
N ARG B 1390 -53.49 41.11 -25.19
CA ARG B 1390 -54.13 40.68 -23.95
C ARG B 1390 -54.13 41.78 -22.89
N ASN B 1391 -53.04 42.56 -22.82
CA ASN B 1391 -52.91 43.61 -21.82
C ASN B 1391 -52.39 44.89 -22.44
N GLY B 1392 -52.76 45.16 -23.69
CA GLY B 1392 -52.12 46.22 -24.44
C GLY B 1392 -50.76 45.85 -24.97
N ASP B 1393 -50.32 44.62 -24.77
CA ASP B 1393 -49.05 44.14 -25.27
C ASP B 1393 -49.29 42.97 -26.23
N TRP B 1394 -48.36 42.79 -27.15
CA TRP B 1394 -48.50 41.85 -28.25
C TRP B 1394 -47.86 40.51 -27.89
N TYR B 1395 -48.52 39.43 -28.29
CA TYR B 1395 -48.01 38.08 -28.10
C TYR B 1395 -48.13 37.30 -29.40
N VAL B 1396 -47.24 36.31 -29.55
CA VAL B 1396 -47.19 35.48 -30.75
C VAL B 1396 -47.12 34.03 -30.33
N ALA B 1397 -47.84 33.17 -31.03
CA ALA B 1397 -47.92 31.75 -30.71
C ALA B 1397 -46.89 30.99 -31.53
N ARG B 1398 -46.08 30.18 -30.84
CA ARG B 1398 -45.08 29.34 -31.48
C ARG B 1398 -45.15 27.95 -30.87
N LEU B 1399 -45.20 26.93 -31.72
CA LEU B 1399 -45.25 25.55 -31.25
C LEU B 1399 -43.87 25.20 -30.70
N THR B 1400 -43.76 25.18 -29.39
CA THR B 1400 -42.47 24.95 -28.75
C THR B 1400 -42.35 23.48 -28.35
N PRO B 1401 -41.23 22.82 -28.64
CA PRO B 1401 -41.03 21.47 -28.08
C PRO B 1401 -41.06 21.55 -26.57
N SER B 1402 -41.99 20.81 -25.97
CA SER B 1402 -42.35 20.97 -24.56
C SER B 1402 -42.16 19.64 -23.84
N PRO B 1403 -40.92 19.29 -23.50
CA PRO B 1403 -40.70 18.11 -22.66
C PRO B 1403 -41.37 18.30 -21.31
N LEU B 1404 -41.86 17.20 -20.75
CA LEU B 1404 -42.63 17.26 -19.52
C LEU B 1404 -41.79 17.78 -18.36
N GLY B 1405 -42.06 19.01 -17.92
CA GLY B 1405 -41.29 19.61 -16.85
C GLY B 1405 -41.71 19.13 -15.49
N HIS B 1406 -40.93 19.54 -14.49
CA HIS B 1406 -41.17 19.10 -13.12
C HIS B 1406 -42.37 19.78 -12.49
N GLU B 1407 -42.65 21.03 -12.85
CA GLU B 1407 -43.71 21.79 -12.22
C GLU B 1407 -45.08 21.53 -12.84
N GLU B 1408 -45.18 20.67 -13.86
CA GLU B 1408 -46.45 20.28 -14.44
C GLU B 1408 -46.91 18.92 -13.93
N ARG B 1409 -46.45 18.51 -12.75
CA ARG B 1409 -46.88 17.25 -12.18
C ARG B 1409 -48.21 17.41 -11.45
N ARG B 1410 -48.92 16.29 -11.28
CA ARG B 1410 -50.21 16.33 -10.62
C ARG B 1410 -50.08 16.92 -9.22
N THR B 1411 -50.99 17.81 -8.87
CA THR B 1411 -50.99 18.50 -7.59
C THR B 1411 -52.23 18.08 -6.80
N ALA B 1412 -52.02 17.77 -5.52
CA ALA B 1412 -53.11 17.39 -4.63
C ALA B 1412 -52.96 18.12 -3.30
N VAL B 1413 -54.07 18.52 -2.72
CA VAL B 1413 -54.10 19.16 -1.41
C VAL B 1413 -54.11 18.07 -0.34
N LEU B 1414 -53.17 18.14 0.58
CA LEU B 1414 -53.00 17.11 1.59
C LEU B 1414 -52.99 17.73 2.99
N ASP B 1415 -53.45 16.95 3.95
CA ASP B 1415 -53.43 17.32 5.36
C ASP B 1415 -52.41 16.45 6.07
N PRO B 1416 -51.31 17.00 6.59
CA PRO B 1416 -50.27 16.13 7.14
C PRO B 1416 -50.75 15.22 8.24
N ASP B 1417 -51.82 15.59 8.95
CA ASP B 1417 -52.26 14.80 10.09
C ASP B 1417 -52.55 13.36 9.69
N HIS B 1418 -53.20 13.16 8.53
CA HIS B 1418 -53.67 11.83 8.17
C HIS B 1418 -53.49 11.47 6.70
N ASP B 1419 -52.63 12.17 5.96
CA ASP B 1419 -52.48 11.91 4.53
C ASP B 1419 -51.17 11.19 4.20
N GLY B 1420 -50.05 11.73 4.65
CA GLY B 1420 -48.78 11.05 4.45
C GLY B 1420 -47.94 11.66 3.36
N MET B 1421 -46.93 12.44 3.75
CA MET B 1421 -46.06 13.15 2.83
C MET B 1421 -44.63 12.66 2.98
N ARG B 1422 -43.88 12.73 1.89
CA ARG B 1422 -42.49 12.29 1.86
C ARG B 1422 -41.64 13.43 1.33
N VAL B 1423 -40.39 13.50 1.80
CA VAL B 1423 -39.43 14.50 1.36
C VAL B 1423 -38.42 13.81 0.46
N GLN B 1424 -38.24 14.33 -0.74
CA GLN B 1424 -37.40 13.71 -1.74
C GLN B 1424 -36.52 14.75 -2.40
N VAL B 1425 -35.28 14.38 -2.68
CA VAL B 1425 -34.35 15.23 -3.42
C VAL B 1425 -34.54 14.88 -4.90
N ARG B 1426 -35.32 15.69 -5.59
CA ARG B 1426 -35.64 15.36 -6.99
C ARG B 1426 -34.39 15.28 -7.84
N ARG B 1427 -33.48 16.25 -7.68
CA ARG B 1427 -32.25 16.30 -8.46
C ARG B 1427 -31.06 16.16 -7.53
N PRO B 1428 -30.42 14.99 -7.47
CA PRO B 1428 -29.24 14.86 -6.61
C PRO B 1428 -28.19 15.87 -6.98
N GLY B 1429 -27.53 16.43 -5.96
CA GLY B 1429 -26.57 17.48 -6.15
C GLY B 1429 -27.13 18.88 -6.04
N ASP B 1430 -28.45 19.03 -5.98
CA ASP B 1430 -29.10 20.31 -5.77
C ASP B 1430 -29.72 20.34 -4.38
N LEU B 1431 -29.92 21.56 -3.87
CA LEU B 1431 -30.51 21.75 -2.56
C LEU B 1431 -31.79 22.57 -2.59
N GLN B 1432 -32.08 23.30 -3.67
CA GLN B 1432 -33.40 23.91 -3.84
C GLN B 1432 -34.32 22.99 -4.63
N THR B 1433 -34.36 21.72 -4.22
CA THR B 1433 -35.16 20.73 -4.90
C THR B 1433 -35.85 19.75 -3.97
N LEU B 1434 -35.74 19.94 -2.65
CA LEU B 1434 -36.43 19.08 -1.70
C LEU B 1434 -37.92 19.39 -1.74
N GLU B 1435 -38.69 18.54 -2.40
CA GLU B 1435 -40.10 18.78 -2.64
C GLU B 1435 -40.93 17.74 -1.89
N PHE B 1436 -41.96 18.18 -1.19
CA PHE B 1436 -42.93 17.26 -0.63
C PHE B 1436 -43.67 16.55 -1.76
N VAL B 1437 -43.82 15.25 -1.64
CA VAL B 1437 -44.54 14.45 -2.62
C VAL B 1437 -45.53 13.57 -1.90
N ALA B 1438 -46.61 13.21 -2.59
CA ALA B 1438 -47.65 12.41 -2.00
C ALA B 1438 -47.14 10.99 -1.74
N SER B 1439 -47.81 10.31 -0.81
CA SER B 1439 -47.48 8.93 -0.47
C SER B 1439 -48.73 8.25 0.06
N ASP B 1440 -48.72 6.93 0.02
CA ASP B 1440 -49.85 6.13 0.47
C ASP B 1440 -49.59 5.63 1.88
N ARG B 1441 -50.52 5.92 2.79
CA ARG B 1441 -50.41 5.47 4.17
C ARG B 1441 -50.71 3.97 4.21
N VAL B 1442 -49.72 3.19 3.79
CA VAL B 1442 -49.95 1.76 3.64
C VAL B 1442 -50.31 1.17 5.01
N PRO B 1443 -51.33 0.31 5.11
CA PRO B 1443 -51.62 -0.30 6.40
C PRO B 1443 -50.50 -1.24 6.81
N PRO B 1444 -50.27 -1.40 8.12
CA PRO B 1444 -49.16 -2.26 8.54
C PRO B 1444 -49.49 -3.73 8.31
N GLY B 1445 -48.55 -4.43 7.69
CA GLY B 1445 -48.71 -5.84 7.42
C GLY B 1445 -48.16 -6.69 8.56
N PRO B 1446 -47.74 -7.92 8.26
CA PRO B 1446 -47.13 -8.75 9.30
C PRO B 1446 -45.84 -8.11 9.82
N GLY B 1447 -45.77 -7.97 11.14
CA GLY B 1447 -44.59 -7.40 11.75
C GLY B 1447 -44.31 -5.96 11.40
N GLN B 1448 -45.36 -5.17 11.13
CA GLN B 1448 -45.22 -3.76 10.80
C GLN B 1448 -46.01 -2.92 11.80
N ILE B 1449 -45.58 -1.66 11.94
CA ILE B 1449 -46.33 -0.67 12.71
C ILE B 1449 -46.30 0.64 11.95
N GLU B 1450 -47.25 1.50 12.25
CA GLU B 1450 -47.35 2.82 11.64
C GLU B 1450 -47.08 3.87 12.70
N VAL B 1451 -46.11 4.74 12.45
CA VAL B 1451 -45.69 5.75 13.39
C VAL B 1451 -45.92 7.12 12.76
N ALA B 1452 -46.72 7.95 13.44
CA ALA B 1452 -46.94 9.33 12.99
C ALA B 1452 -45.69 10.13 13.34
N VAL B 1453 -44.67 9.96 12.51
CA VAL B 1453 -43.37 10.58 12.76
C VAL B 1453 -43.57 12.03 13.15
N SER B 1454 -42.85 12.46 14.18
CA SER B 1454 -42.89 13.84 14.63
C SER B 1454 -41.59 14.57 14.37
N MET B 1455 -40.46 14.02 14.83
CA MET B 1455 -39.17 14.67 14.66
C MET B 1455 -38.17 13.65 14.13
N SER B 1456 -37.40 14.07 13.14
CA SER B 1456 -36.31 13.28 12.59
C SER B 1456 -35.03 14.11 12.63
N SER B 1457 -33.91 13.44 12.39
CA SER B 1457 -32.60 14.06 12.53
C SER B 1457 -31.76 13.82 11.29
N ILE B 1458 -30.83 14.73 11.05
CA ILE B 1458 -29.93 14.64 9.92
C ILE B 1458 -28.77 13.72 10.26
N ASN B 1459 -28.18 13.10 9.24
CA ASN B 1459 -27.02 12.26 9.43
C ASN B 1459 -26.17 12.31 8.18
N PHE B 1460 -24.89 11.96 8.34
CA PHE B 1460 -23.96 12.05 7.22
C PHE B 1460 -24.48 11.26 6.02
N ALA B 1461 -25.21 10.17 6.26
CA ALA B 1461 -25.82 9.46 5.15
C ALA B 1461 -26.79 10.35 4.40
N ASP B 1462 -27.58 11.16 5.12
CA ASP B 1462 -28.51 12.05 4.46
C ASP B 1462 -27.78 13.06 3.59
N VAL B 1463 -26.68 13.63 4.09
CA VAL B 1463 -25.92 14.59 3.30
C VAL B 1463 -25.36 13.92 2.06
N LEU B 1464 -24.77 12.74 2.23
CA LEU B 1464 -24.23 12.04 1.07
C LEU B 1464 -25.32 11.74 0.05
N ILE B 1465 -26.54 11.47 0.50
CA ILE B 1465 -27.63 11.20 -0.43
C ILE B 1465 -28.04 12.47 -1.15
N ALA B 1466 -28.14 13.58 -0.42
CA ALA B 1466 -28.64 14.81 -1.04
C ALA B 1466 -27.73 15.29 -2.16
N PHE B 1467 -26.42 15.23 -1.95
CA PHE B 1467 -25.45 15.66 -2.95
C PHE B 1467 -25.13 14.58 -3.97
N GLY B 1468 -25.71 13.38 -3.82
CA GLY B 1468 -25.48 12.31 -4.75
C GLY B 1468 -24.23 11.50 -4.52
N ARG B 1469 -23.41 11.88 -3.52
CA ARG B 1469 -22.19 11.14 -3.24
C ARG B 1469 -22.46 9.77 -2.63
N PHE B 1470 -23.67 9.50 -2.14
CA PHE B 1470 -23.96 8.28 -1.41
C PHE B 1470 -23.57 7.06 -2.23
N PRO B 1471 -22.49 6.35 -1.86
CA PRO B 1471 -22.04 5.17 -2.65
C PRO B 1471 -22.75 3.88 -2.23
N ILE B 1472 -23.98 3.72 -2.73
CA ILE B 1472 -24.77 2.54 -2.38
C ILE B 1472 -24.02 1.28 -2.80
N ILE B 1473 -24.17 0.23 -2.00
CA ILE B 1473 -23.45 -1.01 -2.26
C ILE B 1473 -24.28 -2.01 -3.07
N ASP B 1474 -25.61 -2.04 -2.88
CA ASP B 1474 -26.48 -2.95 -3.61
C ASP B 1474 -27.37 -2.22 -4.61
N ASP B 1475 -27.00 -1.00 -5.00
CA ASP B 1475 -27.79 -0.21 -5.94
C ASP B 1475 -29.19 0.06 -5.41
N ARG B 1476 -29.36 0.00 -4.09
CA ARG B 1476 -30.64 0.32 -3.48
C ARG B 1476 -30.94 1.80 -3.65
N GLU B 1477 -32.13 2.12 -4.12
CA GLU B 1477 -32.54 3.51 -4.22
C GLU B 1477 -32.49 4.12 -2.82
N PRO B 1478 -31.78 5.23 -2.62
CA PRO B 1478 -31.63 5.78 -1.28
C PRO B 1478 -32.91 6.47 -0.81
N GLN B 1479 -32.98 6.67 0.51
CA GLN B 1479 -34.08 7.36 1.14
C GLN B 1479 -33.55 8.34 2.16
N LEU B 1480 -34.28 9.44 2.35
CA LEU B 1480 -33.86 10.48 3.27
C LEU B 1480 -34.19 10.10 4.70
N GLY B 1481 -33.24 10.35 5.59
CA GLY B 1481 -33.46 10.12 7.01
C GLY B 1481 -33.00 8.74 7.45
N MET B 1482 -32.71 8.64 8.75
CA MET B 1482 -32.28 7.37 9.33
C MET B 1482 -32.96 7.04 10.65
N ASP B 1483 -33.52 8.01 11.37
CA ASP B 1483 -34.14 7.79 12.67
C ASP B 1483 -35.48 8.49 12.72
N PHE B 1484 -36.20 8.28 13.82
CA PHE B 1484 -37.51 8.89 13.96
C PHE B 1484 -38.00 8.71 15.39
N VAL B 1485 -39.01 9.51 15.74
CA VAL B 1485 -39.72 9.39 17.00
C VAL B 1485 -41.15 9.84 16.78
N GLY B 1486 -42.08 9.20 17.46
CA GLY B 1486 -43.48 9.57 17.31
C GLY B 1486 -44.39 8.60 18.04
N VAL B 1487 -45.66 8.62 17.64
CA VAL B 1487 -46.71 7.84 18.28
C VAL B 1487 -47.21 6.79 17.30
N VAL B 1488 -47.44 5.58 17.81
CA VAL B 1488 -47.92 4.50 16.97
C VAL B 1488 -49.40 4.69 16.69
N THR B 1489 -49.80 4.51 15.43
CA THR B 1489 -51.19 4.63 15.01
C THR B 1489 -51.84 3.29 14.68
N ALA B 1490 -51.12 2.38 14.03
CA ALA B 1490 -51.66 1.09 13.66
C ALA B 1490 -50.65 0.01 14.00
N VAL B 1491 -51.15 -1.16 14.38
CA VAL B 1491 -50.33 -2.29 14.79
C VAL B 1491 -50.71 -3.49 13.94
N GLY B 1492 -49.70 -4.13 13.35
CA GLY B 1492 -49.91 -5.35 12.60
C GLY B 1492 -50.12 -6.55 13.50
N GLU B 1493 -50.43 -7.68 12.88
CA GLU B 1493 -50.73 -8.88 13.64
C GLU B 1493 -49.48 -9.43 14.31
N GLY B 1494 -48.38 -9.51 13.57
CA GLY B 1494 -47.17 -10.14 14.09
C GLY B 1494 -46.31 -9.22 14.93
N VAL B 1495 -46.91 -8.59 15.94
CA VAL B 1495 -46.16 -7.75 16.85
C VAL B 1495 -46.99 -7.54 18.11
N THR B 1496 -46.34 -7.64 19.26
CA THR B 1496 -47.00 -7.45 20.54
C THR B 1496 -46.22 -6.59 21.53
N GLY B 1497 -44.96 -6.26 21.24
CA GLY B 1497 -44.17 -5.50 22.20
C GLY B 1497 -44.77 -4.15 22.53
N HIS B 1498 -45.45 -3.52 21.57
CA HIS B 1498 -46.04 -2.21 21.77
C HIS B 1498 -47.36 -2.13 21.02
N GLN B 1499 -48.21 -1.23 21.49
CA GLN B 1499 -49.57 -1.10 20.98
C GLN B 1499 -49.80 0.33 20.51
N VAL B 1500 -51.02 0.58 20.00
CA VAL B 1500 -51.33 1.92 19.51
C VAL B 1500 -51.28 2.91 20.66
N GLY B 1501 -50.93 4.16 20.33
CA GLY B 1501 -50.83 5.21 21.31
C GLY B 1501 -49.50 5.32 22.02
N ASP B 1502 -48.65 4.30 21.92
CA ASP B 1502 -47.36 4.33 22.57
C ASP B 1502 -46.42 5.29 21.85
N ARG B 1503 -45.45 5.81 22.59
CA ARG B 1503 -44.42 6.67 22.03
C ARG B 1503 -43.22 5.80 21.66
N VAL B 1504 -42.83 5.83 20.39
CA VAL B 1504 -41.88 4.89 19.84
C VAL B 1504 -40.77 5.63 19.12
N GLY B 1505 -39.54 5.16 19.30
CA GLY B 1505 -38.41 5.66 18.55
C GLY B 1505 -37.59 4.50 18.01
N GLY B 1506 -36.86 4.78 16.94
CA GLY B 1506 -36.07 3.74 16.31
C GLY B 1506 -35.58 4.19 14.94
N PHE B 1507 -35.01 3.23 14.21
CA PHE B 1507 -34.47 3.47 12.88
C PHE B 1507 -35.34 2.78 11.84
N SER B 1508 -34.98 3.03 10.58
CA SER B 1508 -35.55 2.31 9.45
C SER B 1508 -34.84 2.77 8.19
N GLU B 1509 -34.81 1.90 7.19
CA GLU B 1509 -34.20 2.23 5.91
C GLU B 1509 -35.19 2.77 4.89
N GLY B 1510 -36.48 2.83 5.23
CA GLY B 1510 -37.49 3.25 4.29
C GLY B 1510 -37.63 4.73 4.11
N GLY B 1511 -36.84 5.53 4.82
CA GLY B 1511 -36.95 6.97 4.74
C GLY B 1511 -37.81 7.52 5.86
N CYS B 1512 -37.17 8.10 6.87
CA CYS B 1512 -37.86 8.48 8.09
C CYS B 1512 -38.34 9.92 8.11
N TRP B 1513 -37.98 10.72 7.11
CA TRP B 1513 -38.43 12.12 7.09
C TRP B 1513 -39.89 12.25 6.71
N ARG B 1514 -40.52 11.21 6.18
CA ARG B 1514 -41.92 11.26 5.84
C ARG B 1514 -42.76 11.46 7.09
N THR B 1515 -44.05 11.72 6.89
CA THR B 1515 -44.97 11.97 7.99
C THR B 1515 -45.80 10.74 8.36
N PHE B 1516 -45.49 9.59 7.77
CA PHE B 1516 -46.16 8.34 8.14
C PHE B 1516 -45.26 7.19 7.69
N LEU B 1517 -44.68 6.48 8.65
CA LEU B 1517 -43.67 5.47 8.38
C LEU B 1517 -44.20 4.09 8.71
N THR B 1518 -44.06 3.17 7.77
CA THR B 1518 -44.41 1.76 7.96
C THR B 1518 -43.18 0.94 8.32
N CYS B 1519 -42.53 1.33 9.41
CA CYS B 1519 -41.34 0.62 9.84
C CYS B 1519 -41.68 -0.76 10.39
N ASP B 1520 -40.71 -1.66 10.36
CA ASP B 1520 -40.87 -2.98 10.94
C ASP B 1520 -40.64 -2.92 12.45
N ALA B 1521 -41.35 -3.78 13.17
CA ALA B 1521 -41.36 -3.70 14.63
C ALA B 1521 -40.00 -4.00 15.25
N ASN B 1522 -39.11 -4.69 14.54
CA ASN B 1522 -37.85 -5.09 15.14
C ASN B 1522 -37.04 -3.88 15.59
N LEU B 1523 -37.06 -2.81 14.80
CA LEU B 1523 -36.25 -1.63 15.08
C LEU B 1523 -36.98 -0.59 15.92
N ALA B 1524 -38.19 -0.90 16.38
CA ALA B 1524 -38.99 0.03 17.16
C ALA B 1524 -38.92 -0.35 18.63
N VAL B 1525 -38.55 0.61 19.48
CA VAL B 1525 -38.45 0.40 20.92
C VAL B 1525 -39.27 1.48 21.62
N THR B 1526 -40.13 1.05 22.53
CA THR B 1526 -40.97 2.00 23.25
C THR B 1526 -40.12 2.92 24.10
N LEU B 1527 -40.50 4.19 24.12
CA LEU B 1527 -39.76 5.15 24.93
C LEU B 1527 -40.13 4.97 26.41
N PRO B 1528 -39.16 5.13 27.32
CA PRO B 1528 -39.51 5.18 28.73
C PRO B 1528 -40.30 6.44 29.04
N PRO B 1529 -41.12 6.42 30.11
CA PRO B 1529 -42.04 7.54 30.32
C PRO B 1529 -41.36 8.90 30.38
N GLY B 1530 -40.20 9.00 31.02
CA GLY B 1530 -39.57 10.27 31.25
C GLY B 1530 -38.62 10.74 30.17
N LEU B 1531 -38.58 10.05 29.03
CA LEU B 1531 -37.58 10.35 28.02
C LEU B 1531 -37.83 11.70 27.35
N THR B 1532 -39.08 11.96 26.95
CA THR B 1532 -39.42 13.16 26.19
C THR B 1532 -38.88 13.05 24.77
N ASP B 1533 -39.67 13.47 23.78
CA ASP B 1533 -39.32 13.19 22.39
C ASP B 1533 -37.98 13.82 22.02
N GLU B 1534 -37.75 15.07 22.41
CA GLU B 1534 -36.52 15.76 22.02
C GLU B 1534 -35.30 14.94 22.40
N GLN B 1535 -35.25 14.47 23.65
CA GLN B 1535 -34.09 13.71 24.10
C GLN B 1535 -33.91 12.44 23.28
N ALA B 1536 -35.00 11.75 22.96
CA ALA B 1536 -34.89 10.53 22.19
C ALA B 1536 -34.18 10.77 20.87
N ILE B 1537 -34.63 11.76 20.09
CA ILE B 1537 -34.01 12.03 18.80
C ILE B 1537 -32.57 12.48 18.98
N THR B 1538 -32.33 13.38 19.94
CA THR B 1538 -30.97 13.83 20.17
C THR B 1538 -30.05 12.68 20.57
N ALA B 1539 -30.62 11.58 21.06
CA ALA B 1539 -29.81 10.44 21.49
C ALA B 1539 -29.59 9.44 20.36
N ALA B 1540 -30.67 8.95 19.77
CA ALA B 1540 -30.57 7.91 18.76
C ALA B 1540 -29.67 8.37 17.61
N THR B 1541 -28.79 7.48 17.16
CA THR B 1541 -27.83 7.78 16.11
C THR B 1541 -26.70 8.67 16.61
N ALA B 1542 -26.79 9.11 17.87
CA ALA B 1542 -25.69 9.79 18.54
C ALA B 1542 -25.14 8.97 19.68
N HIS B 1543 -26.00 8.55 20.61
CA HIS B 1543 -25.59 7.55 21.58
C HIS B 1543 -25.56 6.16 20.98
N ALA B 1544 -26.47 5.87 20.05
CA ALA B 1544 -26.51 4.55 19.45
C ALA B 1544 -25.19 4.19 18.80
N THR B 1545 -24.48 5.18 18.26
CA THR B 1545 -23.15 4.93 17.71
C THR B 1545 -22.08 5.05 18.78
N ALA B 1546 -22.16 6.08 19.62
CA ALA B 1546 -21.15 6.26 20.65
C ALA B 1546 -21.13 5.08 21.61
N TRP B 1547 -22.30 4.71 22.14
CA TRP B 1547 -22.33 3.66 23.16
C TRP B 1547 -21.80 2.34 22.62
N TYR B 1548 -22.22 1.96 21.41
CA TYR B 1548 -21.72 0.72 20.84
C TYR B 1548 -20.22 0.78 20.63
N GLY B 1549 -19.71 1.90 20.12
CA GLY B 1549 -18.28 2.02 19.87
C GLY B 1549 -17.47 2.03 21.15
N LEU B 1550 -17.96 2.73 22.17
CA LEU B 1550 -17.18 2.92 23.39
C LEU B 1550 -17.40 1.81 24.41
N ASN B 1551 -18.60 1.24 24.47
CA ASN B 1551 -18.91 0.24 25.49
C ASN B 1551 -18.86 -1.19 24.96
N ASP B 1552 -19.65 -1.50 23.93
CA ASP B 1552 -19.74 -2.88 23.48
C ASP B 1552 -18.54 -3.31 22.66
N LEU B 1553 -17.87 -2.38 21.98
CA LEU B 1553 -16.72 -2.72 21.15
C LEU B 1553 -15.39 -2.36 21.78
N ALA B 1554 -15.29 -1.21 22.43
CA ALA B 1554 -14.05 -0.80 23.06
C ALA B 1554 -13.97 -1.17 24.53
N GLN B 1555 -15.10 -1.48 25.15
CA GLN B 1555 -15.14 -1.90 26.55
C GLN B 1555 -14.38 -0.91 27.43
N ILE B 1556 -14.76 0.36 27.32
CA ILE B 1556 -14.12 1.40 28.12
C ILE B 1556 -14.20 1.03 29.59
N LYS B 1557 -13.23 1.51 30.36
CA LYS B 1557 -13.19 1.28 31.80
C LYS B 1557 -12.48 2.44 32.45
N ALA B 1558 -12.70 2.59 33.76
CA ALA B 1558 -12.17 3.75 34.46
C ALA B 1558 -10.66 3.87 34.26
N GLY B 1559 -10.21 5.09 33.98
CA GLY B 1559 -8.81 5.38 33.82
C GLY B 1559 -8.32 5.38 32.39
N ASP B 1560 -9.06 4.79 31.47
CA ASP B 1560 -8.64 4.76 30.08
C ASP B 1560 -8.68 6.15 29.47
N LYS B 1561 -7.75 6.41 28.55
CA LYS B 1561 -7.67 7.67 27.85
C LYS B 1561 -8.36 7.54 26.49
N VAL B 1562 -9.30 8.43 26.21
CA VAL B 1562 -10.11 8.37 25.01
C VAL B 1562 -9.71 9.51 24.09
N LEU B 1563 -9.82 9.28 22.79
CA LEU B 1563 -9.66 10.32 21.78
C LEU B 1563 -10.84 10.28 20.84
N ILE B 1564 -11.49 11.42 20.65
CA ILE B 1564 -12.68 11.52 19.82
C ILE B 1564 -12.52 12.72 18.91
N HIS B 1565 -12.78 12.54 17.61
CA HIS B 1565 -12.62 13.59 16.64
C HIS B 1565 -13.96 14.26 16.36
N SER B 1566 -13.89 15.53 15.98
CA SER B 1566 -15.08 16.33 15.72
C SER B 1566 -16.02 16.31 16.93
N ALA B 1567 -15.43 16.57 18.10
CA ALA B 1567 -16.20 16.47 19.34
C ALA B 1567 -17.45 17.33 19.30
N THR B 1568 -17.42 18.43 18.56
CA THR B 1568 -18.57 19.31 18.49
C THR B 1568 -19.80 18.60 17.93
N GLY B 1569 -19.60 17.63 17.04
CA GLY B 1569 -20.72 16.95 16.42
C GLY B 1569 -21.51 16.12 17.41
N GLY B 1570 -22.66 15.64 16.95
CA GLY B 1570 -23.52 14.84 17.82
C GLY B 1570 -22.81 13.61 18.35
N VAL B 1571 -22.14 12.87 17.46
CA VAL B 1571 -21.37 11.71 17.90
C VAL B 1571 -20.32 12.14 18.91
N GLY B 1572 -19.67 13.28 18.68
CA GLY B 1572 -18.66 13.74 19.61
C GLY B 1572 -19.23 14.03 20.99
N GLN B 1573 -20.36 14.73 21.05
CA GLN B 1573 -20.93 15.06 22.34
C GLN B 1573 -21.41 13.80 23.06
N ALA B 1574 -21.98 12.86 22.32
CA ALA B 1574 -22.37 11.59 22.95
C ALA B 1574 -21.15 10.88 23.51
N ALA B 1575 -20.06 10.85 22.76
CA ALA B 1575 -18.85 10.21 23.25
C ALA B 1575 -18.34 10.89 24.51
N ILE B 1576 -18.36 12.23 24.53
CA ILE B 1576 -17.91 12.95 25.72
C ILE B 1576 -18.77 12.57 26.91
N SER B 1577 -20.10 12.56 26.72
CA SER B 1577 -20.99 12.26 27.83
C SER B 1577 -20.73 10.85 28.35
N ILE B 1578 -20.57 9.87 27.46
CA ILE B 1578 -20.35 8.50 27.89
C ILE B 1578 -19.03 8.39 28.63
N ALA B 1579 -17.96 8.97 28.06
CA ALA B 1579 -16.66 8.86 28.70
C ALA B 1579 -16.67 9.49 30.08
N ARG B 1580 -17.30 10.65 30.21
CA ARG B 1580 -17.39 11.27 31.52
C ARG B 1580 -18.20 10.41 32.49
N ALA B 1581 -19.30 9.82 32.01
CA ALA B 1581 -20.14 9.02 32.88
C ALA B 1581 -19.38 7.82 33.42
N LYS B 1582 -18.58 7.17 32.57
CA LYS B 1582 -17.86 5.96 32.95
C LYS B 1582 -16.47 6.26 33.50
N GLY B 1583 -16.21 7.49 33.92
CA GLY B 1583 -14.97 7.82 34.60
C GLY B 1583 -13.72 7.65 33.77
N ALA B 1584 -13.72 8.15 32.54
CA ALA B 1584 -12.54 8.11 31.69
C ALA B 1584 -11.86 9.48 31.67
N GLU B 1585 -10.84 9.60 30.84
CA GLU B 1585 -10.18 10.87 30.56
C GLU B 1585 -10.32 11.16 29.07
N ILE B 1586 -10.64 12.40 28.73
CA ILE B 1586 -11.09 12.76 27.39
C ILE B 1586 -10.05 13.68 26.75
N PHE B 1587 -9.60 13.30 25.55
CA PHE B 1587 -8.88 14.18 24.65
C PHE B 1587 -9.71 14.34 23.40
N ALA B 1588 -9.90 15.58 22.95
CA ALA B 1588 -10.80 15.86 21.85
C ALA B 1588 -10.11 16.71 20.80
N THR B 1589 -10.81 16.94 19.70
CA THR B 1589 -10.34 17.79 18.63
C THR B 1589 -11.53 18.52 18.02
N ALA B 1590 -11.24 19.58 17.28
CA ALA B 1590 -12.29 20.39 16.66
C ALA B 1590 -11.68 21.16 15.51
N GLY B 1591 -12.52 21.94 14.83
CA GLY B 1591 -12.09 22.71 13.68
C GLY B 1591 -11.87 24.17 13.99
N ASN B 1592 -12.86 25.00 13.70
CA ASN B 1592 -12.71 26.43 13.91
C ASN B 1592 -12.48 26.72 15.40
N PRO B 1593 -11.73 27.77 15.72
CA PRO B 1593 -11.44 28.05 17.13
C PRO B 1593 -12.68 28.26 17.97
N ALA B 1594 -13.79 28.71 17.38
CA ALA B 1594 -15.01 28.91 18.15
C ALA B 1594 -15.48 27.62 18.77
N LYS B 1595 -15.48 26.53 17.99
CA LYS B 1595 -15.86 25.24 18.55
C LYS B 1595 -14.84 24.76 19.57
N ARG B 1596 -13.57 25.15 19.40
CA ARG B 1596 -12.57 24.84 20.41
C ARG B 1596 -12.92 25.50 21.73
N ALA B 1597 -13.30 26.77 21.70
CA ALA B 1597 -13.73 27.46 22.91
C ALA B 1597 -14.99 26.82 23.48
N MET B 1598 -15.89 26.39 22.61
CA MET B 1598 -17.07 25.68 23.08
C MET B 1598 -16.68 24.43 23.86
N LEU B 1599 -15.72 23.67 23.33
CA LEU B 1599 -15.23 22.50 24.05
C LEU B 1599 -14.63 22.88 25.39
N ARG B 1600 -13.80 23.94 25.41
CA ARG B 1600 -13.25 24.41 26.67
C ARG B 1600 -14.37 24.65 27.68
N ASP B 1601 -15.44 25.32 27.23
CA ASP B 1601 -16.57 25.58 28.11
C ASP B 1601 -17.23 24.27 28.55
N MET B 1602 -17.26 23.27 27.67
CA MET B 1602 -17.95 22.02 27.98
C MET B 1602 -17.32 21.30 29.17
N GLY B 1603 -16.11 21.67 29.56
CA GLY B 1603 -15.45 21.06 30.68
C GLY B 1603 -14.44 19.98 30.33
N VAL B 1604 -14.01 19.91 29.08
CA VAL B 1604 -13.02 18.93 28.64
C VAL B 1604 -11.77 19.70 28.22
N GLU B 1605 -10.64 19.38 28.85
CA GLU B 1605 -9.37 19.99 28.50
C GLU B 1605 -8.64 19.08 27.53
N HIS B 1606 -7.37 19.41 27.24
CA HIS B 1606 -6.57 18.67 26.29
C HIS B 1606 -7.25 18.64 24.92
N VAL B 1607 -7.52 19.83 24.40
CA VAL B 1607 -8.21 20.00 23.13
C VAL B 1607 -7.23 20.54 22.11
N TYR B 1608 -7.22 19.97 20.91
CA TYR B 1608 -6.27 20.34 19.89
C TYR B 1608 -6.94 20.56 18.54
N ASP B 1609 -6.16 20.84 17.50
CA ASP B 1609 -6.72 21.07 16.18
C ASP B 1609 -7.10 19.75 15.53
N SER B 1610 -8.06 19.84 14.60
CA SER B 1610 -8.53 18.67 13.87
C SER B 1610 -7.95 18.58 12.46
N ARG B 1611 -7.71 19.70 11.80
CA ARG B 1611 -7.18 19.67 10.44
C ARG B 1611 -5.78 19.11 10.41
N SER B 1612 -4.84 19.76 11.09
CA SER B 1612 -3.46 19.33 11.09
C SER B 1612 -3.34 17.92 11.66
N VAL B 1613 -2.14 17.34 11.49
CA VAL B 1613 -1.80 16.08 12.13
C VAL B 1613 -0.96 16.30 13.39
N GLU B 1614 -0.90 17.54 13.88
CA GLU B 1614 -0.04 17.84 15.02
C GLU B 1614 -0.55 17.26 16.32
N PHE B 1615 -1.84 16.90 16.38
CA PHE B 1615 -2.37 16.37 17.63
C PHE B 1615 -1.68 15.07 18.02
N ALA B 1616 -1.19 14.30 17.04
CA ALA B 1616 -0.52 13.05 17.36
C ALA B 1616 0.69 13.29 18.25
N GLU B 1617 1.52 14.28 17.90
CA GLU B 1617 2.68 14.60 18.71
C GLU B 1617 2.30 15.38 19.97
N GLN B 1618 1.33 16.29 19.86
CA GLN B 1618 0.94 17.09 21.01
C GLN B 1618 0.43 16.21 22.14
N ILE B 1619 -0.43 15.24 21.83
CA ILE B 1619 -0.97 14.37 22.87
C ILE B 1619 0.15 13.54 23.48
N ARG B 1620 1.00 12.95 22.65
CA ARG B 1620 2.11 12.16 23.17
C ARG B 1620 2.95 12.98 24.14
N ARG B 1621 3.22 14.24 23.80
CA ARG B 1621 3.90 15.10 24.75
C ARG B 1621 3.04 15.40 25.97
N ASP B 1622 1.72 15.34 25.81
CA ASP B 1622 0.80 15.68 26.89
C ASP B 1622 0.49 14.49 27.81
N THR B 1623 0.96 13.29 27.47
CA THR B 1623 0.83 12.13 28.35
C THR B 1623 2.14 11.38 28.46
N ASP B 1624 3.26 12.12 28.41
CA ASP B 1624 4.60 11.56 28.56
C ASP B 1624 4.76 10.25 27.79
N GLY B 1625 4.37 10.29 26.53
CA GLY B 1625 4.67 9.21 25.60
C GLY B 1625 3.82 7.98 25.73
N TYR B 1626 2.91 7.91 26.70
CA TYR B 1626 2.08 6.72 26.82
C TYR B 1626 1.08 6.62 25.69
N GLY B 1627 0.57 7.74 25.20
CA GLY B 1627 -0.43 7.73 24.17
C GLY B 1627 -1.83 7.48 24.72
N VAL B 1628 -2.75 7.27 23.79
CA VAL B 1628 -4.16 7.09 24.13
C VAL B 1628 -4.52 5.61 23.97
N ASP B 1629 -5.72 5.26 24.42
CA ASP B 1629 -6.20 3.88 24.31
C ASP B 1629 -7.35 3.73 23.32
N ILE B 1630 -8.45 4.45 23.51
CA ILE B 1630 -9.60 4.37 22.61
C ILE B 1630 -9.58 5.60 21.72
N VAL B 1631 -9.68 5.37 20.41
CA VAL B 1631 -9.71 6.44 19.42
C VAL B 1631 -10.97 6.27 18.59
N LEU B 1632 -11.96 7.13 18.82
CA LEU B 1632 -13.21 7.07 18.09
C LEU B 1632 -13.11 7.92 16.82
N ASN B 1633 -12.21 7.50 15.95
CA ASN B 1633 -11.87 8.28 14.77
C ASN B 1633 -13.10 8.53 13.91
N SER B 1634 -13.12 9.72 13.30
CA SER B 1634 -14.09 10.03 12.25
C SER B 1634 -13.47 10.82 11.10
N LEU B 1635 -12.16 11.06 11.10
CA LEU B 1635 -11.49 11.79 10.06
C LEU B 1635 -11.08 10.86 8.92
N THR B 1636 -10.38 11.42 7.94
CA THR B 1636 -9.93 10.69 6.76
C THR B 1636 -8.48 11.03 6.48
N GLY B 1637 -7.99 10.54 5.34
CA GLY B 1637 -6.66 10.88 4.89
C GLY B 1637 -5.60 10.52 5.92
N ALA B 1638 -4.58 11.37 6.01
CA ALA B 1638 -3.48 11.11 6.93
C ALA B 1638 -3.91 11.21 8.39
N ALA B 1639 -5.05 11.83 8.66
CA ALA B 1639 -5.48 11.97 10.05
C ALA B 1639 -5.67 10.60 10.70
N GLN B 1640 -6.38 9.70 10.03
CA GLN B 1640 -6.61 8.38 10.61
C GLN B 1640 -5.31 7.59 10.72
N ARG B 1641 -4.42 7.73 9.74
CA ARG B 1641 -3.14 7.05 9.84
C ARG B 1641 -2.36 7.53 11.05
N ALA B 1642 -2.35 8.84 11.29
CA ALA B 1642 -1.69 9.37 12.48
C ALA B 1642 -2.36 8.83 13.74
N GLY B 1643 -3.69 8.80 13.77
CA GLY B 1643 -4.38 8.28 14.93
C GLY B 1643 -4.01 6.84 15.22
N LEU B 1644 -3.97 6.01 14.19
CA LEU B 1644 -3.69 4.59 14.40
C LEU B 1644 -2.33 4.38 15.05
N GLU B 1645 -1.36 5.22 14.73
CA GLU B 1645 -0.05 5.09 15.36
C GLU B 1645 -0.11 5.58 16.81
N LEU B 1646 -1.02 6.50 17.11
CA LEU B 1646 -0.97 7.19 18.38
C LEU B 1646 -1.22 6.25 19.56
N LEU B 1647 -2.28 5.45 19.49
CA LEU B 1647 -2.76 4.75 20.67
C LEU B 1647 -1.74 3.74 21.18
N ALA B 1648 -1.78 3.51 22.49
CA ALA B 1648 -0.81 2.65 23.17
C ALA B 1648 -1.19 1.19 22.98
N PHE B 1649 -0.54 0.31 23.74
CA PHE B 1649 -0.89 -1.10 23.69
C PHE B 1649 -2.35 -1.31 24.06
N GLY B 1650 -2.99 -2.26 23.38
CA GLY B 1650 -4.35 -2.62 23.66
C GLY B 1650 -5.37 -1.59 23.26
N GLY B 1651 -4.93 -0.48 22.67
CA GLY B 1651 -5.89 0.52 22.23
C GLY B 1651 -6.79 -0.03 21.16
N ARG B 1652 -8.05 0.38 21.19
CA ARG B 1652 -9.06 -0.09 20.27
C ARG B 1652 -9.45 1.05 19.36
N PHE B 1653 -9.03 0.98 18.10
CA PHE B 1653 -9.23 2.07 17.14
C PHE B 1653 -10.61 1.90 16.53
N VAL B 1654 -11.62 2.47 17.18
CA VAL B 1654 -13.00 2.42 16.68
C VAL B 1654 -13.11 3.37 15.51
N GLU B 1655 -13.80 2.95 14.45
CA GLU B 1655 -13.92 3.73 13.23
C GLU B 1655 -15.39 3.86 12.86
N ILE B 1656 -15.79 5.07 12.46
CA ILE B 1656 -17.18 5.32 12.09
C ILE B 1656 -17.30 6.08 10.77
N GLY B 1657 -16.19 6.64 10.30
CA GLY B 1657 -16.23 7.43 9.08
C GLY B 1657 -16.04 6.62 7.82
N LYS B 1658 -17.13 6.32 7.11
CA LYS B 1658 -17.06 5.45 5.95
C LYS B 1658 -16.28 6.06 4.80
N ALA B 1659 -15.95 7.34 4.86
CA ALA B 1659 -15.29 8.00 3.74
C ALA B 1659 -14.05 7.24 3.31
N ASP B 1660 -13.08 7.11 4.20
CA ASP B 1660 -11.82 6.47 3.82
C ASP B 1660 -12.03 5.01 3.45
N VAL B 1661 -12.90 4.31 4.18
CA VAL B 1661 -13.04 2.88 3.97
C VAL B 1661 -13.60 2.59 2.59
N TYR B 1662 -14.66 3.29 2.19
CA TYR B 1662 -15.24 3.02 0.88
C TYR B 1662 -14.30 3.39 -0.26
N GLY B 1663 -13.25 4.16 0.00
CA GLY B 1663 -12.27 4.52 -0.99
C GLY B 1663 -11.15 3.52 -1.14
N ASN B 1664 -11.24 2.36 -0.49
CA ASN B 1664 -10.20 1.35 -0.52
C ASN B 1664 -8.85 1.94 -0.12
N THR B 1665 -8.86 2.69 0.98
CA THR B 1665 -7.61 3.19 1.55
C THR B 1665 -6.72 2.01 1.92
N ARG B 1666 -5.42 2.18 1.72
CA ARG B 1666 -4.44 1.15 2.04
C ARG B 1666 -3.85 1.48 3.40
N LEU B 1667 -4.50 0.97 4.46
CA LEU B 1667 -4.02 1.21 5.81
C LEU B 1667 -2.63 0.64 5.98
N GLY B 1668 -1.74 1.41 6.58
CA GLY B 1668 -0.38 0.97 6.80
C GLY B 1668 -0.29 -0.03 7.93
N LEU B 1669 -0.91 -1.20 7.74
CA LEU B 1669 -0.91 -2.23 8.76
C LEU B 1669 0.49 -2.47 9.29
N PHE B 1670 0.72 -2.15 10.55
CA PHE B 1670 2.02 -2.31 11.20
C PHE B 1670 1.96 -1.74 12.60
N PRO B 1671 1.37 -0.56 12.80
CA PRO B 1671 1.12 -0.09 14.17
C PRO B 1671 0.36 -1.10 15.02
N PHE B 1672 -0.24 -2.13 14.41
CA PHE B 1672 -0.83 -3.21 15.18
C PHE B 1672 0.20 -4.00 15.95
N ARG B 1673 1.48 -3.79 15.67
CA ARG B 1673 2.57 -4.41 16.40
C ARG B 1673 2.27 -4.46 17.90
N ARG B 1674 1.65 -3.40 18.42
CA ARG B 1674 1.42 -3.26 19.85
C ARG B 1674 0.13 -3.93 20.30
N GLY B 1675 -0.40 -4.87 19.53
CA GLY B 1675 -1.61 -5.56 19.94
C GLY B 1675 -2.88 -4.74 19.81
N LEU B 1676 -2.93 -3.84 18.83
CA LEU B 1676 -4.11 -3.03 18.61
C LEU B 1676 -5.26 -3.89 18.11
N THR B 1677 -6.42 -3.26 17.96
CA THR B 1677 -7.60 -3.90 17.40
C THR B 1677 -8.39 -2.86 16.62
N PHE B 1678 -8.65 -3.12 15.36
CA PHE B 1678 -9.36 -2.20 14.49
C PHE B 1678 -10.81 -2.63 14.37
N TYR B 1679 -11.73 -1.72 14.69
CA TYR B 1679 -13.15 -1.95 14.54
C TYR B 1679 -13.70 -1.03 13.46
N TYR B 1680 -14.74 -1.48 12.77
CA TYR B 1680 -15.54 -0.62 11.92
C TYR B 1680 -16.98 -0.68 12.41
N LEU B 1681 -17.56 0.48 12.65
CA LEU B 1681 -18.90 0.60 13.23
C LEU B 1681 -19.77 1.42 12.29
N ASP B 1682 -20.84 0.79 11.78
CA ASP B 1682 -21.78 1.47 10.91
C ASP B 1682 -23.18 1.09 11.40
N LEU B 1683 -23.89 2.07 11.98
CA LEU B 1683 -25.17 1.77 12.61
C LEU B 1683 -26.18 1.27 11.58
N ALA B 1684 -26.25 1.93 10.43
CA ALA B 1684 -27.29 1.62 9.45
C ALA B 1684 -27.18 0.17 8.98
N LEU B 1685 -25.99 -0.22 8.54
CA LEU B 1685 -25.81 -1.58 8.05
C LEU B 1685 -26.08 -2.59 9.16
N MET B 1686 -25.61 -2.30 10.36
CA MET B 1686 -25.87 -3.19 11.49
C MET B 1686 -27.36 -3.39 11.68
N SER B 1687 -28.13 -2.30 11.68
CA SER B 1687 -29.57 -2.40 11.84
C SER B 1687 -30.18 -3.23 10.73
N VAL B 1688 -29.74 -3.02 9.49
CA VAL B 1688 -30.28 -3.77 8.37
C VAL B 1688 -29.97 -5.26 8.53
N THR B 1689 -28.85 -5.60 9.16
CA THR B 1689 -28.41 -6.98 9.20
C THR B 1689 -28.79 -7.70 10.50
N GLN B 1690 -28.67 -7.04 11.65
CA GLN B 1690 -28.85 -7.69 12.96
C GLN B 1690 -29.81 -6.87 13.80
N PRO B 1691 -31.12 -6.95 13.50
CA PRO B 1691 -32.07 -6.07 14.21
C PRO B 1691 -32.06 -6.22 15.71
N ASP B 1692 -31.89 -7.43 16.23
CA ASP B 1692 -32.05 -7.64 17.67
C ASP B 1692 -31.00 -6.87 18.46
N ARG B 1693 -29.73 -6.92 18.02
CA ARG B 1693 -28.70 -6.24 18.77
C ARG B 1693 -28.90 -4.73 18.76
N VAL B 1694 -29.31 -4.18 17.62
CA VAL B 1694 -29.52 -2.73 17.56
C VAL B 1694 -30.73 -2.35 18.42
N ARG B 1695 -31.76 -3.19 18.46
CA ARG B 1695 -32.88 -2.91 19.34
C ARG B 1695 -32.43 -2.87 20.79
N GLU B 1696 -31.63 -3.85 21.20
CA GLU B 1696 -31.12 -3.85 22.57
C GLU B 1696 -30.27 -2.62 22.83
N LEU B 1697 -29.41 -2.27 21.87
CA LEU B 1697 -28.59 -1.07 21.98
C LEU B 1697 -29.46 0.16 22.23
N LEU B 1698 -30.49 0.33 21.40
CA LEU B 1698 -31.32 1.53 21.49
C LEU B 1698 -32.08 1.56 22.80
N ALA B 1699 -32.61 0.41 23.22
CA ALA B 1699 -33.31 0.37 24.51
C ALA B 1699 -32.37 0.75 25.63
N THR B 1700 -31.15 0.25 25.60
CA THR B 1700 -30.21 0.55 26.67
C THR B 1700 -29.86 2.04 26.71
N VAL B 1701 -29.60 2.64 25.55
CA VAL B 1701 -29.23 4.05 25.54
C VAL B 1701 -30.40 4.91 25.98
N PHE B 1702 -31.61 4.57 25.55
CA PHE B 1702 -32.78 5.32 26.01
C PHE B 1702 -32.94 5.21 27.52
N LYS B 1703 -32.79 4.00 28.06
CA LYS B 1703 -32.94 3.82 29.50
C LYS B 1703 -31.89 4.63 30.25
N LEU B 1704 -30.65 4.63 29.75
CA LEU B 1704 -29.59 5.38 30.42
C LEU B 1704 -29.88 6.87 30.38
N THR B 1705 -30.18 7.42 29.20
CA THR B 1705 -30.43 8.85 29.11
C THR B 1705 -31.63 9.26 29.95
N ALA B 1706 -32.60 8.35 30.13
CA ALA B 1706 -33.73 8.68 30.98
C ALA B 1706 -33.27 8.96 32.41
N ASP B 1707 -32.36 8.14 32.92
CA ASP B 1707 -31.86 8.33 34.28
C ASP B 1707 -31.09 9.61 34.46
N GLY B 1708 -30.66 10.26 33.37
CA GLY B 1708 -29.89 11.47 33.45
C GLY B 1708 -28.39 11.26 33.49
N VAL B 1709 -27.93 10.02 33.63
CA VAL B 1709 -26.49 9.77 33.62
C VAL B 1709 -25.89 10.16 32.28
N LEU B 1710 -26.62 9.95 31.20
CA LEU B 1710 -26.16 10.28 29.85
C LEU B 1710 -26.98 11.46 29.33
N THR B 1711 -26.43 12.65 29.48
CA THR B 1711 -27.10 13.85 28.95
C THR B 1711 -26.93 13.90 27.45
N ALA B 1712 -28.04 14.07 26.74
CA ALA B 1712 -28.01 14.07 25.29
C ALA B 1712 -27.34 15.34 24.78
N PRO B 1713 -26.88 15.34 23.52
CA PRO B 1713 -26.26 16.53 22.96
C PRO B 1713 -27.25 17.68 22.83
N GLN B 1714 -26.78 18.83 22.34
CA GLN B 1714 -27.64 19.97 22.13
C GLN B 1714 -28.31 19.90 20.77
N CYS B 1715 -29.49 20.51 20.67
CA CYS B 1715 -30.29 20.46 19.46
C CYS B 1715 -30.61 21.87 18.98
N THR B 1716 -30.79 22.01 17.67
CA THR B 1716 -31.19 23.27 17.04
C THR B 1716 -32.20 22.92 15.96
N HIS B 1717 -33.48 23.07 16.28
CA HIS B 1717 -34.53 22.55 15.42
C HIS B 1717 -34.67 23.36 14.14
N TYR B 1718 -35.13 22.69 13.09
CA TYR B 1718 -35.44 23.29 11.81
C TYR B 1718 -36.79 22.80 11.35
N PRO B 1719 -37.66 23.67 10.84
CA PRO B 1719 -38.90 23.19 10.22
C PRO B 1719 -38.60 22.40 8.96
N LEU B 1720 -39.42 21.39 8.69
CA LEU B 1720 -39.08 20.44 7.63
C LEU B 1720 -39.00 21.14 6.28
N ALA B 1721 -39.91 22.09 6.01
CA ALA B 1721 -39.90 22.76 4.72
C ALA B 1721 -38.54 23.40 4.43
N GLU B 1722 -37.82 23.82 5.46
CA GLU B 1722 -36.52 24.47 5.32
C GLU B 1722 -35.37 23.48 5.46
N ALA B 1723 -35.57 22.23 5.04
CA ALA B 1723 -34.51 21.23 5.17
C ALA B 1723 -33.24 21.67 4.46
N ALA B 1724 -33.37 22.49 3.42
CA ALA B 1724 -32.19 22.89 2.64
C ALA B 1724 -31.19 23.63 3.51
N ASP B 1725 -31.67 24.57 4.33
CA ASP B 1725 -30.75 25.34 5.16
C ASP B 1725 -30.08 24.47 6.21
N ALA B 1726 -30.83 23.55 6.81
CA ALA B 1726 -30.24 22.64 7.79
C ALA B 1726 -29.16 21.80 7.13
N ILE B 1727 -29.45 21.28 5.93
CA ILE B 1727 -28.42 20.54 5.19
C ILE B 1727 -27.19 21.41 5.03
N ARG B 1728 -27.35 22.55 4.34
CA ARG B 1728 -26.24 23.48 4.17
C ARG B 1728 -25.41 23.60 5.44
N ALA B 1729 -26.07 23.87 6.56
CA ALA B 1729 -25.35 24.06 7.82
C ALA B 1729 -24.52 22.84 8.15
N MET B 1730 -25.14 21.65 8.15
CA MET B 1730 -24.41 20.46 8.55
C MET B 1730 -23.26 20.16 7.59
N SER B 1731 -23.53 20.22 6.28
CA SER B 1731 -22.48 19.98 5.29
C SER B 1731 -21.33 20.95 5.43
N ASN B 1732 -21.60 22.17 5.91
CA ASN B 1732 -20.57 23.16 6.11
C ASN B 1732 -19.83 22.99 7.42
N ALA B 1733 -20.24 22.04 8.26
CA ALA B 1733 -19.59 21.73 9.53
C ALA B 1733 -19.58 22.91 10.49
N GLU B 1734 -20.32 23.97 10.19
CA GLU B 1734 -20.40 25.14 11.06
C GLU B 1734 -21.45 25.00 12.14
N HIS B 1735 -22.17 23.88 12.18
CA HIS B 1735 -23.14 23.65 13.24
C HIS B 1735 -22.44 23.10 14.48
N THR B 1736 -23.20 23.04 15.57
CA THR B 1736 -22.73 22.44 16.81
C THR B 1736 -23.86 21.61 17.41
N GLY B 1737 -23.54 20.38 17.78
CA GLY B 1737 -24.56 19.50 18.31
C GLY B 1737 -25.26 18.73 17.22
N LYS B 1738 -26.56 18.49 17.38
CA LYS B 1738 -27.34 17.69 16.45
C LYS B 1738 -28.42 18.53 15.80
N LEU B 1739 -28.79 18.15 14.59
CA LEU B 1739 -29.83 18.83 13.82
C LEU B 1739 -31.09 17.98 13.86
N VAL B 1740 -32.19 18.56 14.31
CA VAL B 1740 -33.45 17.87 14.46
C VAL B 1740 -34.48 18.55 13.57
N LEU B 1741 -35.01 17.81 12.60
CA LEU B 1741 -36.05 18.32 11.72
C LEU B 1741 -37.40 18.03 12.34
N ASP B 1742 -38.20 19.08 12.52
CA ASP B 1742 -39.54 18.95 13.10
C ASP B 1742 -40.52 18.71 11.97
N VAL B 1743 -40.91 17.46 11.76
CA VAL B 1743 -41.84 17.14 10.68
C VAL B 1743 -43.18 17.80 10.97
N PRO B 1744 -43.81 18.48 10.01
CA PRO B 1744 -45.10 19.12 10.28
C PRO B 1744 -46.14 18.08 10.68
N ARG B 1745 -46.81 18.36 11.80
CA ARG B 1745 -47.87 17.51 12.31
C ARG B 1745 -49.07 18.34 12.76
N SER B 1746 -49.07 19.64 12.48
CA SER B 1746 -50.15 20.53 12.87
C SER B 1746 -51.36 20.45 11.96
N GLY B 1747 -51.36 19.54 10.98
CA GLY B 1747 -52.45 19.49 10.03
C GLY B 1747 -52.49 20.67 9.10
N ARG B 1748 -51.35 21.31 8.84
CA ARG B 1748 -51.30 22.46 7.95
C ARG B 1748 -51.64 22.03 6.53
N ARG B 1749 -52.84 22.37 6.08
CA ARG B 1749 -53.25 22.03 4.73
C ARG B 1749 -52.32 22.69 3.72
N SER B 1750 -51.85 21.92 2.75
CA SER B 1750 -50.91 22.42 1.75
C SER B 1750 -51.05 21.56 0.50
N VAL B 1751 -50.33 21.97 -0.53
CA VAL B 1751 -50.34 21.26 -1.80
C VAL B 1751 -49.04 20.49 -1.94
N ALA B 1752 -49.15 19.23 -2.30
CA ALA B 1752 -48.01 18.36 -2.55
C ALA B 1752 -47.85 18.19 -4.06
N VAL B 1753 -46.92 17.32 -4.45
CA VAL B 1753 -46.67 17.07 -5.86
C VAL B 1753 -46.51 15.57 -6.09
N THR B 1754 -47.55 14.95 -6.63
CA THR B 1754 -47.48 13.51 -6.88
C THR B 1754 -46.38 13.22 -7.89
N PRO B 1755 -45.48 12.27 -7.62
CA PRO B 1755 -44.26 12.14 -8.46
C PRO B 1755 -44.45 11.21 -9.66
N GLU B 1756 -45.21 11.68 -10.64
CA GLU B 1756 -45.41 10.91 -11.87
C GLU B 1756 -45.86 9.48 -11.55
N GLN B 1757 -46.62 9.35 -10.46
CA GLN B 1757 -47.10 8.06 -9.99
C GLN B 1757 -48.56 8.13 -9.59
N ALA B 1758 -49.25 9.21 -9.95
CA ALA B 1758 -50.66 9.35 -9.59
C ALA B 1758 -51.45 8.18 -10.15
N PRO B 1759 -52.49 7.72 -9.46
CA PRO B 1759 -53.22 6.55 -9.94
C PRO B 1759 -53.79 6.78 -11.33
N LEU B 1760 -53.33 5.98 -12.27
CA LEU B 1760 -53.93 5.90 -13.60
C LEU B 1760 -54.50 4.51 -13.89
N TYR B 1761 -53.97 3.48 -13.25
CA TYR B 1761 -54.47 2.12 -13.39
C TYR B 1761 -54.69 1.58 -11.99
N ARG B 1762 -55.92 1.20 -11.66
CA ARG B 1762 -56.24 0.74 -10.31
C ARG B 1762 -57.08 -0.52 -10.39
N ARG B 1763 -56.72 -1.51 -9.57
CA ARG B 1763 -57.46 -2.77 -9.55
C ARG B 1763 -58.93 -2.53 -9.21
N ASP B 1764 -59.21 -1.56 -8.34
CA ASP B 1764 -60.56 -1.17 -8.02
C ASP B 1764 -61.01 -0.05 -8.96
N GLY B 1765 -62.22 0.43 -8.76
CA GLY B 1765 -62.76 1.50 -9.58
C GLY B 1765 -63.21 0.99 -10.93
N SER B 1766 -63.81 1.91 -11.70
CA SER B 1766 -64.31 1.60 -13.03
C SER B 1766 -63.95 2.73 -13.97
N TYR B 1767 -63.92 2.40 -15.26
CA TYR B 1767 -63.56 3.34 -16.30
C TYR B 1767 -64.38 3.03 -17.54
N ILE B 1768 -64.43 3.98 -18.47
CA ILE B 1768 -65.17 3.81 -19.72
C ILE B 1768 -64.34 4.34 -20.87
N ILE B 1769 -64.73 3.93 -22.07
CA ILE B 1769 -64.09 4.39 -23.30
C ILE B 1769 -65.13 4.44 -24.40
N THR B 1770 -65.34 5.62 -24.98
CA THR B 1770 -66.30 5.78 -26.06
C THR B 1770 -65.62 5.51 -27.40
N GLY B 1771 -66.24 4.68 -28.21
CA GLY B 1771 -65.59 4.17 -29.42
C GLY B 1771 -64.74 2.94 -29.11
N GLY B 1772 -63.42 3.09 -29.24
CA GLY B 1772 -62.49 2.06 -28.83
C GLY B 1772 -62.79 0.68 -29.36
N LEU B 1773 -63.57 0.59 -30.44
CA LEU B 1773 -63.86 -0.68 -31.07
C LEU B 1773 -62.88 -1.00 -32.19
N GLY B 1774 -61.91 -0.13 -32.43
CA GLY B 1774 -60.90 -0.40 -33.44
C GLY B 1774 -59.77 0.61 -33.34
N GLY B 1775 -58.67 0.28 -34.00
CA GLY B 1775 -57.55 1.18 -34.04
C GLY B 1775 -56.96 1.44 -32.66
N LEU B 1776 -56.47 2.66 -32.46
CA LEU B 1776 -55.78 3.00 -31.22
C LEU B 1776 -56.70 2.84 -30.02
N GLY B 1777 -57.96 3.27 -30.15
CA GLY B 1777 -58.88 3.14 -29.02
C GLY B 1777 -59.06 1.70 -28.58
N LEU B 1778 -59.15 0.78 -29.55
CA LEU B 1778 -59.24 -0.64 -29.20
C LEU B 1778 -58.01 -1.08 -28.43
N PHE B 1779 -56.83 -0.63 -28.85
CA PHE B 1779 -55.61 -1.01 -28.15
C PHE B 1779 -55.61 -0.46 -26.72
N PHE B 1780 -56.07 0.78 -26.54
CA PHE B 1780 -56.12 1.34 -25.20
C PHE B 1780 -57.10 0.57 -24.32
N ALA B 1781 -58.25 0.18 -24.89
CA ALA B 1781 -59.19 -0.64 -24.14
C ALA B 1781 -58.56 -1.97 -23.74
N SER B 1782 -57.84 -2.60 -24.68
CA SER B 1782 -57.19 -3.87 -24.36
C SER B 1782 -56.15 -3.70 -23.27
N LYS B 1783 -55.41 -2.58 -23.31
CA LYS B 1783 -54.42 -2.31 -22.26
C LYS B 1783 -55.10 -2.13 -20.91
N LEU B 1784 -56.20 -1.38 -20.87
CA LEU B 1784 -56.96 -1.27 -19.63
C LEU B 1784 -57.35 -2.65 -19.12
N ALA B 1785 -57.89 -3.48 -20.01
CA ALA B 1785 -58.40 -4.78 -19.61
C ALA B 1785 -57.28 -5.69 -19.08
N ALA B 1786 -56.14 -5.69 -19.76
CA ALA B 1786 -55.12 -6.70 -19.52
C ALA B 1786 -54.21 -6.40 -18.34
N ALA B 1787 -54.24 -5.17 -17.81
CA ALA B 1787 -53.35 -4.80 -16.72
C ALA B 1787 -54.05 -4.80 -15.36
N GLY B 1788 -55.19 -5.48 -15.25
CA GLY B 1788 -55.92 -5.58 -14.01
C GLY B 1788 -57.02 -4.56 -13.85
N CYS B 1789 -57.04 -3.54 -14.69
CA CYS B 1789 -58.14 -2.58 -14.64
C CYS B 1789 -59.41 -3.21 -15.18
N GLY B 1790 -60.52 -3.02 -14.46
CA GLY B 1790 -61.76 -3.69 -14.78
C GLY B 1790 -62.91 -2.72 -14.86
N ARG B 1791 -64.09 -3.27 -15.18
CA ARG B 1791 -65.32 -2.51 -15.30
C ARG B 1791 -65.20 -1.46 -16.42
N ILE B 1792 -64.80 -1.91 -17.60
CA ILE B 1792 -64.65 -1.03 -18.75
C ILE B 1792 -65.91 -1.14 -19.60
N VAL B 1793 -66.63 -0.02 -19.72
CA VAL B 1793 -67.88 0.03 -20.49
C VAL B 1793 -67.50 0.55 -21.88
N LEU B 1794 -67.14 -0.37 -22.77
CA LEU B 1794 -66.84 0.02 -24.14
C LEU B 1794 -68.12 0.48 -24.83
N THR B 1795 -68.05 1.63 -25.50
CA THR B 1795 -69.21 2.23 -26.14
C THR B 1795 -68.93 2.48 -27.61
N ALA B 1796 -69.92 2.21 -28.44
CA ALA B 1796 -69.82 2.42 -29.88
C ALA B 1796 -71.21 2.67 -30.44
N ARG B 1797 -71.25 3.19 -31.66
CA ARG B 1797 -72.52 3.54 -32.29
C ARG B 1797 -73.24 2.33 -32.90
N SER B 1798 -72.56 1.19 -33.05
CA SER B 1798 -73.16 0.02 -33.67
C SER B 1798 -72.52 -1.23 -33.09
N GLN B 1799 -73.01 -2.39 -33.52
CA GLN B 1799 -72.51 -3.66 -33.05
C GLN B 1799 -71.12 -3.94 -33.62
N PRO B 1800 -70.32 -4.77 -32.95
CA PRO B 1800 -68.96 -5.02 -33.41
C PRO B 1800 -68.91 -6.04 -34.54
N ASN B 1801 -68.03 -5.78 -35.50
CA ASN B 1801 -67.79 -6.72 -36.59
C ASN B 1801 -66.94 -7.88 -36.07
N PRO B 1802 -66.80 -8.96 -36.86
CA PRO B 1802 -66.17 -10.17 -36.31
C PRO B 1802 -64.80 -9.94 -35.70
N LYS B 1803 -63.95 -9.11 -36.33
CA LYS B 1803 -62.64 -8.84 -35.77
C LYS B 1803 -62.72 -7.94 -34.55
N ALA B 1804 -63.73 -7.06 -34.48
CA ALA B 1804 -63.96 -6.23 -33.31
C ALA B 1804 -64.80 -6.92 -32.26
N ARG B 1805 -65.25 -8.15 -32.52
CA ARG B 1805 -66.04 -8.93 -31.58
C ARG B 1805 -65.28 -10.09 -30.98
N GLN B 1806 -64.46 -10.78 -31.78
CA GLN B 1806 -63.60 -11.81 -31.22
C GLN B 1806 -62.59 -11.21 -30.25
N THR B 1807 -62.20 -9.96 -30.46
CA THR B 1807 -61.34 -9.29 -29.49
C THR B 1807 -62.05 -9.12 -28.16
N ILE B 1808 -63.32 -8.72 -28.18
CA ILE B 1808 -64.08 -8.59 -26.94
C ILE B 1808 -64.23 -9.96 -26.27
N GLU B 1809 -64.48 -11.00 -27.07
CA GLU B 1809 -64.59 -12.34 -26.51
C GLU B 1809 -63.29 -12.76 -25.86
N GLY B 1810 -62.16 -12.48 -26.50
CA GLY B 1810 -60.87 -12.82 -25.91
C GLY B 1810 -60.61 -12.05 -24.63
N LEU B 1811 -60.96 -10.76 -24.61
CA LEU B 1811 -60.82 -9.99 -23.38
C LEU B 1811 -61.67 -10.57 -22.26
N ARG B 1812 -62.90 -10.97 -22.58
CA ARG B 1812 -63.73 -11.64 -21.59
C ARG B 1812 -63.07 -12.90 -21.08
N ALA B 1813 -62.52 -13.71 -21.99
CA ALA B 1813 -61.83 -14.93 -21.58
C ALA B 1813 -60.62 -14.62 -20.71
N ALA B 1814 -60.00 -13.46 -20.91
CA ALA B 1814 -58.84 -13.07 -20.12
C ALA B 1814 -59.19 -12.73 -18.67
N GLY B 1815 -60.48 -12.63 -18.34
CA GLY B 1815 -60.91 -12.30 -17.01
C GLY B 1815 -61.30 -10.86 -16.79
N ALA B 1816 -61.08 -9.98 -17.78
CA ALA B 1816 -61.45 -8.59 -17.64
C ALA B 1816 -62.97 -8.46 -17.70
N ASP B 1817 -63.55 -7.93 -16.63
CA ASP B 1817 -65.01 -7.84 -16.50
C ASP B 1817 -65.55 -6.58 -17.19
N ILE B 1818 -65.24 -6.48 -18.48
CA ILE B 1818 -65.72 -5.37 -19.28
C ILE B 1818 -67.20 -5.58 -19.59
N VAL B 1819 -67.93 -4.47 -19.74
CA VAL B 1819 -69.36 -4.49 -20.02
C VAL B 1819 -69.58 -3.65 -21.27
N VAL B 1820 -69.56 -4.29 -22.43
CA VAL B 1820 -69.66 -3.59 -23.70
C VAL B 1820 -71.12 -3.30 -24.00
N GLU B 1821 -71.39 -2.07 -24.45
CA GLU B 1821 -72.74 -1.66 -24.83
C GLU B 1821 -72.64 -0.68 -25.99
N CYS B 1822 -73.49 -0.86 -26.99
CA CYS B 1822 -73.48 -0.02 -28.19
C CYS B 1822 -74.45 1.13 -27.98
N GLY B 1823 -73.95 2.23 -27.42
CA GLY B 1823 -74.75 3.42 -27.17
C GLY B 1823 -74.27 4.58 -28.04
N ASN B 1824 -75.24 5.31 -28.59
CA ASN B 1824 -74.94 6.48 -29.41
C ASN B 1824 -74.66 7.65 -28.49
N ILE B 1825 -73.38 8.04 -28.39
CA ILE B 1825 -72.99 9.10 -27.48
C ILE B 1825 -73.60 10.44 -27.87
N ALA B 1826 -74.07 10.59 -29.10
CA ALA B 1826 -74.65 11.86 -29.53
C ALA B 1826 -75.81 12.27 -28.63
N GLU B 1827 -76.49 11.29 -28.02
CA GLU B 1827 -77.62 11.59 -27.15
C GLU B 1827 -77.12 11.80 -25.72
N PRO B 1828 -77.39 12.96 -25.10
CA PRO B 1828 -76.97 13.13 -23.70
C PRO B 1828 -77.47 12.04 -22.78
N ASP B 1829 -78.70 11.56 -23.01
CA ASP B 1829 -79.21 10.46 -22.21
C ASP B 1829 -78.33 9.22 -22.35
N THR B 1830 -77.71 9.04 -23.51
CA THR B 1830 -76.79 7.92 -23.67
C THR B 1830 -75.60 8.05 -22.72
N ALA B 1831 -75.04 9.26 -22.62
CA ALA B 1831 -73.96 9.47 -21.67
C ALA B 1831 -74.43 9.25 -20.24
N ASP B 1832 -75.63 9.74 -19.90
CA ASP B 1832 -76.15 9.58 -18.55
C ASP B 1832 -76.29 8.11 -18.20
N ARG B 1833 -76.94 7.34 -19.07
CA ARG B 1833 -77.11 5.92 -18.82
C ARG B 1833 -75.77 5.19 -18.81
N LEU B 1834 -74.83 5.62 -19.65
CA LEU B 1834 -73.50 5.02 -19.64
C LEU B 1834 -72.83 5.18 -18.29
N VAL B 1835 -72.80 6.41 -17.77
CA VAL B 1835 -72.13 6.65 -16.50
C VAL B 1835 -72.85 5.92 -15.38
N SER B 1836 -74.19 5.94 -15.39
CA SER B 1836 -74.93 5.26 -14.33
C SER B 1836 -74.67 3.76 -14.35
N ALA B 1837 -74.66 3.15 -15.55
CA ALA B 1837 -74.41 1.72 -15.64
C ALA B 1837 -72.99 1.39 -15.22
N ALA B 1838 -72.02 2.22 -15.61
CA ALA B 1838 -70.64 1.99 -15.19
C ALA B 1838 -70.53 2.04 -13.67
N THR B 1839 -71.19 3.00 -13.04
CA THR B 1839 -71.21 3.07 -11.59
C THR B 1839 -71.89 1.83 -11.01
N ALA B 1840 -72.96 1.37 -11.64
CA ALA B 1840 -73.74 0.24 -11.13
C ALA B 1840 -72.93 -1.05 -11.10
N THR B 1841 -71.79 -1.09 -11.80
CA THR B 1841 -70.95 -2.27 -11.76
C THR B 1841 -70.50 -2.60 -10.34
N GLY B 1842 -70.51 -1.61 -9.44
CA GLY B 1842 -70.12 -1.80 -8.06
C GLY B 1842 -68.88 -1.05 -7.64
N LEU B 1843 -68.23 -0.32 -8.55
CA LEU B 1843 -67.02 0.42 -8.24
C LEU B 1843 -67.10 1.82 -8.83
N PRO B 1844 -66.43 2.79 -8.22
CA PRO B 1844 -66.54 4.17 -8.70
C PRO B 1844 -65.93 4.35 -10.08
N LEU B 1845 -66.50 5.28 -10.83
CA LEU B 1845 -65.98 5.62 -12.15
C LEU B 1845 -64.85 6.61 -12.03
N ARG B 1846 -63.71 6.30 -12.64
CA ARG B 1846 -62.54 7.16 -12.54
C ARG B 1846 -61.75 7.31 -13.84
N GLY B 1847 -62.27 6.85 -14.97
CA GLY B 1847 -61.54 6.95 -16.22
C GLY B 1847 -62.42 6.96 -17.44
N VAL B 1848 -62.20 7.92 -18.33
CA VAL B 1848 -63.01 8.10 -19.53
C VAL B 1848 -62.11 8.51 -20.68
N LEU B 1849 -62.35 7.90 -21.85
CA LEU B 1849 -61.66 8.24 -23.08
C LEU B 1849 -62.69 8.53 -24.16
N HIS B 1850 -62.22 9.08 -25.27
CA HIS B 1850 -63.13 9.41 -26.38
C HIS B 1850 -62.30 9.55 -27.65
N SER B 1851 -62.46 8.62 -28.58
CA SER B 1851 -61.76 8.67 -29.87
C SER B 1851 -62.71 8.85 -31.04
N ALA B 1852 -63.67 7.95 -31.22
CA ALA B 1852 -64.67 8.02 -32.28
C ALA B 1852 -64.06 8.54 -33.59
N ALA B 1853 -63.04 7.81 -34.06
CA ALA B 1853 -62.31 8.23 -35.25
C ALA B 1853 -63.18 8.06 -36.50
N VAL B 1854 -63.27 9.13 -37.29
CA VAL B 1854 -63.94 9.10 -38.58
C VAL B 1854 -63.02 9.76 -39.61
N VAL B 1855 -62.84 9.08 -40.74
CA VAL B 1855 -61.90 9.51 -41.77
C VAL B 1855 -62.66 10.24 -42.86
N GLU B 1856 -62.23 11.44 -43.19
CA GLU B 1856 -62.85 12.23 -44.25
C GLU B 1856 -61.78 13.07 -44.94
N ASP B 1857 -62.08 13.45 -46.18
CA ASP B 1857 -61.15 14.25 -46.98
C ASP B 1857 -61.94 15.04 -48.01
N ALA B 1858 -61.51 16.28 -48.23
CA ALA B 1858 -62.13 17.16 -49.22
C ALA B 1858 -61.36 18.47 -49.23
N THR B 1859 -61.62 19.28 -50.26
CA THR B 1859 -61.01 20.59 -50.40
C THR B 1859 -62.01 21.67 -49.98
N LEU B 1860 -61.46 22.83 -49.59
CA LEU B 1860 -62.26 23.89 -48.97
C LEU B 1860 -63.62 24.07 -49.64
N THR B 1861 -63.62 24.31 -50.94
CA THR B 1861 -64.89 24.45 -51.65
C THR B 1861 -65.69 23.16 -51.67
N ASN B 1862 -65.02 22.01 -51.53
CA ASN B 1862 -65.69 20.72 -51.61
C ASN B 1862 -66.23 20.23 -50.26
N ILE B 1863 -65.78 20.81 -49.15
CA ILE B 1863 -66.29 20.37 -47.85
C ILE B 1863 -67.79 20.59 -47.80
N THR B 1864 -68.54 19.51 -47.71
CA THR B 1864 -69.99 19.60 -47.61
C THR B 1864 -70.40 20.07 -46.22
N ASP B 1865 -71.53 20.78 -46.18
CA ASP B 1865 -72.04 21.25 -44.88
C ASP B 1865 -72.39 20.09 -43.97
N GLU B 1866 -72.96 19.01 -44.53
CA GLU B 1866 -73.33 17.85 -43.73
C GLU B 1866 -72.14 17.18 -43.08
N LEU B 1867 -70.91 17.44 -43.54
CA LEU B 1867 -69.74 16.87 -42.89
C LEU B 1867 -69.71 17.25 -41.42
N ILE B 1868 -70.17 18.46 -41.10
CA ILE B 1868 -70.22 18.88 -39.71
C ILE B 1868 -71.11 17.94 -38.91
N ASP B 1869 -72.22 17.50 -39.49
CA ASP B 1869 -73.15 16.64 -38.77
C ASP B 1869 -72.47 15.36 -38.31
N ARG B 1870 -71.80 14.66 -39.23
CA ARG B 1870 -71.13 13.42 -38.88
C ARG B 1870 -69.78 13.64 -38.21
N ASP B 1871 -69.23 14.85 -38.29
CA ASP B 1871 -68.00 15.18 -37.58
C ASP B 1871 -68.28 15.75 -36.19
N TRP B 1872 -69.14 16.77 -36.13
CA TRP B 1872 -69.43 17.42 -34.85
C TRP B 1872 -70.10 16.46 -33.88
N SER B 1873 -71.17 15.80 -34.30
CA SER B 1873 -71.97 15.02 -33.36
C SER B 1873 -71.15 14.00 -32.58
N PRO B 1874 -70.32 13.16 -33.19
CA PRO B 1874 -69.57 12.18 -32.39
C PRO B 1874 -68.48 12.82 -31.54
N LYS B 1875 -67.64 13.65 -32.16
CA LYS B 1875 -66.39 14.05 -31.53
C LYS B 1875 -66.62 15.01 -30.38
N VAL B 1876 -67.50 16.00 -30.57
CA VAL B 1876 -67.62 17.12 -29.64
C VAL B 1876 -68.91 17.04 -28.84
N PHE B 1877 -70.03 16.73 -29.51
CA PHE B 1877 -71.30 16.62 -28.80
C PHE B 1877 -71.23 15.56 -27.71
N GLY B 1878 -70.66 14.40 -28.04
CA GLY B 1878 -70.52 13.35 -27.04
C GLY B 1878 -69.63 13.75 -25.88
N SER B 1879 -68.53 14.43 -26.16
CA SER B 1879 -67.64 14.87 -25.10
C SER B 1879 -68.35 15.86 -24.17
N TRP B 1880 -69.10 16.80 -24.74
CA TRP B 1880 -69.84 17.73 -23.90
C TRP B 1880 -70.89 17.01 -23.08
N ASN B 1881 -71.57 16.03 -23.66
CA ASN B 1881 -72.53 15.24 -22.90
C ASN B 1881 -71.83 14.54 -21.73
N LEU B 1882 -70.65 13.98 -21.99
CA LEU B 1882 -69.90 13.30 -20.94
C LEU B 1882 -69.56 14.27 -19.81
N HIS B 1883 -69.06 15.45 -20.16
CA HIS B 1883 -68.71 16.43 -19.14
C HIS B 1883 -69.93 16.83 -18.33
N ARG B 1884 -71.01 17.21 -19.02
CA ARG B 1884 -72.26 17.52 -18.33
C ARG B 1884 -72.75 16.32 -17.55
N ALA B 1885 -72.56 15.12 -18.09
CA ALA B 1885 -72.96 13.88 -17.45
C ALA B 1885 -71.86 13.30 -16.57
N THR B 1886 -70.95 14.14 -16.07
CA THR B 1886 -69.87 13.65 -15.24
C THR B 1886 -70.41 13.27 -13.87
N LEU B 1887 -71.27 12.24 -13.83
CA LEU B 1887 -71.86 11.80 -12.58
C LEU B 1887 -70.86 11.05 -11.71
N GLY B 1888 -69.90 10.37 -12.32
CA GLY B 1888 -68.79 9.80 -11.56
C GLY B 1888 -67.78 10.89 -11.23
N GLN B 1889 -68.24 11.92 -10.51
CA GLN B 1889 -67.42 13.09 -10.23
C GLN B 1889 -66.06 12.76 -9.63
N PRO B 1890 -65.94 11.86 -8.65
CA PRO B 1890 -64.60 11.52 -8.15
C PRO B 1890 -63.83 10.64 -9.13
N LEU B 1891 -63.27 11.26 -10.17
CA LEU B 1891 -62.53 10.55 -11.19
C LEU B 1891 -61.09 11.06 -11.26
N ASP B 1892 -60.22 10.22 -11.78
CA ASP B 1892 -58.79 10.49 -11.77
C ASP B 1892 -58.35 11.34 -12.96
N TRP B 1893 -58.73 10.94 -14.18
CA TRP B 1893 -58.25 11.60 -15.38
C TRP B 1893 -59.32 11.61 -16.45
N PHE B 1894 -59.29 12.65 -17.27
CA PHE B 1894 -60.17 12.81 -18.41
C PHE B 1894 -59.31 13.08 -19.64
N CYS B 1895 -59.57 12.35 -20.73
CA CYS B 1895 -58.75 12.47 -21.91
C CYS B 1895 -59.63 12.55 -23.15
N LEU B 1896 -59.37 13.56 -23.98
CA LEU B 1896 -60.03 13.72 -25.26
C LEU B 1896 -58.98 13.74 -26.35
N PHE B 1897 -59.27 13.08 -27.46
CA PHE B 1897 -58.31 12.91 -28.55
C PHE B 1897 -58.63 13.90 -29.67
N SER B 1898 -57.60 14.62 -30.11
CA SER B 1898 -57.68 15.48 -31.28
C SER B 1898 -56.69 14.98 -32.32
N SER B 1899 -57.03 15.16 -33.59
CA SER B 1899 -56.14 14.74 -34.66
C SER B 1899 -54.95 15.67 -34.75
N GLY B 1900 -54.07 15.39 -35.73
CA GLY B 1900 -52.97 16.30 -36.00
C GLY B 1900 -53.40 17.63 -36.56
N ALA B 1901 -54.69 17.77 -36.92
CA ALA B 1901 -55.16 18.97 -37.59
C ALA B 1901 -54.77 20.23 -36.83
N ALA B 1902 -54.98 20.23 -35.51
CA ALA B 1902 -54.78 21.45 -34.73
C ALA B 1902 -53.39 22.03 -34.93
N LEU B 1903 -52.40 21.16 -35.17
CA LEU B 1903 -51.01 21.60 -35.32
C LEU B 1903 -50.57 21.65 -36.78
N LEU B 1904 -50.67 20.53 -37.50
CA LEU B 1904 -50.20 20.51 -38.88
C LEU B 1904 -51.20 21.16 -39.83
N GLY B 1905 -52.49 21.11 -39.53
CA GLY B 1905 -53.48 21.71 -40.43
C GLY B 1905 -53.58 21.03 -41.77
N SER B 1906 -53.70 19.71 -41.79
CA SER B 1906 -53.71 18.97 -43.03
C SER B 1906 -54.92 19.37 -43.88
N PRO B 1907 -54.75 19.54 -45.19
CA PRO B 1907 -55.92 19.86 -46.02
C PRO B 1907 -57.03 18.83 -45.93
N GLY B 1908 -56.66 17.55 -45.80
CA GLY B 1908 -57.66 16.50 -45.78
C GLY B 1908 -58.57 16.53 -44.57
N GLN B 1909 -58.13 17.15 -43.47
CA GLN B 1909 -58.95 17.16 -42.25
C GLN B 1909 -60.14 18.10 -42.41
N GLY B 1910 -59.92 19.29 -42.96
CA GLY B 1910 -61.03 20.19 -43.21
C GLY B 1910 -61.77 20.53 -41.94
N ALA B 1911 -63.09 20.36 -41.98
CA ALA B 1911 -63.93 20.68 -40.83
C ALA B 1911 -63.51 19.92 -39.57
N TYR B 1912 -62.87 18.76 -39.73
CA TYR B 1912 -62.38 18.04 -38.57
C TYR B 1912 -61.46 18.92 -37.72
N ALA B 1913 -60.67 19.78 -38.38
CA ALA B 1913 -59.83 20.71 -37.64
C ALA B 1913 -60.66 21.65 -36.78
N ALA B 1914 -61.71 22.21 -37.38
CA ALA B 1914 -62.57 23.12 -36.62
C ALA B 1914 -63.21 22.41 -35.45
N ALA B 1915 -63.68 21.18 -35.66
CA ALA B 1915 -64.29 20.43 -34.57
C ALA B 1915 -63.30 20.17 -33.45
N ASN B 1916 -62.09 19.73 -33.80
CA ASN B 1916 -61.10 19.40 -32.78
C ASN B 1916 -60.59 20.65 -32.06
N SER B 1917 -60.66 21.82 -32.70
CA SER B 1917 -60.28 23.04 -32.02
C SER B 1917 -61.16 23.28 -30.80
N TRP B 1918 -62.45 22.94 -30.90
CA TRP B 1918 -63.33 23.15 -29.75
C TRP B 1918 -62.97 22.20 -28.63
N VAL B 1919 -62.54 20.98 -28.94
CA VAL B 1919 -62.04 20.08 -27.90
C VAL B 1919 -60.79 20.68 -27.25
N ASP B 1920 -59.89 21.21 -28.08
CA ASP B 1920 -58.74 21.94 -27.57
C ASP B 1920 -59.16 22.92 -26.47
N VAL B 1921 -60.04 23.86 -26.84
CA VAL B 1921 -60.43 24.88 -25.88
C VAL B 1921 -61.21 24.30 -24.71
N PHE B 1922 -62.03 23.28 -24.96
CA PHE B 1922 -62.84 22.67 -23.91
C PHE B 1922 -61.99 22.07 -22.82
N ALA B 1923 -60.92 21.37 -23.20
CA ALA B 1923 -60.04 20.77 -22.20
C ALA B 1923 -59.48 21.84 -21.27
N HIS B 1924 -59.01 22.95 -21.85
CA HIS B 1924 -58.40 23.99 -21.04
C HIS B 1924 -59.44 24.66 -20.14
N TRP B 1925 -60.65 24.88 -20.67
CA TRP B 1925 -61.70 25.46 -19.84
C TRP B 1925 -62.04 24.55 -18.67
N ARG B 1926 -62.12 23.24 -18.93
CA ARG B 1926 -62.40 22.30 -17.86
C ARG B 1926 -61.29 22.33 -16.81
N ARG B 1927 -60.03 22.37 -17.26
CA ARG B 1927 -58.94 22.47 -16.31
C ARG B 1927 -59.10 23.71 -15.45
N ALA B 1928 -59.46 24.83 -16.07
CA ALA B 1928 -59.71 26.04 -15.29
C ALA B 1928 -60.84 25.82 -14.29
N GLN B 1929 -61.87 25.06 -14.70
CA GLN B 1929 -62.99 24.82 -13.80
C GLN B 1929 -62.54 24.11 -12.53
N GLY B 1930 -61.64 23.13 -12.66
CA GLY B 1930 -61.13 22.43 -11.51
C GLY B 1930 -61.02 20.92 -11.72
N LEU B 1931 -61.90 20.37 -12.55
CA LEU B 1931 -61.87 18.94 -12.79
C LEU B 1931 -60.61 18.56 -13.55
N PRO B 1932 -60.14 17.32 -13.41
CA PRO B 1932 -58.94 16.89 -14.13
C PRO B 1932 -59.26 16.55 -15.58
N VAL B 1933 -58.30 16.85 -16.45
CA VAL B 1933 -58.46 16.56 -17.87
C VAL B 1933 -57.12 16.65 -18.56
N SER B 1934 -56.91 15.85 -19.60
CA SER B 1934 -55.71 15.94 -20.41
C SER B 1934 -56.08 15.55 -21.85
N ALA B 1935 -56.40 16.56 -22.64
CA ALA B 1935 -56.66 16.34 -24.06
C ALA B 1935 -55.35 16.43 -24.82
N ILE B 1936 -55.18 15.56 -25.82
CA ILE B 1936 -53.94 15.49 -26.58
C ILE B 1936 -54.26 15.40 -28.07
N ALA B 1937 -53.27 15.73 -28.88
CA ALA B 1937 -53.33 15.55 -30.32
C ALA B 1937 -52.79 14.18 -30.67
N TRP B 1938 -53.06 13.75 -31.91
CA TRP B 1938 -52.67 12.43 -32.34
C TRP B 1938 -52.60 12.38 -33.85
N GLY B 1939 -52.00 11.31 -34.37
CA GLY B 1939 -51.90 11.09 -35.79
C GLY B 1939 -51.47 9.67 -36.12
N ALA B 1940 -50.59 9.53 -37.11
CA ALA B 1940 -50.04 8.23 -37.49
C ALA B 1940 -48.55 8.40 -37.74
N TRP B 1941 -47.81 7.31 -37.57
CA TRP B 1941 -46.36 7.34 -37.74
C TRP B 1941 -46.03 7.90 -39.11
N GLY B 1942 -45.24 8.97 -39.13
CA GLY B 1942 -44.72 9.55 -40.36
C GLY B 1942 -43.25 9.21 -40.50
N GLU B 1943 -42.85 8.86 -41.71
CA GLU B 1943 -41.48 8.44 -41.97
C GLU B 1943 -41.13 8.67 -43.43
N VAL B 1944 -39.85 8.94 -43.68
CA VAL B 1944 -39.36 9.01 -45.06
C VAL B 1944 -39.39 7.64 -45.70
N GLY B 1945 -39.08 6.60 -44.94
CA GLY B 1945 -39.11 5.24 -45.43
C GLY B 1945 -39.84 4.30 -44.49
N ARG B 1946 -40.75 3.51 -45.05
CA ARG B 1946 -41.54 2.60 -44.23
C ARG B 1946 -40.66 1.52 -43.60
N ALA B 1947 -39.69 1.03 -44.35
CA ALA B 1947 -38.84 -0.07 -43.89
C ALA B 1947 -38.02 0.31 -42.66
N THR B 1948 -37.56 1.56 -42.61
CA THR B 1948 -36.76 2.06 -41.50
C THR B 1948 -35.41 1.35 -41.42
N PHE B 1949 -35.40 0.10 -40.97
CA PHE B 1949 -34.18 -0.69 -40.86
C PHE B 1949 -34.18 -1.87 -41.82
N LEU B 1950 -35.17 -2.76 -41.72
CA LEU B 1950 -35.35 -3.85 -42.66
C LEU B 1950 -36.73 -3.84 -43.29
N ALA B 1951 -37.79 -3.74 -42.47
CA ALA B 1951 -39.16 -3.73 -42.94
C ALA B 1951 -40.07 -3.37 -41.77
N GLU B 1952 -41.16 -2.68 -42.08
CA GLU B 1952 -42.08 -2.20 -41.05
C GLU B 1952 -43.38 -1.79 -41.73
N GLY B 1953 -44.37 -1.43 -40.92
CA GLY B 1953 -45.62 -0.93 -41.42
C GLY B 1953 -46.59 -1.97 -41.94
N GLY B 1954 -46.23 -3.24 -41.88
CA GLY B 1954 -47.09 -4.30 -42.37
C GLY B 1954 -48.19 -4.73 -41.43
N GLU B 1955 -48.26 -4.16 -40.23
CA GLU B 1955 -49.25 -4.53 -39.24
C GLU B 1955 -50.44 -3.59 -39.31
N ILE B 1956 -51.62 -4.12 -38.98
CA ILE B 1956 -52.86 -3.33 -39.09
C ILE B 1956 -52.96 -2.23 -38.05
N MET B 1957 -52.00 -2.14 -37.14
CA MET B 1957 -51.97 -1.08 -36.14
C MET B 1957 -51.08 0.07 -36.62
N ILE B 1958 -51.24 1.22 -35.98
CA ILE B 1958 -50.40 2.38 -36.24
C ILE B 1958 -49.75 2.82 -34.93
N THR B 1959 -48.42 2.77 -34.90
CA THR B 1959 -47.64 3.21 -33.75
C THR B 1959 -47.98 2.50 -32.44
N PRO B 1960 -48.03 1.16 -32.40
CA PRO B 1960 -48.19 0.47 -31.13
C PRO B 1960 -47.14 0.77 -30.08
N GLU B 1961 -47.59 0.79 -28.84
CA GLU B 1961 -46.78 0.88 -27.63
C GLU B 1961 -46.20 2.27 -27.43
N GLU B 1962 -46.12 3.05 -28.51
CA GLU B 1962 -45.72 4.45 -28.36
C GLU B 1962 -46.89 5.27 -27.89
N GLY B 1963 -48.07 5.07 -28.49
CA GLY B 1963 -49.27 5.63 -27.93
C GLY B 1963 -49.51 5.15 -26.51
N ALA B 1964 -49.21 3.89 -26.23
CA ALA B 1964 -49.41 3.38 -24.87
C ALA B 1964 -48.56 4.15 -23.87
N TYR B 1965 -47.25 4.22 -24.10
CA TYR B 1965 -46.39 4.90 -23.14
C TYR B 1965 -46.67 6.38 -23.09
N ALA B 1966 -46.99 6.99 -24.23
CA ALA B 1966 -47.33 8.40 -24.25
C ALA B 1966 -48.57 8.68 -23.43
N PHE B 1967 -49.60 7.85 -23.58
CA PHE B 1967 -50.80 8.00 -22.76
C PHE B 1967 -50.48 7.83 -21.29
N GLU B 1968 -49.69 6.81 -20.96
CA GLU B 1968 -49.31 6.60 -19.57
C GLU B 1968 -48.67 7.85 -18.99
N THR B 1969 -47.66 8.39 -19.66
CA THR B 1969 -46.97 9.56 -19.13
C THR B 1969 -47.90 10.77 -19.09
N LEU B 1970 -48.66 11.00 -20.16
CA LEU B 1970 -49.47 12.21 -20.25
C LEU B 1970 -50.55 12.23 -19.16
N VAL B 1971 -51.28 11.12 -19.02
CA VAL B 1971 -52.38 11.10 -18.05
C VAL B 1971 -51.85 11.38 -16.65
N ARG B 1972 -50.63 10.96 -16.37
CA ARG B 1972 -50.05 11.16 -15.04
C ARG B 1972 -49.79 12.62 -14.72
N HIS B 1973 -49.82 13.50 -15.72
CA HIS B 1973 -49.50 14.92 -15.52
C HIS B 1973 -50.74 15.77 -15.68
N ASP B 1974 -50.62 17.02 -15.25
CA ASP B 1974 -51.75 17.94 -15.24
C ASP B 1974 -51.85 18.79 -16.49
N ARG B 1975 -50.92 18.67 -17.43
CA ARG B 1975 -50.95 19.51 -18.61
C ARG B 1975 -52.28 19.35 -19.34
N ALA B 1976 -52.88 20.48 -19.72
CA ALA B 1976 -54.20 20.44 -20.32
C ALA B 1976 -54.16 19.94 -21.76
N TYR B 1977 -53.19 20.40 -22.55
CA TYR B 1977 -53.13 20.07 -23.97
C TYR B 1977 -51.69 19.94 -24.43
N SER B 1978 -51.46 19.00 -25.33
CA SER B 1978 -50.14 18.75 -25.89
C SER B 1978 -50.27 17.75 -27.02
N GLY B 1979 -49.37 17.86 -28.00
CA GLY B 1979 -49.38 17.00 -29.16
C GLY B 1979 -48.24 15.99 -29.11
N TYR B 1980 -48.56 14.74 -29.46
CA TYR B 1980 -47.59 13.65 -29.46
C TYR B 1980 -47.21 13.23 -30.88
N ILE B 1981 -47.53 14.06 -31.88
CA ILE B 1981 -47.29 13.72 -33.27
C ILE B 1981 -45.79 13.53 -33.50
N PRO B 1982 -45.36 12.61 -34.36
CA PRO B 1982 -43.93 12.46 -34.63
C PRO B 1982 -43.38 13.70 -35.32
N ILE B 1983 -42.10 13.97 -35.05
CA ILE B 1983 -41.44 15.18 -35.50
C ILE B 1983 -40.04 14.85 -36.00
N LEU B 1984 -39.49 15.73 -36.83
CA LEU B 1984 -38.15 15.67 -37.40
C LEU B 1984 -37.98 14.53 -38.40
N GLY B 1985 -39.01 13.74 -38.67
CA GLY B 1985 -38.92 12.70 -39.68
C GLY B 1985 -40.04 12.77 -40.69
N ALA B 1986 -41.12 13.45 -40.35
CA ALA B 1986 -42.28 13.52 -41.22
C ALA B 1986 -41.96 14.39 -42.44
N PRO B 1987 -42.21 13.90 -43.67
CA PRO B 1987 -41.89 14.73 -44.84
C PRO B 1987 -42.57 16.09 -44.81
N TRP B 1988 -43.79 16.18 -44.28
CA TRP B 1988 -44.47 17.47 -44.24
C TRP B 1988 -43.72 18.50 -43.43
N LEU B 1989 -42.81 18.07 -42.55
CA LEU B 1989 -42.03 19.04 -41.78
C LEU B 1989 -41.16 19.88 -42.69
N ALA B 1990 -40.66 19.30 -43.78
CA ALA B 1990 -39.88 20.08 -44.73
C ALA B 1990 -40.70 21.20 -45.32
N ASP B 1991 -41.94 20.89 -45.73
CA ASP B 1991 -42.82 21.93 -46.26
C ASP B 1991 -43.13 22.98 -45.20
N LEU B 1992 -43.37 22.53 -43.96
CA LEU B 1992 -43.64 23.48 -42.89
C LEU B 1992 -42.46 24.43 -42.67
N VAL B 1993 -41.25 23.88 -42.69
CA VAL B 1993 -40.06 24.71 -42.53
C VAL B 1993 -39.93 25.68 -43.69
N ARG B 1994 -40.15 25.20 -44.91
CA ARG B 1994 -40.08 26.08 -46.07
C ARG B 1994 -41.06 27.25 -45.94
N ARG B 1995 -42.29 26.94 -45.51
CA ARG B 1995 -43.25 28.00 -45.21
C ARG B 1995 -42.84 28.77 -43.95
N SER B 1996 -42.19 28.10 -43.01
CA SER B 1996 -41.70 28.71 -41.78
C SER B 1996 -42.78 29.54 -41.07
N PRO B 1997 -43.88 28.92 -40.66
CA PRO B 1997 -44.86 29.65 -39.83
C PRO B 1997 -44.31 30.00 -38.46
N TRP B 1998 -43.76 29.02 -37.77
CA TRP B 1998 -43.30 29.20 -36.40
C TRP B 1998 -41.91 28.61 -36.22
N GLY B 1999 -41.01 29.38 -35.61
CA GLY B 1999 -39.77 28.86 -35.05
C GLY B 1999 -39.09 27.79 -35.85
N GLU B 2000 -38.85 26.64 -35.21
CA GLU B 2000 -38.16 25.53 -35.85
C GLU B 2000 -38.99 24.25 -35.74
#